data_2MD3
# 
_entry.id   2MD3 
# 
_audit_conform.dict_name       mmcif_pdbx.dic 
_audit_conform.dict_version    5.392 
_audit_conform.dict_location   http://mmcif.pdb.org/dictionaries/ascii/mmcif_pdbx.dic 
# 
loop_
_database_2.database_id 
_database_2.database_code 
_database_2.pdbx_database_accession 
_database_2.pdbx_DOI 
PDB   2MD3         pdb_00002md3 10.2210/pdb2md3/pdb 
RCSB  RCSB103493   ?            ?                   
BMRB  19470        ?            10.13018/BMR19470   
WWPDB D_1000103493 ?            ?                   
# 
loop_
_pdbx_audit_revision_history.ordinal 
_pdbx_audit_revision_history.data_content_type 
_pdbx_audit_revision_history.major_revision 
_pdbx_audit_revision_history.minor_revision 
_pdbx_audit_revision_history.revision_date 
1 'Structure model' 1 0 2013-09-25 
2 'Structure model' 1 1 2015-09-02 
3 'Structure model' 1 2 2023-06-14 
4 'Structure model' 1 3 2024-05-15 
# 
_pdbx_audit_revision_details.ordinal             1 
_pdbx_audit_revision_details.revision_ordinal    1 
_pdbx_audit_revision_details.data_content_type   'Structure model' 
_pdbx_audit_revision_details.provider            repository 
_pdbx_audit_revision_details.type                'Initial release' 
_pdbx_audit_revision_details.description         ? 
_pdbx_audit_revision_details.details             ? 
# 
loop_
_pdbx_audit_revision_group.ordinal 
_pdbx_audit_revision_group.revision_ordinal 
_pdbx_audit_revision_group.data_content_type 
_pdbx_audit_revision_group.group 
1 2 'Structure model' 'Database references' 
2 3 'Structure model' 'Data collection'     
3 3 'Structure model' 'Database references' 
4 3 'Structure model' Other                 
5 4 'Structure model' 'Data collection'     
6 4 'Structure model' 'Database references' 
# 
loop_
_pdbx_audit_revision_category.ordinal 
_pdbx_audit_revision_category.revision_ordinal 
_pdbx_audit_revision_category.data_content_type 
_pdbx_audit_revision_category.category 
1 3 'Structure model' database_2            
2 3 'Structure model' pdbx_database_status  
3 3 'Structure model' pdbx_nmr_spectrometer 
4 4 'Structure model' chem_comp_atom        
5 4 'Structure model' chem_comp_bond        
6 4 'Structure model' database_2            
# 
loop_
_pdbx_audit_revision_item.ordinal 
_pdbx_audit_revision_item.revision_ordinal 
_pdbx_audit_revision_item.data_content_type 
_pdbx_audit_revision_item.item 
1 3 'Structure model' '_database_2.pdbx_DOI'                       
2 3 'Structure model' '_database_2.pdbx_database_accession'        
3 3 'Structure model' '_pdbx_database_status.status_code_nmr_data' 
4 3 'Structure model' '_pdbx_nmr_spectrometer.model'               
5 4 'Structure model' '_database_2.pdbx_DOI'                       
# 
_pdbx_database_status.deposit_site                    BMRB 
_pdbx_database_status.entry_id                        2MD3 
_pdbx_database_status.methods_development_category    ? 
_pdbx_database_status.process_site                    PDBJ 
_pdbx_database_status.recvd_initial_deposition_date   2013-08-29 
_pdbx_database_status.SG_entry                        ? 
_pdbx_database_status.status_code                     REL 
_pdbx_database_status.status_code_mr                  REL 
_pdbx_database_status.status_code_sf                  ? 
_pdbx_database_status.status_code_cs                  REL 
_pdbx_database_status.pdb_format_compatible           Y 
_pdbx_database_status.status_code_nmr_data            REL 
# 
loop_
_pdbx_database_related.db_name 
_pdbx_database_related.db_id 
_pdbx_database_related.content_type 
_pdbx_database_related.details 
BMRB 19470 unspecified . 
PDB  2MD1  unspecified . 
PDB  2MD2  unspecified . 
PDB  2MD4  unspecified . 
# 
loop_
_audit_author.name 
_audit_author.pdbx_ordinal 
'Bhunia, A.'     1 
'Chatterjee, S.' 2 
'Ghosh, A.'      3 
'Jana, J.'       4 
# 
_citation.id                        primary 
_citation.title                     
'Sequence context induced antimicrobial activity: insight into lipopolysaccharide permeabilization.' 
_citation.journal_abbrev            'Mol Biosyst' 
_citation.journal_volume            10 
_citation.page_first                1596 
_citation.page_last                 1612 
_citation.year                      2014 
_citation.journal_id_ASTM           ? 
_citation.country                   UK 
_citation.journal_id_ISSN           1742-206X 
_citation.journal_id_CSD            ? 
_citation.book_publisher            ? 
_citation.pdbx_database_id_PubMed   24714742 
_citation.pdbx_database_id_DOI      10.1039/c4mb00111g 
# 
loop_
_citation_author.citation_id 
_citation_author.name 
_citation_author.ordinal 
_citation_author.identifier_ORCID 
primary 'Ghosh, A.'      1 ? 
primary 'Datta, A.'      2 ? 
primary 'Jana, J.'       3 ? 
primary 'Kar, R.K.'      4 ? 
primary 'Chatterjee, C.' 5 ? 
primary 'Chatterjee, S.' 6 ? 
primary 'Bhunia, A.'     7 ? 
# 
_entity.id                         1 
_entity.type                       polymer 
_entity.src_method                 syn 
_entity.pdbx_description           Lactotransferrin 
_entity.formula_weight             968.155 
_entity.pdbx_number_of_molecules   1 
_entity.pdbx_ec                    3.4.21.- 
_entity.pdbx_mutation              ? 
_entity.pdbx_fragment              ? 
_entity.details                    ? 
# 
_entity_name_com.entity_id   1 
_entity_name_com.name        'Lactoferrin, Lactoferricin-B, Lfcin-B' 
# 
_entity_poly.entity_id                      1 
_entity_poly.type                           'polypeptide(L)' 
_entity_poly.nstd_linkage                   no 
_entity_poly.nstd_monomer                   no 
_entity_poly.pdbx_seq_one_letter_code       KFGKNKSR 
_entity_poly.pdbx_seq_one_letter_code_can   KFGKNKSR 
_entity_poly.pdbx_strand_id                 A 
_entity_poly.pdbx_target_identifier         ? 
# 
loop_
_entity_poly_seq.entity_id 
_entity_poly_seq.num 
_entity_poly_seq.mon_id 
_entity_poly_seq.hetero 
1 1 LYS n 
1 2 PHE n 
1 3 GLY n 
1 4 LYS n 
1 5 ASN n 
1 6 LYS n 
1 7 SER n 
1 8 ARG n 
# 
_pdbx_entity_src_syn.entity_id              1 
_pdbx_entity_src_syn.pdbx_src_id            1 
_pdbx_entity_src_syn.pdbx_alt_source_flag   sample 
_pdbx_entity_src_syn.pdbx_beg_seq_num       ? 
_pdbx_entity_src_syn.pdbx_end_seq_num       ? 
_pdbx_entity_src_syn.organism_scientific    'Bos taurus' 
_pdbx_entity_src_syn.organism_common_name   bovine 
_pdbx_entity_src_syn.ncbi_taxonomy_id       9913 
_pdbx_entity_src_syn.details                'The peptide was chemically synthesized.' 
# 
loop_
_chem_comp.id 
_chem_comp.type 
_chem_comp.mon_nstd_flag 
_chem_comp.name 
_chem_comp.pdbx_synonyms 
_chem_comp.formula 
_chem_comp.formula_weight 
ARG 'L-peptide linking' y ARGININE      ? 'C6 H15 N4 O2 1' 175.209 
ASN 'L-peptide linking' y ASPARAGINE    ? 'C4 H8 N2 O3'    132.118 
GLY 'peptide linking'   y GLYCINE       ? 'C2 H5 N O2'     75.067  
LYS 'L-peptide linking' y LYSINE        ? 'C6 H15 N2 O2 1' 147.195 
PHE 'L-peptide linking' y PHENYLALANINE ? 'C9 H11 N O2'    165.189 
SER 'L-peptide linking' y SERINE        ? 'C3 H7 N O3'     105.093 
# 
loop_
_pdbx_poly_seq_scheme.asym_id 
_pdbx_poly_seq_scheme.entity_id 
_pdbx_poly_seq_scheme.seq_id 
_pdbx_poly_seq_scheme.mon_id 
_pdbx_poly_seq_scheme.ndb_seq_num 
_pdbx_poly_seq_scheme.pdb_seq_num 
_pdbx_poly_seq_scheme.auth_seq_num 
_pdbx_poly_seq_scheme.pdb_mon_id 
_pdbx_poly_seq_scheme.auth_mon_id 
_pdbx_poly_seq_scheme.pdb_strand_id 
_pdbx_poly_seq_scheme.pdb_ins_code 
_pdbx_poly_seq_scheme.hetero 
A 1 1 LYS 1 1 1 LYS LYS A . n 
A 1 2 PHE 2 2 2 PHE PHE A . n 
A 1 3 GLY 3 3 3 GLY GLY A . n 
A 1 4 LYS 4 4 4 LYS LYS A . n 
A 1 5 ASN 5 5 5 ASN ASN A . n 
A 1 6 LYS 6 6 6 LYS LYS A . n 
A 1 7 SER 7 7 7 SER SER A . n 
A 1 8 ARG 8 8 8 ARG ARG A . n 
# 
_exptl.absorpt_coefficient_mu     ? 
_exptl.absorpt_correction_T_max   ? 
_exptl.absorpt_correction_T_min   ? 
_exptl.absorpt_correction_type    ? 
_exptl.absorpt_process_details    ? 
_exptl.crystals_number            ? 
_exptl.details                    ? 
_exptl.entry_id                   2MD3 
_exptl.method                     'SOLUTION NMR' 
_exptl.method_details             ? 
# 
_struct.entry_id                  2MD3 
_struct.title                     
'Fragment based approach and binding behavior of LFampinB with Lipopolysaccharide:biophysical aspects' 
_struct.pdbx_model_details        'lowest energy, model1' 
_struct.pdbx_CASP_flag            ? 
_struct.pdbx_model_type_details   ? 
# 
_struct_keywords.entry_id        2MD3 
_struct_keywords.pdbx_keywords   'ANTIMICROBIAL PROTEIN' 
_struct_keywords.text            'ANTIMICROBIAL PROTEIN' 
# 
_struct_asym.id                            A 
_struct_asym.pdbx_blank_PDB_chainid_flag   N 
_struct_asym.pdbx_modified                 N 
_struct_asym.entity_id                     1 
_struct_asym.details                       ? 
# 
_struct_ref.id                         1 
_struct_ref.db_name                    UNP 
_struct_ref.db_code                    TRFL_BOVIN 
_struct_ref.pdbx_db_accession          P24627 
_struct_ref.entity_id                  1 
_struct_ref.pdbx_seq_one_letter_code   KFGKNKSR 
_struct_ref.pdbx_align_begin           296 
_struct_ref.pdbx_db_isoform            ? 
# 
_struct_ref_seq.align_id                      1 
_struct_ref_seq.ref_id                        1 
_struct_ref_seq.pdbx_PDB_id_code              2MD3 
_struct_ref_seq.pdbx_strand_id                A 
_struct_ref_seq.seq_align_beg                 1 
_struct_ref_seq.pdbx_seq_align_beg_ins_code   ? 
_struct_ref_seq.seq_align_end                 8 
_struct_ref_seq.pdbx_seq_align_end_ins_code   ? 
_struct_ref_seq.pdbx_db_accession             P24627 
_struct_ref_seq.db_align_beg                  296 
_struct_ref_seq.pdbx_db_align_beg_ins_code    ? 
_struct_ref_seq.db_align_end                  303 
_struct_ref_seq.pdbx_db_align_end_ins_code    ? 
_struct_ref_seq.pdbx_auth_seq_align_beg       1 
_struct_ref_seq.pdbx_auth_seq_align_end       8 
# 
_pdbx_struct_assembly.id                   1 
_pdbx_struct_assembly.details              author_defined_assembly 
_pdbx_struct_assembly.method_details       ? 
_pdbx_struct_assembly.oligomeric_details   monomeric 
_pdbx_struct_assembly.oligomeric_count     1 
# 
_pdbx_struct_assembly_gen.assembly_id       1 
_pdbx_struct_assembly_gen.oper_expression   1 
_pdbx_struct_assembly_gen.asym_id_list      A 
# 
_pdbx_struct_oper_list.id                   1 
_pdbx_struct_oper_list.type                 'identity operation' 
_pdbx_struct_oper_list.name                 1_555 
_pdbx_struct_oper_list.symmetry_operation   x,y,z 
_pdbx_struct_oper_list.matrix[1][1]         1.0000000000 
_pdbx_struct_oper_list.matrix[1][2]         0.0000000000 
_pdbx_struct_oper_list.matrix[1][3]         0.0000000000 
_pdbx_struct_oper_list.vector[1]            0.0000000000 
_pdbx_struct_oper_list.matrix[2][1]         0.0000000000 
_pdbx_struct_oper_list.matrix[2][2]         1.0000000000 
_pdbx_struct_oper_list.matrix[2][3]         0.0000000000 
_pdbx_struct_oper_list.vector[2]            0.0000000000 
_pdbx_struct_oper_list.matrix[3][1]         0.0000000000 
_pdbx_struct_oper_list.matrix[3][2]         0.0000000000 
_pdbx_struct_oper_list.matrix[3][3]         1.0000000000 
_pdbx_struct_oper_list.vector[3]            0.0000000000 
# 
_struct_biol.id        1 
_struct_biol.details   ? 
# 
loop_
_pdbx_validate_torsion.id 
_pdbx_validate_torsion.PDB_model_num 
_pdbx_validate_torsion.auth_comp_id 
_pdbx_validate_torsion.auth_asym_id 
_pdbx_validate_torsion.auth_seq_id 
_pdbx_validate_torsion.PDB_ins_code 
_pdbx_validate_torsion.label_alt_id 
_pdbx_validate_torsion.phi 
_pdbx_validate_torsion.psi 
1 1  SER A 7 ? ? -95.05  -67.08 
2 6  SER A 7 ? ? -92.36  -72.29 
3 10 SER A 7 ? ? -106.49 -61.53 
# 
_pdbx_nmr_ensemble.average_constraint_violations_per_residue     ? 
_pdbx_nmr_ensemble.average_constraints_per_residue               ? 
_pdbx_nmr_ensemble.average_distance_constraint_violation         ? 
_pdbx_nmr_ensemble.average_torsion_angle_constraint_violation    ? 
_pdbx_nmr_ensemble.conformer_selection_criteria                  'structures with the lowest energy' 
_pdbx_nmr_ensemble.conformers_calculated_total_number            100 
_pdbx_nmr_ensemble.conformers_submitted_total_number             10 
_pdbx_nmr_ensemble.distance_constraint_violation_method          ? 
_pdbx_nmr_ensemble.entry_id                                      2MD3 
_pdbx_nmr_ensemble.maximum_distance_constraint_violation         ? 
_pdbx_nmr_ensemble.maximum_lower_distance_constraint_violation   ? 
_pdbx_nmr_ensemble.maximum_torsion_angle_constraint_violation    ? 
_pdbx_nmr_ensemble.maximum_upper_distance_constraint_violation   ? 
_pdbx_nmr_ensemble.representative_conformer                      1 
_pdbx_nmr_ensemble.torsion_angle_constraint_violation_method     ? 
# 
_pdbx_nmr_representative.conformer_id         1 
_pdbx_nmr_representative.entry_id             2MD3 
_pdbx_nmr_representative.selection_criteria   'lowest energy' 
# 
_pdbx_nmr_sample_details.contents         '55.5 M H2O-1, 90% H2O/10% D2O' 
_pdbx_nmr_sample_details.solution_id      1 
_pdbx_nmr_sample_details.solvent_system   '90% H2O/10% D2O' 
# 
_pdbx_nmr_exptl_sample.component             H2O-1 
_pdbx_nmr_exptl_sample.concentration         55.5 
_pdbx_nmr_exptl_sample.concentration_range   ? 
_pdbx_nmr_exptl_sample.concentration_units   M 
_pdbx_nmr_exptl_sample.isotopic_labeling     ? 
_pdbx_nmr_exptl_sample.solution_id           1 
# 
_pdbx_nmr_exptl_sample_conditions.conditions_id       1 
_pdbx_nmr_exptl_sample_conditions.ionic_strength      ? 
_pdbx_nmr_exptl_sample_conditions.pH                  4.5 
_pdbx_nmr_exptl_sample_conditions.pressure            ambient 
_pdbx_nmr_exptl_sample_conditions.pressure_units      ? 
_pdbx_nmr_exptl_sample_conditions.temperature         298 
_pdbx_nmr_exptl_sample_conditions.temperature_units   K 
# 
_pdbx_nmr_exptl.conditions_id   1 
_pdbx_nmr_exptl.experiment_id   1 
_pdbx_nmr_exptl.solution_id     1 
_pdbx_nmr_exptl.type            '2D 1H-1H NOESY' 
# 
_pdbx_nmr_refine.entry_id           2MD3 
_pdbx_nmr_refine.method             'DGSA-distance geometry simulated annealing' 
_pdbx_nmr_refine.details            ? 
_pdbx_nmr_refine.software_ordinal   1 
# 
loop_
_pdbx_nmr_software.authors 
_pdbx_nmr_software.classification 
_pdbx_nmr_software.name 
_pdbx_nmr_software.ordinal 
_pdbx_nmr_software.version 
'Guntert, Mumenthaler and Wuthrich' 'structure solution' CYANA 1 2.1 
'Guntert, Mumenthaler and Wuthrich' refinement           CYANA 2 ?   
# 
loop_
_chem_comp_atom.comp_id 
_chem_comp_atom.atom_id 
_chem_comp_atom.type_symbol 
_chem_comp_atom.pdbx_aromatic_flag 
_chem_comp_atom.pdbx_stereo_config 
_chem_comp_atom.pdbx_ordinal 
ARG N    N N N 1   
ARG CA   C N S 2   
ARG C    C N N 3   
ARG O    O N N 4   
ARG CB   C N N 5   
ARG CG   C N N 6   
ARG CD   C N N 7   
ARG NE   N N N 8   
ARG CZ   C N N 9   
ARG NH1  N N N 10  
ARG NH2  N N N 11  
ARG OXT  O N N 12  
ARG H    H N N 13  
ARG H2   H N N 14  
ARG HA   H N N 15  
ARG HB2  H N N 16  
ARG HB3  H N N 17  
ARG HG2  H N N 18  
ARG HG3  H N N 19  
ARG HD2  H N N 20  
ARG HD3  H N N 21  
ARG HE   H N N 22  
ARG HH11 H N N 23  
ARG HH12 H N N 24  
ARG HH21 H N N 25  
ARG HH22 H N N 26  
ARG HXT  H N N 27  
ASN N    N N N 28  
ASN CA   C N S 29  
ASN C    C N N 30  
ASN O    O N N 31  
ASN CB   C N N 32  
ASN CG   C N N 33  
ASN OD1  O N N 34  
ASN ND2  N N N 35  
ASN OXT  O N N 36  
ASN H    H N N 37  
ASN H2   H N N 38  
ASN HA   H N N 39  
ASN HB2  H N N 40  
ASN HB3  H N N 41  
ASN HD21 H N N 42  
ASN HD22 H N N 43  
ASN HXT  H N N 44  
GLY N    N N N 45  
GLY CA   C N N 46  
GLY C    C N N 47  
GLY O    O N N 48  
GLY OXT  O N N 49  
GLY H    H N N 50  
GLY H2   H N N 51  
GLY HA2  H N N 52  
GLY HA3  H N N 53  
GLY HXT  H N N 54  
LYS N    N N N 55  
LYS CA   C N S 56  
LYS C    C N N 57  
LYS O    O N N 58  
LYS CB   C N N 59  
LYS CG   C N N 60  
LYS CD   C N N 61  
LYS CE   C N N 62  
LYS NZ   N N N 63  
LYS OXT  O N N 64  
LYS H    H N N 65  
LYS H2   H N N 66  
LYS HA   H N N 67  
LYS HB2  H N N 68  
LYS HB3  H N N 69  
LYS HG2  H N N 70  
LYS HG3  H N N 71  
LYS HD2  H N N 72  
LYS HD3  H N N 73  
LYS HE2  H N N 74  
LYS HE3  H N N 75  
LYS HZ1  H N N 76  
LYS HZ2  H N N 77  
LYS HZ3  H N N 78  
LYS HXT  H N N 79  
PHE N    N N N 80  
PHE CA   C N S 81  
PHE C    C N N 82  
PHE O    O N N 83  
PHE CB   C N N 84  
PHE CG   C Y N 85  
PHE CD1  C Y N 86  
PHE CD2  C Y N 87  
PHE CE1  C Y N 88  
PHE CE2  C Y N 89  
PHE CZ   C Y N 90  
PHE OXT  O N N 91  
PHE H    H N N 92  
PHE H2   H N N 93  
PHE HA   H N N 94  
PHE HB2  H N N 95  
PHE HB3  H N N 96  
PHE HD1  H N N 97  
PHE HD2  H N N 98  
PHE HE1  H N N 99  
PHE HE2  H N N 100 
PHE HZ   H N N 101 
PHE HXT  H N N 102 
SER N    N N N 103 
SER CA   C N S 104 
SER C    C N N 105 
SER O    O N N 106 
SER CB   C N N 107 
SER OG   O N N 108 
SER OXT  O N N 109 
SER H    H N N 110 
SER H2   H N N 111 
SER HA   H N N 112 
SER HB2  H N N 113 
SER HB3  H N N 114 
SER HG   H N N 115 
SER HXT  H N N 116 
# 
loop_
_chem_comp_bond.comp_id 
_chem_comp_bond.atom_id_1 
_chem_comp_bond.atom_id_2 
_chem_comp_bond.value_order 
_chem_comp_bond.pdbx_aromatic_flag 
_chem_comp_bond.pdbx_stereo_config 
_chem_comp_bond.pdbx_ordinal 
ARG N   CA   sing N N 1   
ARG N   H    sing N N 2   
ARG N   H2   sing N N 3   
ARG CA  C    sing N N 4   
ARG CA  CB   sing N N 5   
ARG CA  HA   sing N N 6   
ARG C   O    doub N N 7   
ARG C   OXT  sing N N 8   
ARG CB  CG   sing N N 9   
ARG CB  HB2  sing N N 10  
ARG CB  HB3  sing N N 11  
ARG CG  CD   sing N N 12  
ARG CG  HG2  sing N N 13  
ARG CG  HG3  sing N N 14  
ARG CD  NE   sing N N 15  
ARG CD  HD2  sing N N 16  
ARG CD  HD3  sing N N 17  
ARG NE  CZ   sing N N 18  
ARG NE  HE   sing N N 19  
ARG CZ  NH1  sing N N 20  
ARG CZ  NH2  doub N N 21  
ARG NH1 HH11 sing N N 22  
ARG NH1 HH12 sing N N 23  
ARG NH2 HH21 sing N N 24  
ARG NH2 HH22 sing N N 25  
ARG OXT HXT  sing N N 26  
ASN N   CA   sing N N 27  
ASN N   H    sing N N 28  
ASN N   H2   sing N N 29  
ASN CA  C    sing N N 30  
ASN CA  CB   sing N N 31  
ASN CA  HA   sing N N 32  
ASN C   O    doub N N 33  
ASN C   OXT  sing N N 34  
ASN CB  CG   sing N N 35  
ASN CB  HB2  sing N N 36  
ASN CB  HB3  sing N N 37  
ASN CG  OD1  doub N N 38  
ASN CG  ND2  sing N N 39  
ASN ND2 HD21 sing N N 40  
ASN ND2 HD22 sing N N 41  
ASN OXT HXT  sing N N 42  
GLY N   CA   sing N N 43  
GLY N   H    sing N N 44  
GLY N   H2   sing N N 45  
GLY CA  C    sing N N 46  
GLY CA  HA2  sing N N 47  
GLY CA  HA3  sing N N 48  
GLY C   O    doub N N 49  
GLY C   OXT  sing N N 50  
GLY OXT HXT  sing N N 51  
LYS N   CA   sing N N 52  
LYS N   H    sing N N 53  
LYS N   H2   sing N N 54  
LYS CA  C    sing N N 55  
LYS CA  CB   sing N N 56  
LYS CA  HA   sing N N 57  
LYS C   O    doub N N 58  
LYS C   OXT  sing N N 59  
LYS CB  CG   sing N N 60  
LYS CB  HB2  sing N N 61  
LYS CB  HB3  sing N N 62  
LYS CG  CD   sing N N 63  
LYS CG  HG2  sing N N 64  
LYS CG  HG3  sing N N 65  
LYS CD  CE   sing N N 66  
LYS CD  HD2  sing N N 67  
LYS CD  HD3  sing N N 68  
LYS CE  NZ   sing N N 69  
LYS CE  HE2  sing N N 70  
LYS CE  HE3  sing N N 71  
LYS NZ  HZ1  sing N N 72  
LYS NZ  HZ2  sing N N 73  
LYS NZ  HZ3  sing N N 74  
LYS OXT HXT  sing N N 75  
PHE N   CA   sing N N 76  
PHE N   H    sing N N 77  
PHE N   H2   sing N N 78  
PHE CA  C    sing N N 79  
PHE CA  CB   sing N N 80  
PHE CA  HA   sing N N 81  
PHE C   O    doub N N 82  
PHE C   OXT  sing N N 83  
PHE CB  CG   sing N N 84  
PHE CB  HB2  sing N N 85  
PHE CB  HB3  sing N N 86  
PHE CG  CD1  doub Y N 87  
PHE CG  CD2  sing Y N 88  
PHE CD1 CE1  sing Y N 89  
PHE CD1 HD1  sing N N 90  
PHE CD2 CE2  doub Y N 91  
PHE CD2 HD2  sing N N 92  
PHE CE1 CZ   doub Y N 93  
PHE CE1 HE1  sing N N 94  
PHE CE2 CZ   sing Y N 95  
PHE CE2 HE2  sing N N 96  
PHE CZ  HZ   sing N N 97  
PHE OXT HXT  sing N N 98  
SER N   CA   sing N N 99  
SER N   H    sing N N 100 
SER N   H2   sing N N 101 
SER CA  C    sing N N 102 
SER CA  CB   sing N N 103 
SER CA  HA   sing N N 104 
SER C   O    doub N N 105 
SER C   OXT  sing N N 106 
SER CB  OG   sing N N 107 
SER CB  HB2  sing N N 108 
SER CB  HB3  sing N N 109 
SER OG  HG   sing N N 110 
SER OXT HXT  sing N N 111 
# 
_pdbx_nmr_spectrometer.field_strength    500 
_pdbx_nmr_spectrometer.manufacturer      Bruker 
_pdbx_nmr_spectrometer.model             AVANCE 
_pdbx_nmr_spectrometer.spectrometer_id   1 
_pdbx_nmr_spectrometer.type              'Bruker Avance' 
# 
_atom_sites.entry_id                    2MD3 
_atom_sites.fract_transf_matrix[1][1]   1.000000 
_atom_sites.fract_transf_matrix[1][2]   0.000000 
_atom_sites.fract_transf_matrix[1][3]   0.000000 
_atom_sites.fract_transf_matrix[2][1]   0.000000 
_atom_sites.fract_transf_matrix[2][2]   1.000000 
_atom_sites.fract_transf_matrix[2][3]   0.000000 
_atom_sites.fract_transf_matrix[3][1]   0.000000 
_atom_sites.fract_transf_matrix[3][2]   0.000000 
_atom_sites.fract_transf_matrix[3][3]   1.000000 
_atom_sites.fract_transf_vector[1]      0.00000 
_atom_sites.fract_transf_vector[2]      0.00000 
_atom_sites.fract_transf_vector[3]      0.00000 
# 
loop_
_atom_type.symbol 
C 
H 
N 
O 
# 
loop_
_atom_site.group_PDB 
_atom_site.id 
_atom_site.type_symbol 
_atom_site.label_atom_id 
_atom_site.label_alt_id 
_atom_site.label_comp_id 
_atom_site.label_asym_id 
_atom_site.label_entity_id 
_atom_site.label_seq_id 
_atom_site.pdbx_PDB_ins_code 
_atom_site.Cartn_x 
_atom_site.Cartn_y 
_atom_site.Cartn_z 
_atom_site.occupancy 
_atom_site.B_iso_or_equiv 
_atom_site.pdbx_formal_charge 
_atom_site.auth_seq_id 
_atom_site.auth_comp_id 
_atom_site.auth_asym_id 
_atom_site.auth_atom_id 
_atom_site.pdbx_PDB_model_num 
ATOM 1    N N    . LYS A 1 1 ? 6.543  -3.243 -2.933 1.00 13.00 ? 1 LYS A N    1  
ATOM 2    C CA   . LYS A 1 1 ? 5.721  -2.432 -3.824 1.00 3.51  ? 1 LYS A CA   1  
ATOM 3    C C    . LYS A 1 1 ? 4.310  -3.001 -3.931 1.00 51.23 ? 1 LYS A C    1  
ATOM 4    O O    . LYS A 1 1 ? 3.632  -2.820 -4.942 1.00 24.04 ? 1 LYS A O    1  
ATOM 5    C CB   . LYS A 1 1 ? 6.360  -2.359 -5.213 1.00 43.32 ? 1 LYS A CB   1  
ATOM 6    C CG   . LYS A 1 1 ? 7.677  -1.603 -5.237 1.00 45.23 ? 1 LYS A CG   1  
ATOM 7    C CD   . LYS A 1 1 ? 8.857  -2.530 -5.004 1.00 24.11 ? 1 LYS A CD   1  
ATOM 8    C CE   . LYS A 1 1 ? 10.165 -1.759 -4.921 1.00 32.20 ? 1 LYS A CE   1  
ATOM 9    N NZ   . LYS A 1 1 ? 10.996 -2.198 -3.765 1.00 23.13 ? 1 LYS A NZ   1  
ATOM 10   H H1   . LYS A 1 1 ? 6.915  -4.087 -3.262 1.00 5.14  ? 1 LYS A H1   1  
ATOM 11   H HA   . LYS A 1 1 ? 5.665  -1.436 -3.410 1.00 32.34 ? 1 LYS A HA   1  
ATOM 12   H HB2  . LYS A 1 1 ? 6.539  -3.363 -5.567 1.00 51.03 ? 1 LYS A HB2  1  
ATOM 13   H HB3  . LYS A 1 1 ? 5.673  -1.866 -5.886 1.00 13.32 ? 1 LYS A HB3  1  
ATOM 14   H HG2  . LYS A 1 1 ? 7.791  -1.128 -6.201 1.00 14.51 ? 1 LYS A HG2  1  
ATOM 15   H HG3  . LYS A 1 1 ? 7.664  -0.850 -4.462 1.00 61.25 ? 1 LYS A HG3  1  
ATOM 16   H HD2  . LYS A 1 1 ? 8.707  -3.064 -4.078 1.00 51.42 ? 1 LYS A HD2  1  
ATOM 17   H HD3  . LYS A 1 1 ? 8.917  -3.236 -5.822 1.00 73.23 ? 1 LYS A HD3  1  
ATOM 18   H HE2  . LYS A 1 1 ? 10.720 -1.917 -5.832 1.00 42.52 ? 1 LYS A HE2  1  
ATOM 19   H HE3  . LYS A 1 1 ? 9.942  -0.708 -4.813 1.00 74.14 ? 1 LYS A HE3  1  
ATOM 20   H HZ1  . LYS A 1 1 ? 10.650 -3.109 -3.402 1.00 23.41 ? 1 LYS A HZ1  1  
ATOM 21   H HZ2  . LYS A 1 1 ? 10.949 -1.493 -3.003 1.00 72.31 ? 1 LYS A HZ2  1  
ATOM 22   H HZ3  . LYS A 1 1 ? 11.987 -2.309 -4.060 1.00 74.21 ? 1 LYS A HZ3  1  
ATOM 23   N N    . PHE A 1 2 ? 3.873  -3.688 -2.881 1.00 13.03 ? 2 PHE A N    1  
ATOM 24   C CA   . PHE A 1 2 ? 2.542  -4.283 -2.857 1.00 23.30 ? 2 PHE A CA   1  
ATOM 25   C C    . PHE A 1 2 ? 1.687  -3.659 -1.757 1.00 63.04 ? 2 PHE A C    1  
ATOM 26   O O    . PHE A 1 2 ? 0.468  -3.557 -1.886 1.00 4.41  ? 2 PHE A O    1  
ATOM 27   C CB   . PHE A 1 2 ? 2.640  -5.795 -2.645 1.00 44.03 ? 2 PHE A CB   1  
ATOM 28   C CG   . PHE A 1 2 ? 2.445  -6.591 -3.906 1.00 54.44 ? 2 PHE A CG   1  
ATOM 29   C CD1  . PHE A 1 2 ? 3.149  -6.272 -5.056 1.00 30.40 ? 2 PHE A CD1  1  
ATOM 30   C CD2  . PHE A 1 2 ? 1.560  -7.655 -3.938 1.00 64.21 ? 2 PHE A CD2  1  
ATOM 31   C CE1  . PHE A 1 2 ? 2.971  -7.002 -6.216 1.00 43.25 ? 2 PHE A CE1  1  
ATOM 32   C CE2  . PHE A 1 2 ? 1.378  -8.389 -5.096 1.00 12.41 ? 2 PHE A CE2  1  
ATOM 33   C CZ   . PHE A 1 2 ? 2.086  -8.062 -6.236 1.00 60.13 ? 2 PHE A CZ   1  
ATOM 34   H H    . PHE A 1 2 ? 4.461  -3.798 -2.104 1.00 34.41 ? 2 PHE A H    1  
ATOM 35   H HA   . PHE A 1 2 ? 2.076  -4.090 -3.812 1.00 33.05 ? 2 PHE A HA   1  
ATOM 36   H HB2  . PHE A 1 2 ? 3.616  -6.034 -2.251 1.00 42.34 ? 2 PHE A HB2  1  
ATOM 37   H HB3  . PHE A 1 2 ? 1.884  -6.102 -1.938 1.00 3.40  ? 2 PHE A HB3  1  
ATOM 38   H HD1  . PHE A 1 2 ? 3.842  -5.444 -5.042 1.00 64.25 ? 2 PHE A HD1  1  
ATOM 39   H HD2  . PHE A 1 2 ? 1.006  -7.912 -3.046 1.00 52.22 ? 2 PHE A HD2  1  
ATOM 40   H HE1  . PHE A 1 2 ? 3.525  -6.744 -7.107 1.00 73.22 ? 2 PHE A HE1  1  
ATOM 41   H HE2  . PHE A 1 2 ? 0.686  -9.216 -5.108 1.00 21.33 ? 2 PHE A HE2  1  
ATOM 42   H HZ   . PHE A 1 2 ? 1.945  -8.633 -7.142 1.00 53.25 ? 2 PHE A HZ   1  
ATOM 43   N N    . GLY A 1 3 ? 2.337  -3.243 -0.675 1.00 32.31 ? 3 GLY A N    1  
ATOM 44   C CA   . GLY A 1 3 ? 1.622  -2.635 0.433  1.00 45.13 ? 3 GLY A CA   1  
ATOM 45   C C    . GLY A 1 3 ? 1.753  -1.126 0.448  1.00 51.22 ? 3 GLY A C    1  
ATOM 46   O O    . GLY A 1 3 ? 1.559  -0.488 1.483  1.00 20.22 ? 3 GLY A O    1  
ATOM 47   H H    . GLY A 1 3 ? 3.310  -3.350 -0.627 1.00 10.11 ? 3 GLY A H    1  
ATOM 48   H HA2  . GLY A 1 3 ? 0.577  -2.894 0.357  1.00 22.43 ? 3 GLY A HA2  1  
ATOM 49   H HA3  . GLY A 1 3 ? 2.014  -3.028 1.359  1.00 23.32 ? 3 GLY A HA3  1  
ATOM 50   N N    . LYS A 1 4 ? 2.087  -0.550 -0.702 1.00 61.25 ? 4 LYS A N    1  
ATOM 51   C CA   . LYS A 1 4 ? 2.246  0.895  -0.818 1.00 65.41 ? 4 LYS A CA   1  
ATOM 52   C C    . LYS A 1 4 ? 0.888  1.589  -0.863 1.00 55.15 ? 4 LYS A C    1  
ATOM 53   O O    . LYS A 1 4 ? 0.762  2.751  -0.480 1.00 61.25 ? 4 LYS A O    1  
ATOM 54   C CB   . LYS A 1 4 ? 3.048  1.241  -2.074 1.00 11.43 ? 4 LYS A CB   1  
ATOM 55   C CG   . LYS A 1 4 ? 2.949  2.703  -2.476 1.00 32.32 ? 4 LYS A CG   1  
ATOM 56   C CD   . LYS A 1 4 ? 1.928  2.909  -3.583 1.00 14.15 ? 4 LYS A CD   1  
ATOM 57   C CE   . LYS A 1 4 ? 1.046  4.117  -3.309 1.00 43.24 ? 4 LYS A CE   1  
ATOM 58   N NZ   . LYS A 1 4 ? -0.333 3.928  -3.838 1.00 2.42  ? 4 LYS A NZ   1  
ATOM 59   H H    . LYS A 1 4 ? 2.229  -1.112 -1.493 1.00 44.33 ? 4 LYS A H    1  
ATOM 60   H HA   . LYS A 1 4 ? 2.785  1.240  0.051  1.00 44.10 ? 4 LYS A HA   1  
ATOM 61   H HB2  . LYS A 1 4 ? 4.088  1.008  -1.897 1.00 40.03 ? 4 LYS A HB2  1  
ATOM 62   H HB3  . LYS A 1 4 ? 2.688  0.639  -2.895 1.00 52.01 ? 4 LYS A HB3  1  
ATOM 63   H HG2  . LYS A 1 4 ? 2.653  3.284  -1.616 1.00 54.13 ? 4 LYS A HG2  1  
ATOM 64   H HG3  . LYS A 1 4 ? 3.915  3.038  -2.823 1.00 12.34 ? 4 LYS A HG3  1  
ATOM 65   H HD2  . LYS A 1 4 ? 2.449  3.060  -4.517 1.00 72.44 ? 4 LYS A HD2  1  
ATOM 66   H HD3  . LYS A 1 4 ? 1.305  2.028  -3.654 1.00 52.44 ? 4 LYS A HD3  1  
ATOM 67   H HE2  . LYS A 1 4 ? 0.995  4.276  -2.244 1.00 75.32 ? 4 LYS A HE2  1  
ATOM 68   H HE3  . LYS A 1 4 ? 1.488  4.983  -3.782 1.00 31.24 ? 4 LYS A HE3  1  
ATOM 69   H HZ1  . LYS A 1 4 ? -0.535 4.638  -4.571 1.00 22.45 ? 4 LYS A HZ1  1  
ATOM 70   H HZ2  . LYS A 1 4 ? -1.027 4.031  -3.070 1.00 2.52  ? 4 LYS A HZ2  1  
ATOM 71   H HZ3  . LYS A 1 4 ? -0.430 2.980  -4.254 1.00 35.32 ? 4 LYS A HZ3  1  
ATOM 72   N N    . ASN A 1 5 ? -0.126 0.868  -1.332 1.00 14.35 ? 5 ASN A N    1  
ATOM 73   C CA   . ASN A 1 5 ? -1.475 1.415  -1.425 1.00 55.30 ? 5 ASN A CA   1  
ATOM 74   C C    . ASN A 1 5 ? -2.319 0.988  -0.228 1.00 2.50  ? 5 ASN A C    1  
ATOM 75   O O    . ASN A 1 5 ? -3.543 0.905  -0.317 1.00 73.32 ? 5 ASN A O    1  
ATOM 76   C CB   . ASN A 1 5 ? -2.143 0.961  -2.723 1.00 64.33 ? 5 ASN A CB   1  
ATOM 77   C CG   . ASN A 1 5 ? -3.406 1.743  -3.028 1.00 30.23 ? 5 ASN A CG   1  
ATOM 78   O OD1  . ASN A 1 5 ? -3.401 2.974  -3.030 1.00 25.23 ? 5 ASN A OD1  1  
ATOM 79   N ND2  . ASN A 1 5 ? -4.495 1.030  -3.288 1.00 61.23 ? 5 ASN A ND2  1  
ATOM 80   H H    . ASN A 1 5 ? 0.037  -0.053 -1.622 1.00 33.21 ? 5 ASN A H    1  
ATOM 81   H HA   . ASN A 1 5 ? -1.396 2.492  -1.429 1.00 52.51 ? 5 ASN A HA   1  
ATOM 82   H HB2  . ASN A 1 5 ? -1.452 1.096  -3.543 1.00 22.30 ? 5 ASN A HB2  1  
ATOM 83   H HB3  . ASN A 1 5 ? -2.400 -0.085 -2.643 1.00 15.24 ? 5 ASN A HB3  1  
ATOM 84   H HD21 . ASN A 1 5 ? -4.425 0.052  -3.269 1.00 74.02 ? 5 ASN A HD21 1  
ATOM 85   H HD22 . ASN A 1 5 ? -5.326 1.510  -3.488 1.00 45.53 ? 5 ASN A HD22 1  
ATOM 86   N N    . LYS A 1 6 ? -1.654 0.719  0.892  1.00 64.34 ? 6 LYS A N    1  
ATOM 87   C CA   . LYS A 1 6 ? -2.343 0.302  2.107  1.00 74.13 ? 6 LYS A CA   1  
ATOM 88   C C    . LYS A 1 6 ? -2.193 1.352  3.204  1.00 31.14 ? 6 LYS A C    1  
ATOM 89   O O    . LYS A 1 6 ? -2.205 1.029  4.392  1.00 63.52 ? 6 LYS A O    1  
ATOM 90   C CB   . LYS A 1 6 ? -1.793 -1.041 2.594  1.00 12.42 ? 6 LYS A CB   1  
ATOM 91   C CG   . LYS A 1 6 ? -1.823 -2.130 1.535  1.00 72.01 ? 6 LYS A CG   1  
ATOM 92   C CD   . LYS A 1 6 ? -3.247 -2.528 1.185  1.00 33.22 ? 6 LYS A CD   1  
ATOM 93   C CE   . LYS A 1 6 ? -3.335 -3.994 0.792  1.00 72.21 ? 6 LYS A CE   1  
ATOM 94   N NZ   . LYS A 1 6 ? -3.260 -4.892 1.977  1.00 34.41 ? 6 LYS A NZ   1  
ATOM 95   H H    . LYS A 1 6 ? -0.678 0.804  0.900  1.00 3.10  ? 6 LYS A H    1  
ATOM 96   H HA   . LYS A 1 6 ? -3.390 0.189  1.874  1.00 75.53 ? 6 LYS A HA   1  
ATOM 97   H HB2  . LYS A 1 6 ? -0.770 -0.904 2.911  1.00 44.45 ? 6 LYS A HB2  1  
ATOM 98   H HB3  . LYS A 1 6 ? -2.381 -1.372 3.438  1.00 50.33 ? 6 LYS A HB3  1  
ATOM 99   H HG2  . LYS A 1 6 ? -1.333 -1.767 0.644  1.00 53.22 ? 6 LYS A HG2  1  
ATOM 100  H HG3  . LYS A 1 6 ? -1.298 -2.997 1.910  1.00 65.25 ? 6 LYS A HG3  1  
ATOM 101  H HD2  . LYS A 1 6 ? -3.881 -2.359 2.044  1.00 15.34 ? 6 LYS A HD2  1  
ATOM 102  H HD3  . LYS A 1 6 ? -3.589 -1.921 0.359  1.00 53.41 ? 6 LYS A HD3  1  
ATOM 103  H HE2  . LYS A 1 6 ? -4.272 -4.161 0.284  1.00 43.04 ? 6 LYS A HE2  1  
ATOM 104  H HE3  . LYS A 1 6 ? -2.518 -4.223 0.125  1.00 5.12  ? 6 LYS A HE3  1  
ATOM 105  H HZ1  . LYS A 1 6 ? -3.768 -5.780 1.787  1.00 45.41 ? 6 LYS A HZ1  1  
ATOM 106  H HZ2  . LYS A 1 6 ? -3.691 -4.429 2.803  1.00 22.45 ? 6 LYS A HZ2  1  
ATOM 107  H HZ3  . LYS A 1 6 ? -2.268 -5.113 2.196  1.00 14.52 ? 6 LYS A HZ3  1  
ATOM 108  N N    . SER A 1 7 ? -2.054 2.610  2.798  1.00 14.42 ? 7 SER A N    1  
ATOM 109  C CA   . SER A 1 7 ? -1.899 3.706  3.746  1.00 52.33 ? 7 SER A CA   1  
ATOM 110  C C    . SER A 1 7 ? -3.244 4.364  4.040  1.00 53.04 ? 7 SER A C    1  
ATOM 111  O O    . SER A 1 7 ? -3.758 4.282  5.155  1.00 35.21 ? 7 SER A O    1  
ATOM 112  C CB   . SER A 1 7 ? -0.919 4.747  3.201  1.00 25.12 ? 7 SER A CB   1  
ATOM 113  O OG   . SER A 1 7 ? 0.218  4.865  4.039  1.00 1.23  ? 7 SER A OG   1  
ATOM 114  H H    . SER A 1 7 ? -2.051 2.804  1.837  1.00 73.03 ? 7 SER A H    1  
ATOM 115  H HA   . SER A 1 7 ? -1.504 3.298  4.664  1.00 3.25  ? 7 SER A HA   1  
ATOM 116  H HB2  . SER A 1 7 ? -0.595 4.451  2.215  1.00 25.43 ? 7 SER A HB2  1  
ATOM 117  H HB3  . SER A 1 7 ? -1.411 5.707  3.144  1.00 73.22 ? 7 SER A HB3  1  
ATOM 118  H HG   . SER A 1 7 ? 0.121  5.635  4.604  1.00 23.24 ? 7 SER A HG   1  
ATOM 119  N N    . ARG A 1 8 ? -3.810 5.016  3.030  1.00 65.23 ? 8 ARG A N    1  
ATOM 120  C CA   . ARG A 1 8 ? -5.095 5.690  3.178  1.00 22.03 ? 8 ARG A CA   1  
ATOM 121  C C    . ARG A 1 8 ? -6.174 4.708  3.624  1.00 64.52 ? 8 ARG A C    1  
ATOM 122  O O    . ARG A 1 8 ? -6.635 3.878  2.838  1.00 73.11 ? 8 ARG A O    1  
ATOM 123  C CB   . ARG A 1 8 ? -5.504 6.351  1.861  1.00 11.32 ? 8 ARG A CB   1  
ATOM 124  C CG   . ARG A 1 8 ? -4.589 7.490  1.442  1.00 2.32  ? 8 ARG A CG   1  
ATOM 125  C CD   . ARG A 1 8 ? -4.897 8.764  2.213  1.00 5.30  ? 8 ARG A CD   1  
ATOM 126  N NE   . ARG A 1 8 ? -3.705 9.584  2.413  1.00 4.00  ? 8 ARG A NE   1  
ATOM 127  C CZ   . ARG A 1 8 ? -3.155 10.326 1.458  1.00 0.33  ? 8 ARG A CZ   1  
ATOM 128  N NH1  . ARG A 1 8 ? -3.686 10.350 0.244  1.00 24.04 ? 8 ARG A NH1  1  
ATOM 129  N NH2  . ARG A 1 8 ? -2.070 11.045 1.718  1.00 44.13 ? 8 ARG A NH2  1  
ATOM 130  H H    . ARG A 1 8 ? -3.352 5.047  2.164  1.00 2.52  ? 8 ARG A H    1  
ATOM 131  H HA   . ARG A 1 8 ? -4.985 6.452  3.935  1.00 1.24  ? 8 ARG A HA   1  
ATOM 132  H HB2  . ARG A 1 8 ? -5.495 5.605  1.079  1.00 51.10 ? 8 ARG A HB2  1  
ATOM 133  H HB3  . ARG A 1 8 ? -6.505 6.741  1.964  1.00 4.25  ? 8 ARG A HB3  1  
ATOM 134  H HG2  . ARG A 1 8 ? -3.564 7.206  1.632  1.00 75.45 ? 8 ARG A HG2  1  
ATOM 135  H HG3  . ARG A 1 8 ? -4.723 7.677  0.386  1.00 20.31 ? 8 ARG A HG3  1  
ATOM 136  H HD2  . ARG A 1 8 ? -5.627 9.336  1.660  1.00 11.12 ? 8 ARG A HD2  1  
ATOM 137  H HD3  . ARG A 1 8 ? -5.304 8.496  3.176  1.00 60.13 ? 8 ARG A HD3  1  
ATOM 138  H HE   . ARG A 1 8 ? -3.296 9.581  3.303  1.00 3.10  ? 8 ARG A HE   1  
ATOM 139  H HH11 . ARG A 1 8 ? -4.503 9.809  0.046  1.00 61.44 ? 8 ARG A HH11 1  
ATOM 140  H HH12 . ARG A 1 8 ? -3.270 10.909 -0.474 1.00 11.00 ? 8 ARG A HH12 1  
ATOM 141  H HH21 . ARG A 1 8 ? -1.667 11.030 2.632  1.00 22.13 ? 8 ARG A HH21 1  
ATOM 142  H HH22 . ARG A 1 8 ? -1.656 11.603 0.998  1.00 22.31 ? 8 ARG A HH22 1  
ATOM 143  N N    . LYS A 1 1 ? 5.266  -3.375 -4.639 1.00 53.52 ? 1 LYS A N    2  
ATOM 144  C CA   . LYS A 1 1 ? 4.979  -2.010 -4.214 1.00 43.42 ? 1 LYS A CA   2  
ATOM 145  C C    . LYS A 1 1 ? 3.531  -1.876 -3.755 1.00 53.33 ? 1 LYS A C    2  
ATOM 146  O O    . LYS A 1 1 ? 2.906  -0.830 -3.934 1.00 52.34 ? 1 LYS A O    2  
ATOM 147  C CB   . LYS A 1 1 ? 5.255  -1.030 -5.358 1.00 53.13 ? 1 LYS A CB   2  
ATOM 148  C CG   . LYS A 1 1 ? 6.734  -0.782 -5.602 1.00 65.42 ? 1 LYS A CG   2  
ATOM 149  C CD   . LYS A 1 1 ? 7.301  -1.754 -6.624 1.00 60.25 ? 1 LYS A CD   2  
ATOM 150  C CE   . LYS A 1 1 ? 8.451  -2.563 -6.046 1.00 52.25 ? 1 LYS A CE   2  
ATOM 151  N NZ   . LYS A 1 1 ? 8.844  -3.686 -6.941 1.00 51.23 ? 1 LYS A NZ   2  
ATOM 152  H H1   . LYS A 1 1 ? 6.050  -3.834 -4.271 1.00 34.12 ? 1 LYS A H1   2  
ATOM 153  H HA   . LYS A 1 1 ? 5.630  -1.775 -3.386 1.00 2.02  ? 1 LYS A HA   2  
ATOM 154  H HB2  . LYS A 1 1 ? 4.823  -1.423 -6.266 1.00 75.24 ? 1 LYS A HB2  2  
ATOM 155  H HB3  . LYS A 1 1 ? 4.787  -0.084 -5.126 1.00 30.42 ? 1 LYS A HB3  2  
ATOM 156  H HG2  . LYS A 1 1 ? 6.865  0.226  -5.968 1.00 32.31 ? 1 LYS A HG2  2  
ATOM 157  H HG3  . LYS A 1 1 ? 7.268  -0.901 -4.670 1.00 2.32  ? 1 LYS A HG3  2  
ATOM 158  H HD2  . LYS A 1 1 ? 6.520  -2.431 -6.935 1.00 63.35 ? 1 LYS A HD2  2  
ATOM 159  H HD3  . LYS A 1 1 ? 7.658  -1.196 -7.479 1.00 35.41 ? 1 LYS A HD3  2  
ATOM 160  H HE2  . LYS A 1 1 ? 9.299  -1.911 -5.907 1.00 40.34 ? 1 LYS A HE2  2  
ATOM 161  H HE3  . LYS A 1 1 ? 8.147  -2.965 -5.090 1.00 65.34 ? 1 LYS A HE3  2  
ATOM 162  H HZ1  . LYS A 1 1 ? 8.995  -4.551 -6.385 1.00 71.13 ? 1 LYS A HZ1  2  
ATOM 163  H HZ2  . LYS A 1 1 ? 9.725  -3.451 -7.442 1.00 71.00 ? 1 LYS A HZ2  2  
ATOM 164  H HZ3  . LYS A 1 1 ? 8.097  -3.862 -7.643 1.00 34.32 ? 1 LYS A HZ3  2  
ATOM 165  N N    . PHE A 1 2 ? 3.002  -2.940 -3.162 1.00 1.24  ? 2 PHE A N    2  
ATOM 166  C CA   . PHE A 1 2 ? 1.627  -2.941 -2.676 1.00 31.24 ? 2 PHE A CA   2  
ATOM 167  C C    . PHE A 1 2 ? 1.587  -2.826 -1.155 1.00 1.24  ? 2 PHE A C    2  
ATOM 168  O O    . PHE A 1 2 ? 0.615  -2.336 -0.584 1.00 33.32 ? 2 PHE A O    2  
ATOM 169  C CB   . PHE A 1 2 ? 0.908  -4.216 -3.122 1.00 75.35 ? 2 PHE A CB   2  
ATOM 170  C CG   . PHE A 1 2 ? -0.035 -4.001 -4.272 1.00 14.24 ? 2 PHE A CG   2  
ATOM 171  C CD1  . PHE A 1 2 ? 0.444  -3.911 -5.569 1.00 0.13  ? 2 PHE A CD1  2  
ATOM 172  C CD2  . PHE A 1 2 ? -1.399 -3.891 -4.056 1.00 40.31 ? 2 PHE A CD2  2  
ATOM 173  C CE1  . PHE A 1 2 ? -0.420 -3.714 -6.629 1.00 22.33 ? 2 PHE A CE1  2  
ATOM 174  C CE2  . PHE A 1 2 ? -2.267 -3.694 -5.112 1.00 24.42 ? 2 PHE A CE2  2  
ATOM 175  C CZ   . PHE A 1 2 ? -1.778 -3.605 -6.401 1.00 12.44 ? 2 PHE A CZ   2  
ATOM 176  H H    . PHE A 1 2 ? 3.549  -3.745 -3.048 1.00 4.44  ? 2 PHE A H    2  
ATOM 177  H HA   . PHE A 1 2 ? 1.125  -2.087 -3.103 1.00 40.32 ? 2 PHE A HA   2  
ATOM 178  H HB2  . PHE A 1 2 ? 1.640  -4.948 -3.426 1.00 54.11 ? 2 PHE A HB2  2  
ATOM 179  H HB3  . PHE A 1 2 ? 0.337  -4.607 -2.292 1.00 64.11 ? 2 PHE A HB3  2  
ATOM 180  H HD1  . PHE A 1 2 ? 1.506  -3.997 -5.749 1.00 54.50 ? 2 PHE A HD1  2  
ATOM 181  H HD2  . PHE A 1 2 ? -1.784 -3.959 -3.049 1.00 32.12 ? 2 PHE A HD2  2  
ATOM 182  H HE1  . PHE A 1 2 ? -0.033 -3.644 -7.636 1.00 32.15 ? 2 PHE A HE1  2  
ATOM 183  H HE2  . PHE A 1 2 ? -3.329 -3.608 -4.931 1.00 0.23  ? 2 PHE A HE2  2  
ATOM 184  H HZ   . PHE A 1 2 ? -2.454 -3.452 -7.228 1.00 72.03 ? 2 PHE A HZ   2  
ATOM 185  N N    . GLY A 1 3 ? 2.653  -3.283 -0.505 1.00 13.14 ? 3 GLY A N    2  
ATOM 186  C CA   . GLY A 1 3 ? 2.721  -3.223 0.944  1.00 22.13 ? 3 GLY A CA   2  
ATOM 187  C C    . GLY A 1 3 ? 2.727  -1.801 1.466  1.00 73.20 ? 3 GLY A C    2  
ATOM 188  O O    . GLY A 1 3 ? 2.077  -1.495 2.466  1.00 22.12 ? 3 GLY A O    2  
ATOM 189  H H    . GLY A 1 3 ? 3.401  -3.664 -1.013 1.00 61.41 ? 3 GLY A H    2  
ATOM 190  H HA2  . GLY A 1 3 ? 1.868  -3.743 1.354  1.00 50.02 ? 3 GLY A HA2  2  
ATOM 191  H HA3  . GLY A 1 3 ? 3.623  -3.718 1.271  1.00 22.33 ? 3 GLY A HA3  2  
ATOM 192  N N    . LYS A 1 4 ? 3.465  -0.927 0.790  1.00 62.10 ? 4 LYS A N    2  
ATOM 193  C CA   . LYS A 1 4 ? 3.555  0.472  1.190  1.00 74.51 ? 4 LYS A CA   2  
ATOM 194  C C    . LYS A 1 4 ? 2.293  1.232  0.797  1.00 43.04 ? 4 LYS A C    2  
ATOM 195  O O    . LYS A 1 4 ? 1.937  2.230  1.424  1.00 62.22 ? 4 LYS A O    2  
ATOM 196  C CB   . LYS A 1 4 ? 4.780  1.129  0.550  1.00 44.15 ? 4 LYS A CB   2  
ATOM 197  C CG   . LYS A 1 4 ? 4.752  2.648  0.603  1.00 12.35 ? 4 LYS A CG   2  
ATOM 198  C CD   . LYS A 1 4 ? 4.272  3.243  -0.709 1.00 63.14 ? 4 LYS A CD   2  
ATOM 199  C CE   . LYS A 1 4 ? 3.272  4.366  -0.479 1.00 34.21 ? 4 LYS A CE   2  
ATOM 200  N NZ   . LYS A 1 4 ? 3.499  5.509  -1.405 1.00 44.24 ? 4 LYS A NZ   2  
ATOM 201  H H    . LYS A 1 4 ? 3.962  -1.231 0.000  1.00 63.31 ? 4 LYS A H    2  
ATOM 202  H HA   . LYS A 1 4 ? 3.660  0.503  2.264  1.00 13.11 ? 4 LYS A HA   2  
ATOM 203  H HB2  . LYS A 1 4 ? 5.666  0.788  1.063  1.00 74.31 ? 4 LYS A HB2  2  
ATOM 204  H HB3  . LYS A 1 4 ? 4.835  0.828  -0.487 1.00 33.54 ? 4 LYS A HB3  2  
ATOM 205  H HG2  . LYS A 1 4 ? 4.085  2.958  1.393  1.00 52.45 ? 4 LYS A HG2  2  
ATOM 206  H HG3  . LYS A 1 4 ? 5.750  3.009  0.809  1.00 23.51 ? 4 LYS A HG3  2  
ATOM 207  H HD2  . LYS A 1 4 ? 5.121  3.637  -1.248 1.00 4.11  ? 4 LYS A HD2  2  
ATOM 208  H HD3  . LYS A 1 4 ? 3.800  2.467  -1.295 1.00 32.11 ? 4 LYS A HD3  2  
ATOM 209  H HE2  . LYS A 1 4 ? 2.276  3.981  -0.633 1.00 54.42 ? 4 LYS A HE2  2  
ATOM 210  H HE3  . LYS A 1 4 ? 3.371  4.714  0.539  1.00 60.44 ? 4 LYS A HE3  2  
ATOM 211  H HZ1  . LYS A 1 4 ? 4.369  5.357  -1.955 1.00 74.44 ? 4 LYS A HZ1  2  
ATOM 212  H HZ2  . LYS A 1 4 ? 3.592  6.394  -0.866 1.00 24.43 ? 4 LYS A HZ2  2  
ATOM 213  H HZ3  . LYS A 1 4 ? 2.698  5.601  -2.063 1.00 0.45  ? 4 LYS A HZ3  2  
ATOM 214  N N    . ASN A 1 5 ? 1.618  0.754  -0.244 1.00 14.12 ? 5 ASN A N    2  
ATOM 215  C CA   . ASN A 1 5 ? 0.395  1.388  -0.720 1.00 41.55 ? 5 ASN A CA   2  
ATOM 216  C C    . ASN A 1 5 ? -0.822 0.520  -0.418 1.00 11.04 ? 5 ASN A C    2  
ATOM 217  O O    . ASN A 1 5 ? -1.812 0.541  -1.149 1.00 53.00 ? 5 ASN A O    2  
ATOM 218  C CB   . ASN A 1 5 ? 0.485  1.654  -2.223 1.00 4.50  ? 5 ASN A CB   2  
ATOM 219  C CG   . ASN A 1 5 ? -0.617 2.572  -2.716 1.00 2.31  ? 5 ASN A CG   2  
ATOM 220  O OD1  . ASN A 1 5 ? -1.033 3.492  -2.012 1.00 64.34 ? 5 ASN A OD1  2  
ATOM 221  N ND2  . ASN A 1 5 ? -1.095 2.325  -3.930 1.00 51.12 ? 5 ASN A ND2  2  
ATOM 222  H H    . ASN A 1 5 ? 1.952  -0.045 -0.704 1.00 34.51 ? 5 ASN A H    2  
ATOM 223  H HA   . ASN A 1 5 ? 0.288  2.330  -0.203 1.00 61.01 ? 5 ASN A HA   2  
ATOM 224  H HB2  . ASN A 1 5 ? 1.437  2.115  -2.446 1.00 33.31 ? 5 ASN A HB2  2  
ATOM 225  H HB3  . ASN A 1 5 ? 0.411  0.717  -2.755 1.00 12.22 ? 5 ASN A HB3  2  
ATOM 226  H HD21 . ASN A 1 5 ? -0.715 1.576  -4.434 1.00 34.34 ? 5 ASN A HD21 2  
ATOM 227  H HD22 . ASN A 1 5 ? -1.807 2.904  -4.273 1.00 2.02  ? 5 ASN A HD22 2  
ATOM 228  N N    . LYS A 1 6 ? -0.741 -0.244 0.666  1.00 23.54 ? 6 LYS A N    2  
ATOM 229  C CA   . LYS A 1 6 ? -1.836 -1.121 1.068  1.00 13.02 ? 6 LYS A CA   2  
ATOM 230  C C    . LYS A 1 6 ? -3.051 -0.309 1.504  1.00 44.33 ? 6 LYS A C    2  
ATOM 231  O O    . LYS A 1 6 ? -4.188 -0.770 1.401  1.00 2.40  ? 6 LYS A O    2  
ATOM 232  C CB   . LYS A 1 6 ? -1.388 -2.040 2.208  1.00 70.45 ? 6 LYS A CB   2  
ATOM 233  C CG   . LYS A 1 6 ? -0.972 -1.294 3.463  1.00 54.45 ? 6 LYS A CG   2  
ATOM 234  C CD   . LYS A 1 6 ? -2.149 -1.074 4.398  1.00 74.00 ? 6 LYS A CD   2  
ATOM 235  C CE   . LYS A 1 6 ? -1.746 -1.255 5.854  1.00 3.04  ? 6 LYS A CE   2  
ATOM 236  N NZ   . LYS A 1 6 ? -2.874 -0.967 6.782  1.00 0.13  ? 6 LYS A NZ   2  
ATOM 237  H H    . LYS A 1 6 ? 0.075  -0.219 1.210  1.00 40.15 ? 6 LYS A H    2  
ATOM 238  H HA   . LYS A 1 6 ? -2.108 -1.725 0.216  1.00 41.35 ? 6 LYS A HA   2  
ATOM 239  H HB2  . LYS A 1 6 ? -2.203 -2.702 2.462  1.00 44.34 ? 6 LYS A HB2  2  
ATOM 240  H HB3  . LYS A 1 6 ? -0.548 -2.630 1.870  1.00 63.23 ? 6 LYS A HB3  2  
ATOM 241  H HG2  . LYS A 1 6 ? -0.217 -1.868 3.980  1.00 64.32 ? 6 LYS A HG2  2  
ATOM 242  H HG3  . LYS A 1 6 ? -0.564 -0.332 3.181  1.00 34.44 ? 6 LYS A HG3  2  
ATOM 243  H HD2  . LYS A 1 6 ? -2.524 -0.070 4.263  1.00 10.33 ? 6 LYS A HD2  2  
ATOM 244  H HD3  . LYS A 1 6 ? -2.926 -1.786 4.158  1.00 43.41 ? 6 LYS A HD3  2  
ATOM 245  H HE2  . LYS A 1 6 ? -1.422 -2.275 6.000  1.00 41.43 ? 6 LYS A HE2  2  
ATOM 246  H HE3  . LYS A 1 6 ? -0.929 -0.584 6.074  1.00 52.11 ? 6 LYS A HE3  2  
ATOM 247  H HZ1  . LYS A 1 6 ? -3.757 -1.366 6.406  1.00 50.03 ? 6 LYS A HZ1  2  
ATOM 248  H HZ2  . LYS A 1 6 ? -2.991 0.061  6.895  1.00 1.54  ? 6 LYS A HZ2  2  
ATOM 249  H HZ3  . LYS A 1 6 ? -2.686 -1.387 7.715  1.00 1.22  ? 6 LYS A HZ3  2  
ATOM 250  N N    . SER A 1 7 ? -2.804 0.904  1.989  1.00 12.34 ? 7 SER A N    2  
ATOM 251  C CA   . SER A 1 7 ? -3.878 1.780  2.442  1.00 31.13 ? 7 SER A CA   2  
ATOM 252  C C    . SER A 1 7 ? -4.893 2.015  1.328  1.00 24.42 ? 7 SER A C    2  
ATOM 253  O O    . SER A 1 7 ? -6.096 2.098  1.576  1.00 35.20 ? 7 SER A O    2  
ATOM 254  C CB   . SER A 1 7 ? -3.308 3.117  2.918  1.00 4.31  ? 7 SER A CB   2  
ATOM 255  O OG   . SER A 1 7 ? -3.135 3.126  4.325  1.00 44.04 ? 7 SER A OG   2  
ATOM 256  H H    . SER A 1 7 ? -1.876 1.216  2.046  1.00 61.42 ? 7 SER A H    2  
ATOM 257  H HA   . SER A 1 7 ? -4.374 1.295  3.269  1.00 31.33 ? 7 SER A HA   2  
ATOM 258  H HB2  . SER A 1 7 ? -2.351 3.285  2.449  1.00 50.41 ? 7 SER A HB2  2  
ATOM 259  H HB3  . SER A 1 7 ? -3.987 3.913  2.645  1.00 1.03  ? 7 SER A HB3  2  
ATOM 260  H HG   . SER A 1 7 ? -3.897 3.540  4.738  1.00 42.55 ? 7 SER A HG   2  
ATOM 261  N N    . ARG A 1 8 ? -4.400 2.121  0.099  1.00 60.22 ? 8 ARG A N    2  
ATOM 262  C CA   . ARG A 1 8 ? -5.263 2.347  -1.054 1.00 41.41 ? 8 ARG A CA   2  
ATOM 263  C C    . ARG A 1 8 ? -5.784 1.026  -1.612 1.00 31.35 ? 8 ARG A C    2  
ATOM 264  O O    . ARG A 1 8 ? -6.814 0.987  -2.284 1.00 34.31 ? 8 ARG A O    2  
ATOM 265  C CB   . ARG A 1 8 ? -4.506 3.109  -2.144 1.00 30.23 ? 8 ARG A CB   2  
ATOM 266  C CG   . ARG A 1 8 ? -4.983 4.540  -2.330 1.00 63.44 ? 8 ARG A CG   2  
ATOM 267  C CD   . ARG A 1 8 ? -4.635 5.405  -1.130 1.00 14.42 ? 8 ARG A CD   2  
ATOM 268  N NE   . ARG A 1 8 ? -4.199 6.741  -1.526 1.00 51.10 ? 8 ARG A NE   2  
ATOM 269  C CZ   . ARG A 1 8 ? -4.073 7.755  -0.676 1.00 43.25 ? 8 ARG A CZ   2  
ATOM 270  N NH1  . ARG A 1 8 ? -4.347 7.585  0.610  1.00 2.23  ? 8 ARG A NH1  2  
ATOM 271  N NH2  . ARG A 1 8 ? -3.671 8.942  -1.114 1.00 74.15 ? 8 ARG A NH2  2  
ATOM 272  H H    . ARG A 1 8 ? -3.432 2.045  -0.037 1.00 73.42 ? 8 ARG A H    2  
ATOM 273  H HA   . ARG A 1 8 ? -6.102 2.942  -0.729 1.00 72.53 ? 8 ARG A HA   2  
ATOM 274  H HB2  . ARG A 1 8 ? -3.457 3.134  -1.886 1.00 44.10 ? 8 ARG A HB2  2  
ATOM 275  H HB3  . ARG A 1 8 ? -4.626 2.587  -3.081 1.00 13.51 ? 8 ARG A HB3  2  
ATOM 276  H HG2  . ARG A 1 8 ? -4.512 4.955  -3.209 1.00 54.15 ? 8 ARG A HG2  2  
ATOM 277  H HG3  . ARG A 1 8 ? -6.055 4.537  -2.462 1.00 60.14 ? 8 ARG A HG3  2  
ATOM 278  H HD2  . ARG A 1 8 ? -5.506 5.493  -0.500 1.00 62.41 ? 8 ARG A HD2  2  
ATOM 279  H HD3  . ARG A 1 8 ? -3.839 4.926  -0.578 1.00 73.05 ? 8 ARG A HD3  2  
ATOM 280  H HE   . ARG A 1 8 ? -3.991 6.890  -2.471 1.00 24.52 ? 8 ARG A HE   2  
ATOM 281  H HH11 . ARG A 1 8 ? -4.648 6.691  0.942  1.00 52.44 ? 8 ARG A HH11 2  
ATOM 282  H HH12 . ARG A 1 8 ? -4.249 8.350  1.247  1.00 74.40 ? 8 ARG A HH12 2  
ATOM 283  H HH21 . ARG A 1 8 ? -3.464 9.074  -2.082 1.00 62.23 ? 8 ARG A HH21 2  
ATOM 284  H HH22 . ARG A 1 8 ? -3.578 9.704  -0.473 1.00 3.42  ? 8 ARG A HH22 2  
ATOM 285  N N    . LYS A 1 1 ? 6.379  -3.668 -1.510 1.00 62.43 ? 1 LYS A N    3  
ATOM 286  C CA   . LYS A 1 1 ? 6.180  -2.338 -2.073 1.00 5.43  ? 1 LYS A CA   3  
ATOM 287  C C    . LYS A 1 1 ? 4.775  -2.195 -2.648 1.00 44.42 ? 1 LYS A C    3  
ATOM 288  O O    . LYS A 1 1 ? 4.545  -1.403 -3.563 1.00 11.51 ? 1 LYS A O    3  
ATOM 289  C CB   . LYS A 1 1 ? 7.219  -2.062 -3.162 1.00 31.14 ? 1 LYS A CB   3  
ATOM 290  C CG   . LYS A 1 1 ? 8.565  -1.613 -2.619 1.00 21.11 ? 1 LYS A CG   3  
ATOM 291  C CD   . LYS A 1 1 ? 9.706  -2.412 -3.225 1.00 10.13 ? 1 LYS A CD   3  
ATOM 292  C CE   . LYS A 1 1 ? 10.024 -1.945 -4.638 1.00 13.23 ? 1 LYS A CE   3  
ATOM 293  N NZ   . LYS A 1 1 ? 10.049 -3.078 -5.604 1.00 63.34 ? 1 LYS A NZ   3  
ATOM 294  H H1   . LYS A 1 1 ? 6.416  -4.441 -2.113 1.00 41.41 ? 1 LYS A H1   3  
ATOM 295  H HA   . LYS A 1 1 ? 6.305  -1.619 -1.277 1.00 1.01  ? 1 LYS A HA   3  
ATOM 296  H HB2  . LYS A 1 1 ? 7.370  -2.964 -3.737 1.00 33.54 ? 1 LYS A HB2  3  
ATOM 297  H HB3  . LYS A 1 1 ? 6.842  -1.288 -3.814 1.00 45.23 ? 1 LYS A HB3  3  
ATOM 298  H HG2  . LYS A 1 1 ? 8.707  -0.568 -2.852 1.00 41.32 ? 1 LYS A HG2  3  
ATOM 299  H HG3  . LYS A 1 1 ? 8.573  -1.748 -1.547 1.00 55.43 ? 1 LYS A HG3  3  
ATOM 300  H HD2  . LYS A 1 1 ? 10.586 -2.290 -2.611 1.00 42.33 ? 1 LYS A HD2  3  
ATOM 301  H HD3  . LYS A 1 1 ? 9.427  -3.455 -3.255 1.00 34.33 ? 1 LYS A HD3  3  
ATOM 302  H HE2  . LYS A 1 1 ? 9.273  -1.236 -4.946 1.00 65.43 ? 1 LYS A HE2  3  
ATOM 303  H HE3  . LYS A 1 1 ? 10.992 -1.465 -4.634 1.00 0.11  ? 1 LYS A HE3  3  
ATOM 304  H HZ1  . LYS A 1 1 ? 10.828 -2.953 -6.281 1.00 12.41 ? 1 LYS A HZ1  3  
ATOM 305  H HZ2  . LYS A 1 1 ? 9.151  -3.118 -6.128 1.00 4.13  ? 1 LYS A HZ2  3  
ATOM 306  H HZ3  . LYS A 1 1 ? 10.182 -3.976 -5.098 1.00 2.33  ? 1 LYS A HZ3  3  
ATOM 307  N N    . PHE A 1 2 ? 3.837  -2.965 -2.107 1.00 43.11 ? 2 PHE A N    3  
ATOM 308  C CA   . PHE A 1 2 ? 2.454  -2.923 -2.567 1.00 72.25 ? 2 PHE A CA   3  
ATOM 309  C C    . PHE A 1 2 ? 1.529  -2.413 -1.465 1.00 0.44  ? 2 PHE A C    3  
ATOM 310  O O    . PHE A 1 2 ? 0.398  -2.875 -1.325 1.00 0.24  ? 2 PHE A O    3  
ATOM 311  C CB   . PHE A 1 2 ? 2.004  -4.311 -3.023 1.00 25.44 ? 2 PHE A CB   3  
ATOM 312  C CG   . PHE A 1 2 ? 2.872  -4.900 -4.098 1.00 43.14 ? 2 PHE A CG   3  
ATOM 313  C CD1  . PHE A 1 2 ? 2.705  -4.529 -5.423 1.00 43.13 ? 2 PHE A CD1  3  
ATOM 314  C CD2  . PHE A 1 2 ? 3.856  -5.824 -3.785 1.00 4.21  ? 2 PHE A CD2  3  
ATOM 315  C CE1  . PHE A 1 2 ? 3.502  -5.070 -6.414 1.00 44.15 ? 2 PHE A CE1  3  
ATOM 316  C CE2  . PHE A 1 2 ? 4.656  -6.367 -4.772 1.00 52.21 ? 2 PHE A CE2  3  
ATOM 317  C CZ   . PHE A 1 2 ? 4.480  -5.988 -6.089 1.00 71.41 ? 2 PHE A CZ   3  
ATOM 318  H H    . PHE A 1 2 ? 4.081  -3.576 -1.380 1.00 4.42  ? 2 PHE A H    3  
ATOM 319  H HA   . PHE A 1 2 ? 2.404  -2.245 -3.405 1.00 74.02 ? 2 PHE A HA   3  
ATOM 320  H HB2  . PHE A 1 2 ? 2.022  -4.985 -2.178 1.00 42.43 ? 2 PHE A HB2  3  
ATOM 321  H HB3  . PHE A 1 2 ? 0.996  -4.248 -3.406 1.00 11.32 ? 2 PHE A HB3  3  
ATOM 322  H HD1  . PHE A 1 2 ? 1.941  -3.809 -5.679 1.00 70.12 ? 2 PHE A HD1  3  
ATOM 323  H HD2  . PHE A 1 2 ? 3.995  -6.121 -2.755 1.00 0.31  ? 2 PHE A HD2  3  
ATOM 324  H HE1  . PHE A 1 2 ? 3.361  -4.771 -7.443 1.00 11.45 ? 2 PHE A HE1  3  
ATOM 325  H HE2  . PHE A 1 2 ? 5.420  -7.086 -4.514 1.00 13.33 ? 2 PHE A HE2  3  
ATOM 326  H HZ   . PHE A 1 2 ? 5.104  -6.412 -6.861 1.00 71.54 ? 2 PHE A HZ   3  
ATOM 327  N N    . GLY A 1 3 ? 2.021  -1.456 -0.683 1.00 14.41 ? 3 GLY A N    3  
ATOM 328  C CA   . GLY A 1 3 ? 1.228  -0.900 0.397  1.00 51.52 ? 3 GLY A CA   3  
ATOM 329  C C    . GLY A 1 3 ? 0.758  0.511  0.102  1.00 70.43 ? 3 GLY A C    3  
ATOM 330  O O    . GLY A 1 3 ? 0.504  1.293  1.019  1.00 71.23 ? 3 GLY A O    3  
ATOM 331  H H    . GLY A 1 3 ? 2.931  -1.126 -0.841 1.00 23.13 ? 3 GLY A H    3  
ATOM 332  H HA2  . GLY A 1 3 ? 0.366  -1.529 0.557  1.00 14.04 ? 3 GLY A HA2  3  
ATOM 333  H HA3  . GLY A 1 3 ? 1.825  -0.887 1.297  1.00 73.11 ? 3 GLY A HA3  3  
ATOM 334  N N    . LYS A 1 4 ? 0.640  0.839  -1.180 1.00 22.24 ? 4 LYS A N    3  
ATOM 335  C CA   . LYS A 1 4 ? 0.196  2.164  -1.594 1.00 55.54 ? 4 LYS A CA   3  
ATOM 336  C C    . LYS A 1 4 ? -1.311 2.313  -1.419 1.00 31.12 ? 4 LYS A C    3  
ATOM 337  O O    . LYS A 1 4 ? -1.817 3.419  -1.235 1.00 62.43 ? 4 LYS A O    3  
ATOM 338  C CB   . LYS A 1 4 ? 0.578  2.419  -3.054 1.00 11.51 ? 4 LYS A CB   3  
ATOM 339  C CG   . LYS A 1 4 ? -0.152 3.596  -3.677 1.00 22.41 ? 4 LYS A CG   3  
ATOM 340  C CD   . LYS A 1 4 ? -1.340 3.138  -4.507 1.00 71.03 ? 4 LYS A CD   3  
ATOM 341  C CE   . LYS A 1 4 ? -2.549 4.036  -4.290 1.00 62.01 ? 4 LYS A CE   3  
ATOM 342  N NZ   . LYS A 1 4 ? -2.347 5.390  -4.876 1.00 44.22 ? 4 LYS A NZ   3  
ATOM 343  H H    . LYS A 1 4 ? 0.857  0.171  -1.866 1.00 35.34 ? 4 LYS A H    3  
ATOM 344  H HA   . LYS A 1 4 ? 0.693  2.891  -0.968 1.00 43.01 ? 4 LYS A HA   3  
ATOM 345  H HB2  . LYS A 1 4 ? 1.640  2.612  -3.107 1.00 11.41 ? 4 LYS A HB2  3  
ATOM 346  H HB3  . LYS A 1 4 ? 0.352  1.535  -3.633 1.00 54.30 ? 4 LYS A HB3  3  
ATOM 347  H HG2  . LYS A 1 4 ? -0.505 4.246  -2.891 1.00 11.31 ? 4 LYS A HG2  3  
ATOM 348  H HG3  . LYS A 1 4 ? 0.533  4.138  -4.314 1.00 22.25 ? 4 LYS A HG3  3  
ATOM 349  H HD2  . LYS A 1 4 ? -1.070 3.164  -5.552 1.00 74.22 ? 4 LYS A HD2  3  
ATOM 350  H HD3  . LYS A 1 4 ? -1.598 2.128  -4.224 1.00 13.14 ? 4 LYS A HD3  3  
ATOM 351  H HE2  . LYS A 1 4 ? -3.409 3.577  -4.755 1.00 34.15 ? 4 LYS A HE2  3  
ATOM 352  H HE3  . LYS A 1 4 ? -2.723 4.134  -3.230 1.00 34.11 ? 4 LYS A HE3  3  
ATOM 353  H HZ1  . LYS A 1 4 ? -3.261 5.875  -4.980 1.00 34.10 ? 4 LYS A HZ1  3  
ATOM 354  H HZ2  . LYS A 1 4 ? -1.901 5.310  -5.812 1.00 43.40 ? 4 LYS A HZ2  3  
ATOM 355  H HZ3  . LYS A 1 4 ? -1.733 5.958  -4.259 1.00 41.41 ? 4 LYS A HZ3  3  
ATOM 356  N N    . ASN A 1 5 ? -2.022 1.192  -1.475 1.00 21.10 ? 5 ASN A N    3  
ATOM 357  C CA   . ASN A 1 5 ? -3.473 1.198  -1.321 1.00 42.50 ? 5 ASN A CA   3  
ATOM 358  C C    . ASN A 1 5 ? -3.878 0.634  0.037  1.00 64.12 ? 5 ASN A C    3  
ATOM 359  O O    . ASN A 1 5 ? -4.958 0.062  0.186  1.00 22.45 ? 5 ASN A O    3  
ATOM 360  C CB   . ASN A 1 5 ? -4.128 0.386  -2.441 1.00 73.21 ? 5 ASN A CB   3  
ATOM 361  C CG   . ASN A 1 5 ? -3.803 -1.092 -2.348 1.00 21.21 ? 5 ASN A CG   3  
ATOM 362  O OD1  . ASN A 1 5 ? -2.640 -1.489 -2.418 1.00 72.13 ? 5 ASN A OD1  3  
ATOM 363  N ND2  . ASN A 1 5 ? -4.834 -1.916 -2.192 1.00 33.11 ? 5 ASN A ND2  3  
ATOM 364  H H    . ASN A 1 5 ? -1.561 0.340  -1.624 1.00 31.52 ? 5 ASN A H    3  
ATOM 365  H HA   . ASN A 1 5 ? -3.808 2.223  -1.388 1.00 33.43 ? 5 ASN A HA   3  
ATOM 366  H HB2  . ASN A 1 5 ? -5.201 0.503  -2.380 1.00 51.52 ? 5 ASN A HB2  3  
ATOM 367  H HB3  . ASN A 1 5 ? -3.783 0.754  -3.394 1.00 63.02 ? 5 ASN A HB3  3  
ATOM 368  H HD21 . ASN A 1 5 ? -5.733 -1.529 -2.144 1.00 40.04 ? 5 ASN A HD21 3  
ATOM 369  H HD22 . ASN A 1 5 ? -4.652 -2.877 -2.128 1.00 41.23 ? 5 ASN A HD22 3  
ATOM 370  N N    . LYS A 1 6 ? -3.006 0.801  1.025  1.00 11.30 ? 6 LYS A N    3  
ATOM 371  C CA   . LYS A 1 6 ? -3.272 0.311  2.372  1.00 33.04 ? 6 LYS A CA   3  
ATOM 372  C C    . LYS A 1 6 ? -3.443 1.470  3.349  1.00 1.42  ? 6 LYS A C    3  
ATOM 373  O O    . LYS A 1 6 ? -4.499 1.628  3.961  1.00 35.32 ? 6 LYS A O    3  
ATOM 374  C CB   . LYS A 1 6 ? -2.135 -0.600 2.840  1.00 23.11 ? 6 LYS A CB   3  
ATOM 375  C CG   . LYS A 1 6 ? -1.866 -1.765 1.902  1.00 13.14 ? 6 LYS A CG   3  
ATOM 376  C CD   . LYS A 1 6 ? -3.032 -2.740 1.875  1.00 41.41 ? 6 LYS A CD   3  
ATOM 377  C CE   . LYS A 1 6 ? -2.596 -4.116 1.395  1.00 62.23 ? 6 LYS A CE   3  
ATOM 378  N NZ   . LYS A 1 6 ? -3.744 -4.913 0.879  1.00 53.44 ? 6 LYS A NZ   3  
ATOM 379  H H    . LYS A 1 6 ? -2.162 1.266  0.843  1.00 74.03 ? 6 LYS A H    3  
ATOM 380  H HA   . LYS A 1 6 ? -4.189 -0.257 2.343  1.00 32.45 ? 6 LYS A HA   3  
ATOM 381  H HB2  . LYS A 1 6 ? -1.231 -0.015 2.921  1.00 32.14 ? 6 LYS A HB2  3  
ATOM 382  H HB3  . LYS A 1 6 ? -2.386 -0.999 3.812  1.00 73.04 ? 6 LYS A HB3  3  
ATOM 383  H HG2  . LYS A 1 6 ? -1.705 -1.385 0.905  1.00 74.14 ? 6 LYS A HG2  3  
ATOM 384  H HG3  . LYS A 1 6 ? -0.980 -2.287 2.237  1.00 34.32 ? 6 LYS A HG3  3  
ATOM 385  H HD2  . LYS A 1 6 ? -3.438 -2.830 2.871  1.00 23.22 ? 6 LYS A HD2  3  
ATOM 386  H HD3  . LYS A 1 6 ? -3.791 -2.359 1.206  1.00 33.25 ? 6 LYS A HD3  3  
ATOM 387  H HE2  . LYS A 1 6 ? -1.869 -3.995 0.606  1.00 20.42 ? 6 LYS A HE2  3  
ATOM 388  H HE3  . LYS A 1 6 ? -2.145 -4.644 2.221  1.00 34.14 ? 6 LYS A HE3  3  
ATOM 389  H HZ1  . LYS A 1 6 ? -4.127 -5.518 1.633  1.00 40.12 ? 6 LYS A HZ1  3  
ATOM 390  H HZ2  . LYS A 1 6 ? -3.434 -5.514 0.089  1.00 60.20 ? 6 LYS A HZ2  3  
ATOM 391  H HZ3  . LYS A 1 6 ? -4.497 -4.278 0.543  1.00 14.44 ? 6 LYS A HZ3  3  
ATOM 392  N N    . SER A 1 7 ? -2.397 2.279  3.488  1.00 41.03 ? 7 SER A N    3  
ATOM 393  C CA   . SER A 1 7 ? -2.431 3.423  4.392  1.00 32.55 ? 7 SER A CA   3  
ATOM 394  C C    . SER A 1 7 ? -3.398 4.488  3.884  1.00 74.32 ? 7 SER A C    3  
ATOM 395  O O    . SER A 1 7 ? -3.984 5.235  4.669  1.00 71.33 ? 7 SER A O    3  
ATOM 396  C CB   . SER A 1 7 ? -1.031 4.020  4.546  1.00 65.22 ? 7 SER A CB   3  
ATOM 397  O OG   . SER A 1 7 ? -0.483 4.365  3.286  1.00 31.30 ? 7 SER A OG   3  
ATOM 398  H H    . SER A 1 7 ? -1.583 2.101  2.973  1.00 24.20 ? 7 SER A H    3  
ATOM 399  H HA   . SER A 1 7 ? -2.773 3.073  5.356  1.00 14.41 ? 7 SER A HA   3  
ATOM 400  H HB2  . SER A 1 7 ? -1.087 4.909  5.156  1.00 31.12 ? 7 SER A HB2  3  
ATOM 401  H HB3  . SER A 1 7 ? -0.385 3.297  5.021  1.00 33.21 ? 7 SER A HB3  3  
ATOM 402  H HG   . SER A 1 7 ? 0.347  3.899  3.159  1.00 33.31 ? 7 SER A HG   3  
ATOM 403  N N    . ARG A 1 8 ? -3.559 4.552  2.567  1.00 62.42 ? 8 ARG A N    3  
ATOM 404  C CA   . ARG A 1 8 ? -4.454 5.526  1.953  1.00 15.33 ? 8 ARG A CA   3  
ATOM 405  C C    . ARG A 1 8 ? -5.696 4.844  1.391  1.00 64.45 ? 8 ARG A C    3  
ATOM 406  O O    . ARG A 1 8 ? -6.500 5.469  0.697  1.00 22.01 ? 8 ARG A O    3  
ATOM 407  C CB   . ARG A 1 8 ? -3.728 6.286  0.841  1.00 73.34 ? 8 ARG A CB   3  
ATOM 408  C CG   . ARG A 1 8 ? -2.539 7.096  1.332  1.00 11.01 ? 8 ARG A CG   3  
ATOM 409  C CD   . ARG A 1 8 ? -1.246 6.637  0.679  1.00 2.25  ? 8 ARG A CD   3  
ATOM 410  N NE   . ARG A 1 8 ? -0.081 7.329  1.224  1.00 12.43 ? 8 ARG A NE   3  
ATOM 411  C CZ   . ARG A 1 8 ? 1.171  6.935  1.020  1.00 13.32 ? 8 ARG A CZ   3  
ATOM 412  N NH1  . ARG A 1 8 ? 1.420  5.859  0.285  1.00 62.23 ? 8 ARG A NH1  3  
ATOM 413  N NH2  . ARG A 1 8 ? 2.178  7.617  1.550  1.00 31.23 ? 8 ARG A NH2  3  
ATOM 414  H H    . ARG A 1 8 ? -3.065 3.930  1.994  1.00 60.12 ? 8 ARG A H    3  
ATOM 415  H HA   . ARG A 1 8 ? -4.757 6.227  2.718  1.00 24.23 ? 8 ARG A HA   3  
ATOM 416  H HB2  . ARG A 1 8 ? -3.375 5.577  0.108  1.00 21.11 ? 8 ARG A HB2  3  
ATOM 417  H HB3  . ARG A 1 8 ? -4.426 6.962  0.370  1.00 61.11 ? 8 ARG A HB3  3  
ATOM 418  H HG2  . ARG A 1 8 ? -2.700 8.136  1.094  1.00 74.23 ? 8 ARG A HG2  3  
ATOM 419  H HG3  . ARG A 1 8 ? -2.453 6.978  2.402  1.00 75.52 ? 8 ARG A HG3  3  
ATOM 420  H HD2  . ARG A 1 8 ? -1.131 5.576  0.843  1.00 43.54 ? 8 ARG A HD2  3  
ATOM 421  H HD3  . ARG A 1 8 ? -1.305 6.833  -0.382 1.00 0.34  ? 8 ARG A HD3  3  
ATOM 422  H HE   . ARG A 1 8 ? -0.241 8.126  1.770  1.00 74.45 ? 8 ARG A HE   3  
ATOM 423  H HH11 . ARG A 1 8 ? 0.663  5.343  -0.117 1.00 54.23 ? 8 ARG A HH11 3  
ATOM 424  H HH12 . ARG A 1 8 ? 2.363  5.565  0.132  1.00 61.14 ? 8 ARG A HH12 3  
ATOM 425  H HH21 . ARG A 1 8 ? 1.995  8.428  2.105  1.00 63.42 ? 8 ARG A HH21 3  
ATOM 426  H HH22 . ARG A 1 8 ? 3.120  7.319  1.396  1.00 70.22 ? 8 ARG A HH22 3  
ATOM 427  N N    . LYS A 1 1 ? 5.604  -3.789 -3.858 1.00 23.32 ? 1 LYS A N    4  
ATOM 428  C CA   . LYS A 1 1 ? 4.807  -2.570 -3.787 1.00 71.30 ? 1 LYS A CA   4  
ATOM 429  C C    . LYS A 1 1 ? 3.337  -2.865 -4.067 1.00 34.45 ? 1 LYS A C    4  
ATOM 430  O O    . LYS A 1 1 ? 2.679  -2.140 -4.812 1.00 44.32 ? 1 LYS A O    4  
ATOM 431  C CB   . LYS A 1 1 ? 5.329  -1.535 -4.785 1.00 4.51  ? 1 LYS A CB   4  
ATOM 432  C CG   . LYS A 1 1 ? 6.588  -0.823 -4.320 1.00 63.32 ? 1 LYS A CG   4  
ATOM 433  C CD   . LYS A 1 1 ? 7.691  -0.903 -5.362 1.00 43.13 ? 1 LYS A CD   4  
ATOM 434  C CE   . LYS A 1 1 ? 8.927  -0.133 -4.925 1.00 34.24 ? 1 LYS A CE   4  
ATOM 435  N NZ   . LYS A 1 1 ? 9.810  -0.953 -4.049 1.00 22.34 ? 1 LYS A NZ   4  
ATOM 436  H H1   . LYS A 1 1 ? 5.166  -4.634 -4.095 1.00 50.22 ? 1 LYS A H1   4  
ATOM 437  H HA   . LYS A 1 1 ? 4.898  -2.173 -2.788 1.00 72.04 ? 1 LYS A HA   4  
ATOM 438  H HB2  . LYS A 1 1 ? 5.545  -2.031 -5.720 1.00 4.14  ? 1 LYS A HB2  4  
ATOM 439  H HB3  . LYS A 1 1 ? 4.561  -0.793 -4.951 1.00 43.21 ? 1 LYS A HB3  4  
ATOM 440  H HG2  . LYS A 1 1 ? 6.356  0.216  -4.136 1.00 3.21  ? 1 LYS A HG2  4  
ATOM 441  H HG3  . LYS A 1 1 ? 6.934  -1.284 -3.407 1.00 53.41 ? 1 LYS A HG3  4  
ATOM 442  H HD2  . LYS A 1 1 ? 7.959  -1.938 -5.512 1.00 12.03 ? 1 LYS A HD2  4  
ATOM 443  H HD3  . LYS A 1 1 ? 7.327  -0.486 -6.291 1.00 41.43 ? 1 LYS A HD3  4  
ATOM 444  H HE2  . LYS A 1 1 ? 9.481  0.162  -5.803 1.00 52.34 ? 1 LYS A HE2  4  
ATOM 445  H HE3  . LYS A 1 1 ? 8.614  0.747  -4.383 1.00 51.52 ? 1 LYS A HE3  4  
ATOM 446  H HZ1  . LYS A 1 1 ? 9.668  -0.691 -3.053 1.00 2.24  ? 1 LYS A HZ1  4  
ATOM 447  H HZ2  . LYS A 1 1 ? 10.808 -0.796 -4.300 1.00 62.23 ? 1 LYS A HZ2  4  
ATOM 448  H HZ3  . LYS A 1 1 ? 9.590  -1.964 -4.166 1.00 55.53 ? 1 LYS A HZ3  4  
ATOM 449  N N    . PHE A 1 2 ? 2.827  -3.933 -3.462 1.00 24.23 ? 2 PHE A N    4  
ATOM 450  C CA   . PHE A 1 2 ? 1.434  -4.323 -3.647 1.00 62.11 ? 2 PHE A CA   4  
ATOM 451  C C    . PHE A 1 2 ? 0.565  -3.796 -2.508 1.00 15.54 ? 2 PHE A C    4  
ATOM 452  O O    . PHE A 1 2 ? -0.633 -3.577 -2.675 1.00 2.44  ? 2 PHE A O    4  
ATOM 453  C CB   . PHE A 1 2 ? 1.314  -5.847 -3.730 1.00 13.55 ? 2 PHE A CB   4  
ATOM 454  C CG   . PHE A 1 2 ? 1.990  -6.435 -4.936 1.00 23.42 ? 2 PHE A CG   4  
ATOM 455  C CD1  . PHE A 1 2 ? 1.320  -6.529 -6.145 1.00 54.32 ? 2 PHE A CD1  4  
ATOM 456  C CD2  . PHE A 1 2 ? 3.295  -6.895 -4.861 1.00 74.21 ? 2 PHE A CD2  4  
ATOM 457  C CE1  . PHE A 1 2 ? 1.939  -7.071 -7.256 1.00 54.15 ? 2 PHE A CE1  4  
ATOM 458  C CE2  . PHE A 1 2 ? 3.920  -7.438 -5.968 1.00 72.35 ? 2 PHE A CE2  4  
ATOM 459  C CZ   . PHE A 1 2 ? 3.240  -7.524 -7.168 1.00 11.34 ? 2 PHE A CZ   4  
ATOM 460  H H    . PHE A 1 2 ? 3.401  -4.473 -2.880 1.00 52.02 ? 2 PHE A H    4  
ATOM 461  H HA   . PHE A 1 2 ? 1.089  -3.893 -4.575 1.00 34.23 ? 2 PHE A HA   4  
ATOM 462  H HB2  . PHE A 1 2 ? 1.765  -6.284 -2.852 1.00 2.55  ? 2 PHE A HB2  4  
ATOM 463  H HB3  . PHE A 1 2 ? 0.271  -6.118 -3.768 1.00 53.22 ? 2 PHE A HB3  4  
ATOM 464  H HD1  . PHE A 1 2 ? 0.303  -6.173 -6.216 1.00 64.32 ? 2 PHE A HD1  4  
ATOM 465  H HD2  . PHE A 1 2 ? 3.828  -6.827 -3.922 1.00 63.11 ? 2 PHE A HD2  4  
ATOM 466  H HE1  . PHE A 1 2 ? 1.406  -7.136 -8.193 1.00 21.34 ? 2 PHE A HE1  4  
ATOM 467  H HE2  . PHE A 1 2 ? 4.937  -7.791 -5.896 1.00 31.35 ? 2 PHE A HE2  4  
ATOM 468  H HZ   . PHE A 1 2 ? 3.725  -7.948 -8.034 1.00 15.23 ? 2 PHE A HZ   4  
ATOM 469  N N    . GLY A 1 3 ? 1.182  -3.596 -1.346 1.00 42.23 ? 3 GLY A N    4  
ATOM 470  C CA   . GLY A 1 3 ? 0.452  -3.097 -0.195 1.00 64.12 ? 3 GLY A CA   4  
ATOM 471  C C    . GLY A 1 3 ? 0.824  -1.669 0.153  1.00 30.23 ? 3 GLY A C    4  
ATOM 472  O O    . GLY A 1 3 ? 0.709  -1.254 1.306  1.00 12.23 ? 3 GLY A O    4  
ATOM 473  H H    . GLY A 1 3 ? 2.140  -3.788 -1.270 1.00 0.41  ? 3 GLY A H    4  
ATOM 474  H HA2  . GLY A 1 3 ? -0.606 -3.141 -0.408 1.00 53.11 ? 3 GLY A HA2  4  
ATOM 475  H HA3  . GLY A 1 3 ? 0.665  -3.730 0.654  1.00 64.21 ? 3 GLY A HA3  4  
ATOM 476  N N    . LYS A 1 4 ? 1.273  -0.916 -0.844 1.00 3.34  ? 4 LYS A N    4  
ATOM 477  C CA   . LYS A 1 4 ? 1.665  0.473  -0.639 1.00 45.31 ? 4 LYS A CA   4  
ATOM 478  C C    . LYS A 1 4 ? 0.439  1.372  -0.515 1.00 63.52 ? 4 LYS A C    4  
ATOM 479  O O    . LYS A 1 4 ? 0.491  2.425  0.117  1.00 61.30 ? 4 LYS A O    4  
ATOM 480  C CB   . LYS A 1 4 ? 2.547  0.952  -1.795 1.00 60.22 ? 4 LYS A CB   4  
ATOM 481  C CG   . LYS A 1 4 ? 2.694  2.462  -1.861 1.00 73.22 ? 4 LYS A CG   4  
ATOM 482  C CD   . LYS A 1 4 ? 1.750  3.070  -2.885 1.00 1.21  ? 4 LYS A CD   4  
ATOM 483  C CE   . LYS A 1 4 ? 1.122  4.356  -2.370 1.00 44.24 ? 4 LYS A CE   4  
ATOM 484  N NZ   . LYS A 1 4 ? 2.112  5.466  -2.291 1.00 22.54 ? 4 LYS A NZ   4  
ATOM 485  H H    . LYS A 1 4 ? 1.342  -1.304 -1.743 1.00 33.14 ? 4 LYS A H    4  
ATOM 486  H HA   . LYS A 1 4 ? 2.230  0.526  0.279  1.00 71.12 ? 4 LYS A HA   4  
ATOM 487  H HB2  . LYS A 1 4 ? 3.530  0.519  -1.684 1.00 52.24 ? 4 LYS A HB2  4  
ATOM 488  H HB3  . LYS A 1 4 ? 2.115  0.613  -2.726 1.00 32.02 ? 4 LYS A HB3  4  
ATOM 489  H HG2  . LYS A 1 4 ? 2.471  2.880  -0.890 1.00 2.12  ? 4 LYS A HG2  4  
ATOM 490  H HG3  . LYS A 1 4 ? 3.711  2.704  -2.134 1.00 11.22 ? 4 LYS A HG3  4  
ATOM 491  H HD2  . LYS A 1 4 ? 2.304  3.290  -3.787 1.00 54.13 ? 4 LYS A HD2  4  
ATOM 492  H HD3  . LYS A 1 4 ? 0.967  2.359  -3.106 1.00 43.54 ? 4 LYS A HD3  4  
ATOM 493  H HE2  . LYS A 1 4 ? 0.324  4.643  -3.038 1.00 55.43 ? 4 LYS A HE2  4  
ATOM 494  H HE3  . LYS A 1 4 ? 0.717  4.173  -1.385 1.00 54.31 ? 4 LYS A HE3  4  
ATOM 495  H HZ1  . LYS A 1 4 ? 1.634  6.381  -2.408 1.00 62.11 ? 4 LYS A HZ1  4  
ATOM 496  H HZ2  . LYS A 1 4 ? 2.826  5.360  -3.040 1.00 32.15 ? 4 LYS A HZ2  4  
ATOM 497  H HZ3  . LYS A 1 4 ? 2.590  5.452  -1.368 1.00 34.41 ? 4 LYS A HZ3  4  
ATOM 498  N N    . ASN A 1 5 ? -0.665 0.946  -1.122 1.00 54.11 ? 5 ASN A N    4  
ATOM 499  C CA   . ASN A 1 5 ? -1.905 1.712  -1.079 1.00 60.52 ? 5 ASN A CA   4  
ATOM 500  C C    . ASN A 1 5 ? -2.998 0.938  -0.348 1.00 14.23 ? 5 ASN A C    4  
ATOM 501  O O    . ASN A 1 5 ? -4.186 1.121  -0.611 1.00 35.44 ? 5 ASN A O    4  
ATOM 502  C CB   . ASN A 1 5 ? -2.368 2.054  -2.496 1.00 20.13 ? 5 ASN A CB   4  
ATOM 503  C CG   . ASN A 1 5 ? -2.682 0.817  -3.315 1.00 61.44 ? 5 ASN A CG   4  
ATOM 504  O OD1  . ASN A 1 5 ? -3.584 0.049  -2.978 1.00 44.43 ? 5 ASN A OD1  4  
ATOM 505  N ND2  . ASN A 1 5 ? -1.939 0.620  -4.397 1.00 25.31 ? 5 ASN A ND2  4  
ATOM 506  H H    . ASN A 1 5 ? -0.645 0.097  -1.611 1.00 1.32  ? 5 ASN A H    4  
ATOM 507  H HA   . ASN A 1 5 ? -1.709 2.629  -0.543 1.00 71.42 ? 5 ASN A HA   4  
ATOM 508  H HB2  . ASN A 1 5 ? -3.260 2.662  -2.440 1.00 0.22  ? 5 ASN A HB2  4  
ATOM 509  H HB3  . ASN A 1 5 ? -1.591 2.609  -2.999 1.00 2.33  ? 5 ASN A HB3  4  
ATOM 510  H HD21 . ASN A 1 5 ? -1.238 1.273  -4.604 1.00 21.22 ? 5 ASN A HD21 4  
ATOM 511  H HD22 . ASN A 1 5 ? -2.122 -0.173 -4.945 1.00 42.52 ? 5 ASN A HD22 4  
ATOM 512  N N    . LYS A 1 6 ? -2.587 0.071  0.573  1.00 41.40 ? 6 LYS A N    4  
ATOM 513  C CA   . LYS A 1 6 ? -3.529 -0.730 1.344  1.00 2.14  ? 6 LYS A CA   4  
ATOM 514  C C    . LYS A 1 6 ? -4.432 0.159  2.192  1.00 21.41 ? 6 LYS A C    4  
ATOM 515  O O    . LYS A 1 6 ? -5.553 -0.222 2.529  1.00 62.41 ? 6 LYS A O    4  
ATOM 516  C CB   . LYS A 1 6 ? -2.776 -1.716 2.241  1.00 53.44 ? 6 LYS A CB   4  
ATOM 517  C CG   . LYS A 1 6 ? -2.077 -1.055 3.418  1.00 42.03 ? 6 LYS A CG   4  
ATOM 518  C CD   . LYS A 1 6 ? -0.846 -1.836 3.845  1.00 22.01 ? 6 LYS A CD   4  
ATOM 519  C CE   . LYS A 1 6 ? -1.149 -2.753 5.021  1.00 15.43 ? 6 LYS A CE   4  
ATOM 520  N NZ   . LYS A 1 6 ? -0.733 -2.147 6.316  1.00 13.22 ? 6 LYS A NZ   4  
ATOM 521  H H    . LYS A 1 6 ? -1.625 -0.030 0.737  1.00 1.03  ? 6 LYS A H    4  
ATOM 522  H HA   . LYS A 1 6 ? -4.139 -1.285 0.648  1.00 32.30 ? 6 LYS A HA   4  
ATOM 523  H HB2  . LYS A 1 6 ? -3.477 -2.441 2.627  1.00 1.01  ? 6 LYS A HB2  4  
ATOM 524  H HB3  . LYS A 1 6 ? -2.031 -2.228 1.649  1.00 44.12 ? 6 LYS A HB3  4  
ATOM 525  H HG2  . LYS A 1 6 ? -1.776 -0.058 3.132  1.00 63.30 ? 6 LYS A HG2  4  
ATOM 526  H HG3  . LYS A 1 6 ? -2.765 -1.001 4.249  1.00 60.51 ? 6 LYS A HG3  4  
ATOM 527  H HD2  . LYS A 1 6 ? -0.505 -2.437 3.014  1.00 54.21 ? 6 LYS A HD2  4  
ATOM 528  H HD3  . LYS A 1 6 ? -0.071 -1.141 4.132  1.00 51.32 ? 6 LYS A HD3  4  
ATOM 529  H HE2  . LYS A 1 6 ? -2.210 -2.945 5.047  1.00 52.12 ? 6 LYS A HE2  4  
ATOM 530  H HE3  . LYS A 1 6 ? -0.618 -3.682 4.881  1.00 34.34 ? 6 LYS A HE3  4  
ATOM 531  H HZ1  . LYS A 1 6 ? -0.033 -1.396 6.152  1.00 62.53 ? 6 LYS A HZ1  4  
ATOM 532  H HZ2  . LYS A 1 6 ? -0.310 -2.873 6.930  1.00 12.53 ? 6 LYS A HZ2  4  
ATOM 533  H HZ3  . LYS A 1 6 ? -1.557 -1.739 6.801  1.00 32.01 ? 6 LYS A HZ3  4  
ATOM 534  N N    . SER A 1 7 ? -3.937 1.343  2.535  1.00 44.22 ? 7 SER A N    4  
ATOM 535  C CA   . SER A 1 7 ? -4.699 2.285  3.345  1.00 70.41 ? 7 SER A CA   4  
ATOM 536  C C    . SER A 1 7 ? -5.127 3.493  2.518  1.00 63.03 ? 7 SER A C    4  
ATOM 537  O O    . SER A 1 7 ? -6.133 4.139  2.814  1.00 35.12 ? 7 SER A O    4  
ATOM 538  C CB   . SER A 1 7 ? -3.871 2.744  4.547  1.00 13.35 ? 7 SER A CB   4  
ATOM 539  O OG   . SER A 1 7 ? -4.569 3.714  5.308  1.00 31.22 ? 7 SER A OG   4  
ATOM 540  H H    . SER A 1 7 ? -3.037 1.589  2.235  1.00 12.10 ? 7 SER A H    4  
ATOM 541  H HA   . SER A 1 7 ? -5.583 1.777  3.701  1.00 10.01 ? 7 SER A HA   4  
ATOM 542  H HB2  . SER A 1 7 ? -3.656 1.895  5.177  1.00 34.14 ? 7 SER A HB2  4  
ATOM 543  H HB3  . SER A 1 7 ? -2.945 3.177  4.197  1.00 12.23 ? 7 SER A HB3  4  
ATOM 544  H HG   . SER A 1 7 ? -4.182 4.578  5.159  1.00 52.51 ? 7 SER A HG   4  
ATOM 545  N N    . ARG A 1 8 ? -4.356 3.792  1.477  1.00 40.12 ? 8 ARG A N    4  
ATOM 546  C CA   . ARG A 1 8 ? -4.654 4.923  0.606  1.00 14.44 ? 8 ARG A CA   4  
ATOM 547  C C    . ARG A 1 8 ? -5.846 4.617  -0.294 1.00 73.43 ? 8 ARG A C    4  
ATOM 548  O O    . ARG A 1 8 ? -6.992 4.895  0.062  1.00 22.15 ? 8 ARG A O    4  
ATOM 549  C CB   . ARG A 1 8 ? -3.433 5.271  -0.248 1.00 43.31 ? 8 ARG A CB   4  
ATOM 550  C CG   . ARG A 1 8 ? -3.097 6.753  -0.255 1.00 54.43 ? 8 ARG A CG   4  
ATOM 551  C CD   . ARG A 1 8 ? -2.522 7.201  1.080  1.00 20.04 ? 8 ARG A CD   4  
ATOM 552  N NE   . ARG A 1 8 ? -1.166 7.726  0.944  1.00 11.13 ? 8 ARG A NE   4  
ATOM 553  C CZ   . ARG A 1 8 ? -0.882 8.887  0.364  1.00 30.20 ? 8 ARG A CZ   4  
ATOM 554  N NH1  . ARG A 1 8 ? -1.855 9.640  -0.129 1.00 43.34 ? 8 ARG A NH1  4  
ATOM 555  N NH2  . ARG A 1 8 ? 0.377  9.296  0.279  1.00 52.42 ? 8 ARG A NH2  4  
ATOM 556  H H    . ARG A 1 8 ? -3.568 3.240  1.291  1.00 74.33 ? 8 ARG A H    4  
ATOM 557  H HA   . ARG A 1 8 ? -4.897 5.769  1.232  1.00 51.43 ? 8 ARG A HA   4  
ATOM 558  H HB2  . ARG A 1 8 ? -2.577 4.733  0.131  1.00 31.41 ? 8 ARG A HB2  4  
ATOM 559  H HB3  . ARG A 1 8 ? -3.621 4.961  -1.265 1.00 54.22 ? 8 ARG A HB3  4  
ATOM 560  H HG2  . ARG A 1 8 ? -2.369 6.945  -1.030 1.00 30.21 ? 8 ARG A HG2  4  
ATOM 561  H HG3  . ARG A 1 8 ? -3.996 7.316  -0.457 1.00 53.20 ? 8 ARG A HG3  4  
ATOM 562  H HD2  . ARG A 1 8 ? -3.157 7.972  1.490  1.00 4.41  ? 8 ARG A HD2  4  
ATOM 563  H HD3  . ARG A 1 8 ? -2.505 6.355  1.750  1.00 32.40 ? 8 ARG A HD3  4  
ATOM 564  H HE   . ARG A 1 8 ? -0.432 7.185  1.301  1.00 33.42 ? 8 ARG A HE   4  
ATOM 565  H HH11 . ARG A 1 8 ? -2.805 9.335  -0.066 1.00 33.22 ? 8 ARG A HH11 4  
ATOM 566  H HH12 . ARG A 1 8 ? -1.639 10.515 -0.564 1.00 12.24 ? 8 ARG A HH12 4  
ATOM 567  H HH21 . ARG A 1 8 ? 1.112  8.731  0.650  1.00 53.51 ? 8 ARG A HH21 4  
ATOM 568  H HH22 . ARG A 1 8 ? 0.589  10.170 -0.158 1.00 13.41 ? 8 ARG A HH22 4  
ATOM 569  N N    . LYS A 1 1 ? 4.847  -4.105 -4.606 1.00 31.11 ? 1 LYS A N    5  
ATOM 570  C CA   . LYS A 1 1 ? 4.833  -3.060 -3.588 1.00 22.33 ? 1 LYS A CA   5  
ATOM 571  C C    . LYS A 1 1 ? 3.414  -2.559 -3.341 1.00 24.01 ? 1 LYS A C    5  
ATOM 572  O O    . LYS A 1 1 ? 3.211  -1.418 -2.927 1.00 31.41 ? 1 LYS A O    5  
ATOM 573  C CB   . LYS A 1 1 ? 5.730  -1.896 -4.012 1.00 53.31 ? 1 LYS A CB   5  
ATOM 574  C CG   . LYS A 1 1 ? 5.371  -1.313 -5.367 1.00 45.43 ? 1 LYS A CG   5  
ATOM 575  C CD   . LYS A 1 1 ? 4.711  0.049  -5.232 1.00 0.41  ? 1 LYS A CD   5  
ATOM 576  C CE   . LYS A 1 1 ? 5.629  1.163  -5.714 1.00 24.33 ? 1 LYS A CE   5  
ATOM 577  N NZ   . LYS A 1 1 ? 6.831  1.305  -4.847 1.00 22.03 ? 1 LYS A NZ   5  
ATOM 578  H H1   . LYS A 1 1 ? 4.480  -3.911 -5.494 1.00 61.42 ? 1 LYS A H1   5  
ATOM 579  H HA   . LYS A 1 1 ? 5.217  -3.485 -2.673 1.00 33.02 ? 1 LYS A HA   5  
ATOM 580  H HB2  . LYS A 1 1 ? 5.653  -1.111 -3.274 1.00 11.40 ? 1 LYS A HB2  5  
ATOM 581  H HB3  . LYS A 1 1 ? 6.753  -2.241 -4.051 1.00 11.30 ? 1 LYS A HB3  5  
ATOM 582  H HG2  . LYS A 1 1 ? 6.271  -1.208 -5.955 1.00 15.41 ? 1 LYS A HG2  5  
ATOM 583  H HG3  . LYS A 1 1 ? 4.689  -1.985 -5.869 1.00 2.13  ? 1 LYS A HG3  5  
ATOM 584  H HD2  . LYS A 1 1 ? 3.808  0.063  -5.823 1.00 24.41 ? 1 LYS A HD2  5  
ATOM 585  H HD3  . LYS A 1 1 ? 4.467  0.219  -4.194 1.00 33.11 ? 1 LYS A HD3  5  
ATOM 586  H HE2  . LYS A 1 1 ? 5.946  0.940  -6.721 1.00 75.55 ? 1 LYS A HE2  5  
ATOM 587  H HE3  . LYS A 1 1 ? 5.079  2.092  -5.707 1.00 61.02 ? 1 LYS A HE3  5  
ATOM 588  H HZ1  . LYS A 1 1 ? 7.583  1.809  -5.359 1.00 32.43 ? 1 LYS A HZ1  5  
ATOM 589  H HZ2  . LYS A 1 1 ? 7.184  0.366  -4.569 1.00 73.44 ? 1 LYS A HZ2  5  
ATOM 590  H HZ3  . LYS A 1 1 ? 6.591  1.840  -3.988 1.00 11.31 ? 1 LYS A HZ3  5  
ATOM 591  N N    . PHE A 1 2 ? 2.435  -3.420 -3.598 1.00 60.11 ? 2 PHE A N    5  
ATOM 592  C CA   . PHE A 1 2 ? 1.033  -3.065 -3.403 1.00 14.42 ? 2 PHE A CA   5  
ATOM 593  C C    . PHE A 1 2 ? 0.665  -3.100 -1.922 1.00 22.35 ? 2 PHE A C    5  
ATOM 594  O O    . PHE A 1 2 ? -0.189 -2.341 -1.465 1.00 11.40 ? 2 PHE A O    5  
ATOM 595  C CB   . PHE A 1 2 ? 0.130  -4.017 -4.188 1.00 33.42 ? 2 PHE A CB   5  
ATOM 596  C CG   . PHE A 1 2 ? -0.176 -3.542 -5.579 1.00 23.14 ? 2 PHE A CG   5  
ATOM 597  C CD1  . PHE A 1 2 ? -1.043 -2.483 -5.790 1.00 51.04 ? 2 PHE A CD1  5  
ATOM 598  C CD2  . PHE A 1 2 ? 0.405  -4.155 -6.678 1.00 22.43 ? 2 PHE A CD2  5  
ATOM 599  C CE1  . PHE A 1 2 ? -1.326 -2.045 -7.069 1.00 63.32 ? 2 PHE A CE1  5  
ATOM 600  C CE2  . PHE A 1 2 ? 0.126  -3.722 -7.960 1.00 43.43 ? 2 PHE A CE2  5  
ATOM 601  C CZ   . PHE A 1 2 ? -0.741 -2.664 -8.156 1.00 12.24 ? 2 PHE A CZ   5  
ATOM 602  H H    . PHE A 1 2 ? 2.659  -4.316 -3.927 1.00 31.24 ? 2 PHE A H    5  
ATOM 603  H HA   . PHE A 1 2 ? 0.892  -2.061 -3.773 1.00 14.25 ? 2 PHE A HA   5  
ATOM 604  H HB2  . PHE A 1 2 ? 0.613  -4.980 -4.265 1.00 71.11 ? 2 PHE A HB2  5  
ATOM 605  H HB3  . PHE A 1 2 ? -0.806 -4.130 -3.661 1.00 62.04 ? 2 PHE A HB3  5  
ATOM 606  H HD1  . PHE A 1 2 ? -1.503 -1.997 -4.941 1.00 0.55  ? 2 PHE A HD1  5  
ATOM 607  H HD2  . PHE A 1 2 ? 1.084  -4.983 -6.526 1.00 24.23 ? 2 PHE A HD2  5  
ATOM 608  H HE1  . PHE A 1 2 ? -2.004 -1.217 -7.219 1.00 62.40 ? 2 PHE A HE1  5  
ATOM 609  H HE2  . PHE A 1 2 ? 0.586  -4.207 -8.807 1.00 25.24 ? 2 PHE A HE2  5  
ATOM 610  H HZ   . PHE A 1 2 ? -0.961 -2.324 -9.157 1.00 73.13 ? 2 PHE A HZ   5  
ATOM 611  N N    . GLY A 1 3 ? 1.314  -3.990 -1.177 1.00 50.45 ? 3 GLY A N    5  
ATOM 612  C CA   . GLY A 1 3 ? 1.041  -4.109 0.243  1.00 43.21 ? 3 GLY A CA   5  
ATOM 613  C C    . GLY A 1 3 ? 1.422  -2.860 1.013  1.00 71.51 ? 3 GLY A C    5  
ATOM 614  O O    . GLY A 1 3 ? 0.889  -2.601 2.093  1.00 31.12 ? 3 GLY A O    5  
ATOM 615  H H    . GLY A 1 3 ? 1.984  -4.570 -1.596 1.00 34.13 ? 3 GLY A H    5  
ATOM 616  H HA2  . GLY A 1 3 ? -0.013 -4.298 0.381  1.00 60.24 ? 3 GLY A HA2  5  
ATOM 617  H HA3  . GLY A 1 3 ? 1.600  -4.945 0.637  1.00 63.12 ? 3 GLY A HA3  5  
ATOM 618  N N    . LYS A 1 4 ? 2.348  -2.085 0.460  1.00 25.43 ? 4 LYS A N    5  
ATOM 619  C CA   . LYS A 1 4 ? 2.801  -0.857 1.101  1.00 20.12 ? 4 LYS A CA   5  
ATOM 620  C C    . LYS A 1 4 ? 1.771  0.255  0.935  1.00 53.13 ? 4 LYS A C    5  
ATOM 621  O O    . LYS A 1 4 ? 1.695  1.171  1.754  1.00 73.30 ? 4 LYS A O    5  
ATOM 622  C CB   . LYS A 1 4 ? 4.143  -0.415 0.514  1.00 24.03 ? 4 LYS A CB   5  
ATOM 623  C CG   . LYS A 1 4 ? 4.509  1.022  0.843  1.00 31.32 ? 4 LYS A CG   5  
ATOM 624  C CD   . LYS A 1 4 ? 4.175  1.959  -0.305 1.00 51.12 ? 4 LYS A CD   5  
ATOM 625  C CE   . LYS A 1 4 ? 5.427  2.606  -0.878 1.00 23.53 ? 4 LYS A CE   5  
ATOM 626  N NZ   . LYS A 1 4 ? 6.076  3.522  0.101  1.00 61.01 ? 4 LYS A NZ   5  
ATOM 627  H H    . LYS A 1 4 ? 2.736  -2.345 -0.403 1.00 73.30 ? 4 LYS A H    5  
ATOM 628  H HA   . LYS A 1 4 ? 2.928  -1.059 2.154  1.00 23.04 ? 4 LYS A HA   5  
ATOM 629  H HB2  . LYS A 1 4 ? 4.920  -1.060 0.899  1.00 44.31 ? 4 LYS A HB2  5  
ATOM 630  H HB3  . LYS A 1 4 ? 4.103  -0.517 -0.562 1.00 71.32 ? 4 LYS A HB3  5  
ATOM 631  H HG2  . LYS A 1 4 ? 3.958  1.332  1.718  1.00 34.51 ? 4 LYS A HG2  5  
ATOM 632  H HG3  . LYS A 1 4 ? 5.569  1.077  1.044  1.00 32.45 ? 4 LYS A HG3  5  
ATOM 633  H HD2  . LYS A 1 4 ? 3.685  1.398  -1.086 1.00 25.35 ? 4 LYS A HD2  5  
ATOM 634  H HD3  . LYS A 1 4 ? 3.513  2.733  0.054  1.00 71.32 ? 4 LYS A HD3  5  
ATOM 635  H HE2  . LYS A 1 4 ? 6.126  1.829  -1.150 1.00 74.32 ? 4 LYS A HE2  5  
ATOM 636  H HE3  . LYS A 1 4 ? 5.155  3.168  -1.759 1.00 54.02 ? 4 LYS A HE3  5  
ATOM 637  H HZ1  . LYS A 1 4 ? 6.520  4.320  -0.396 1.00 70.01 ? 4 LYS A HZ1  5  
ATOM 638  H HZ2  . LYS A 1 4 ? 6.806  3.012  0.637  1.00 0.24  ? 4 LYS A HZ2  5  
ATOM 639  H HZ3  . LYS A 1 4 ? 5.368  3.892  0.766  1.00 12.11 ? 4 LYS A HZ3  5  
ATOM 640  N N    . ASN A 1 5 ? 0.980  0.170  -0.129 1.00 24.42 ? 5 ASN A N    5  
ATOM 641  C CA   . ASN A 1 5 ? -0.047 1.168  -0.401 1.00 43.55 ? 5 ASN A CA   5  
ATOM 642  C C    . ASN A 1 5 ? -1.432 0.637  -0.044 1.00 53.53 ? 5 ASN A C    5  
ATOM 643  O O    . ASN A 1 5 ? -2.438 1.068  -0.606 1.00 60.13 ? 5 ASN A O    5  
ATOM 644  C CB   . ASN A 1 5 ? -0.010 1.579  -1.875 1.00 22.12 ? 5 ASN A CB   5  
ATOM 645  C CG   . ASN A 1 5 ? 1.309  2.217  -2.265 1.00 43.14 ? 5 ASN A CG   5  
ATOM 646  O OD1  . ASN A 1 5 ? 1.645  3.307  -1.799 1.00 25.04 ? 5 ASN A OD1  5  
ATOM 647  N ND2  . ASN A 1 5 ? 2.062  1.541  -3.124 1.00 13.44 ? 5 ASN A ND2  5  
ATOM 648  H H    . ASN A 1 5 ? 1.089  -0.584 -0.746 1.00 71.53 ? 5 ASN A H    5  
ATOM 649  H HA   . ASN A 1 5 ? 0.163  2.034  0.209  1.00 11.12 ? 5 ASN A HA   5  
ATOM 650  H HB2  . ASN A 1 5 ? -0.160 0.704  -2.490 1.00 10.05 ? 5 ASN A HB2  5  
ATOM 651  H HB3  . ASN A 1 5 ? -0.803 2.287  -2.066 1.00 31.24 ? 5 ASN A HB3  5  
ATOM 652  H HD21 . ASN A 1 5 ? 1.730  0.680  -3.452 1.00 5.44  ? 5 ASN A HD21 5  
ATOM 653  H HD22 . ASN A 1 5 ? 2.920  1.931  -3.392 1.00 4.44  ? 5 ASN A HD22 5  
ATOM 654  N N    . LYS A 1 6 ? -1.475 -0.300 0.896  1.00 21.04 ? 6 LYS A N    5  
ATOM 655  C CA   . LYS A 1 6 ? -2.735 -0.890 1.332  1.00 51.14 ? 6 LYS A CA   5  
ATOM 656  C C    . LYS A 1 6 ? -3.604 0.144  2.042  1.00 42.54 ? 6 LYS A C    5  
ATOM 657  O O    . LYS A 1 6 ? -4.828 0.031  2.062  1.00 73.54 ? 6 LYS A O    5  
ATOM 658  C CB   . LYS A 1 6 ? -2.473 -2.075 2.263  1.00 0.33  ? 6 LYS A CB   5  
ATOM 659  C CG   . LYS A 1 6 ? -1.927 -1.672 3.622  1.00 0.32  ? 6 LYS A CG   5  
ATOM 660  C CD   . LYS A 1 6 ? -1.404 -2.873 4.392  1.00 2.54  ? 6 LYS A CD   5  
ATOM 661  C CE   . LYS A 1 6 ? -0.920 -2.479 5.779  1.00 23.20 ? 6 LYS A CE   5  
ATOM 662  N NZ   . LYS A 1 6 ? -1.114 -3.576 6.766  1.00 31.41 ? 6 LYS A NZ   5  
ATOM 663  H H    . LYS A 1 6 ? -0.638 -0.602 1.308  1.00 32.51 ? 6 LYS A H    5  
ATOM 664  H HA   . LYS A 1 6 ? -3.258 -1.241 0.455  1.00 53.02 ? 6 LYS A HA   5  
ATOM 665  H HB2  . LYS A 1 6 ? -3.398 -2.611 2.415  1.00 41.44 ? 6 LYS A HB2  5  
ATOM 666  H HB3  . LYS A 1 6 ? -1.758 -2.735 1.793  1.00 3.32  ? 6 LYS A HB3  5  
ATOM 667  H HG2  . LYS A 1 6 ? -1.119 -0.969 3.482  1.00 72.15 ? 6 LYS A HG2  5  
ATOM 668  H HG3  . LYS A 1 6 ? -2.717 -1.206 4.194  1.00 4.42  ? 6 LYS A HG3  5  
ATOM 669  H HD2  . LYS A 1 6 ? -2.197 -3.599 4.493  1.00 62.13 ? 6 LYS A HD2  5  
ATOM 670  H HD3  . LYS A 1 6 ? -0.581 -3.311 3.843  1.00 12.24 ? 6 LYS A HD3  5  
ATOM 671  H HE2  . LYS A 1 6 ? 0.130  -2.238 5.724  1.00 52.51 ? 6 LYS A HE2  5  
ATOM 672  H HE3  . LYS A 1 6 ? -1.472 -1.610 6.104  1.00 71.02 ? 6 LYS A HE3  5  
ATOM 673  H HZ1  . LYS A 1 6 ? -1.418 -3.184 7.681  1.00 25.12 ? 6 LYS A HZ1  5  
ATOM 674  H HZ2  . LYS A 1 6 ? -0.224 -4.097 6.903  1.00 43.42 ? 6 LYS A HZ2  5  
ATOM 675  H HZ3  . LYS A 1 6 ? -1.840 -4.238 6.427  1.00 72.42 ? 6 LYS A HZ3  5  
ATOM 676  N N    . SER A 1 7 ? -2.960 1.154  2.620  1.00 25.04 ? 7 SER A N    5  
ATOM 677  C CA   . SER A 1 7 ? -3.674 2.207  3.332  1.00 70.03 ? 7 SER A CA   5  
ATOM 678  C C    . SER A 1 7 ? -4.373 3.147  2.355  1.00 5.20  ? 7 SER A C    5  
ATOM 679  O O    . SER A 1 7 ? -5.531 3.517  2.552  1.00 2.05  ? 7 SER A O    5  
ATOM 680  C CB   . SER A 1 7 ? -2.708 2.999  4.216  1.00 31.51 ? 7 SER A CB   5  
ATOM 681  O OG   . SER A 1 7 ? -1.825 2.134  4.909  1.00 2.24  ? 7 SER A OG   5  
ATOM 682  H H    . SER A 1 7 ? -1.982 1.189  2.569  1.00 4.34  ? 7 SER A H    5  
ATOM 683  H HA   . SER A 1 7 ? -4.420 1.739  3.958  1.00 2.44  ? 7 SER A HA   5  
ATOM 684  H HB2  . SER A 1 7 ? -2.129 3.669  3.601  1.00 10.55 ? 7 SER A HB2  5  
ATOM 685  H HB3  . SER A 1 7 ? -3.273 3.570  4.939  1.00 52.32 ? 7 SER A HB3  5  
ATOM 686  H HG   . SER A 1 7 ? -1.051 1.965  4.366  1.00 41.44 ? 7 SER A HG   5  
ATOM 687  N N    . ARG A 1 8 ? -3.661 3.530  1.299  1.00 32.15 ? 8 ARG A N    5  
ATOM 688  C CA   . ARG A 1 8 ? -4.211 4.427  0.290  1.00 35.01 ? 8 ARG A CA   5  
ATOM 689  C C    . ARG A 1 8 ? -4.257 3.747  -1.075 1.00 11.33 ? 8 ARG A C    5  
ATOM 690  O O    . ARG A 1 8 ? -4.970 2.762  -1.264 1.00 65.24 ? 8 ARG A O    5  
ATOM 691  C CB   . ARG A 1 8 ? -3.377 5.706  0.208  1.00 42.54 ? 8 ARG A CB   5  
ATOM 692  C CG   . ARG A 1 8 ? -3.830 6.659  -0.888 1.00 33.34 ? 8 ARG A CG   5  
ATOM 693  C CD   . ARG A 1 8 ? -2.900 6.610  -2.089 1.00 40.10 ? 8 ARG A CD   5  
ATOM 694  N NE   . ARG A 1 8 ? -3.634 6.493  -3.345 1.00 24.32 ? 8 ARG A NE   5  
ATOM 695  C CZ   . ARG A 1 8 ? -4.385 7.465  -3.852 1.00 15.23 ? 8 ARG A CZ   5  
ATOM 696  N NH1  . ARG A 1 8 ? -4.498 8.620  -3.211 1.00 64.41 ? 8 ARG A NH1  5  
ATOM 697  N NH2  . ARG A 1 8 ? -5.022 7.282  -5.001 1.00 74.42 ? 8 ARG A NH2  5  
ATOM 698  H H    . ARG A 1 8 ? -2.743 3.201  1.198  1.00 23.00 ? 8 ARG A H    5  
ATOM 699  H HA   . ARG A 1 8 ? -5.217 4.682  0.587  1.00 12.04 ? 8 ARG A HA   5  
ATOM 700  H HB2  . ARG A 1 8 ? -3.438 6.225  1.153  1.00 32.21 ? 8 ARG A HB2  5  
ATOM 701  H HB3  . ARG A 1 8 ? -2.348 5.440  0.019  1.00 31.52 ? 8 ARG A HB3  5  
ATOM 702  H HG2  . ARG A 1 8 ? -4.824 6.381  -1.205 1.00 23.32 ? 8 ARG A HG2  5  
ATOM 703  H HG3  . ARG A 1 8 ? -3.844 7.665  -0.493 1.00 25.04 ? 8 ARG A HG3  5  
ATOM 704  H HD2  . ARG A 1 8 ? -2.312 7.516  -2.109 1.00 63.14 ? 8 ARG A HD2  5  
ATOM 705  H HD3  . ARG A 1 8 ? -2.244 5.758  -1.984 1.00 45.34 ? 8 ARG A HD3  5  
ATOM 706  H HE   . ARG A 1 8 ? -3.564 5.647  -3.836 1.00 74.21 ? 8 ARG A HE   5  
ATOM 707  H HH11 . ARG A 1 8 ? -4.019 8.761  -2.346 1.00 11.11 ? 8 ARG A HH11 5  
ATOM 708  H HH12 . ARG A 1 8 ? -5.064 9.351  -3.595 1.00 44.44 ? 8 ARG A HH12 5  
ATOM 709  H HH21 . ARG A 1 8 ? -4.939 6.413  -5.486 1.00 23.14 ? 8 ARG A HH21 5  
ATOM 710  H HH22 . ARG A 1 8 ? -5.587 8.014  -5.381 1.00 34.13 ? 8 ARG A HH22 5  
ATOM 711  N N    . LYS A 1 1 ? 6.426  -4.751 -3.644 1.00 5.41  ? 1 LYS A N    6  
ATOM 712  C CA   . LYS A 1 1 ? 6.399  -3.321 -3.364 1.00 43.12 ? 1 LYS A CA   6  
ATOM 713  C C    . LYS A 1 1 ? 4.968  -2.834 -3.159 1.00 1.31  ? 1 LYS A C    6  
ATOM 714  O O    . LYS A 1 1 ? 4.647  -1.680 -3.445 1.00 11.23 ? 1 LYS A O    6  
ATOM 715  C CB   . LYS A 1 1 ? 7.055  -2.544 -4.508 1.00 75.14 ? 1 LYS A CB   6  
ATOM 716  C CG   . LYS A 1 1 ? 6.490  -2.882 -5.876 1.00 1.21  ? 1 LYS A CG   6  
ATOM 717  C CD   . LYS A 1 1 ? 5.952  -1.647 -6.580 1.00 34.30 ? 1 LYS A CD   6  
ATOM 718  C CE   . LYS A 1 1 ? 5.148  -2.016 -7.816 1.00 63.33 ? 1 LYS A CE   6  
ATOM 719  N NZ   . LYS A 1 1 ? 3.722  -1.605 -7.694 1.00 2.11  ? 1 LYS A NZ   6  
ATOM 720  H H1   . LYS A 1 1 ? 6.032  -5.082 -4.479 1.00 24.35 ? 1 LYS A H1   6  
ATOM 721  H HA   . LYS A 1 1 ? 6.959  -3.150 -2.457 1.00 72.45 ? 1 LYS A HA   6  
ATOM 722  H HB2  . LYS A 1 1 ? 6.915  -1.487 -4.336 1.00 74.13 ? 1 LYS A HB2  6  
ATOM 723  H HB3  . LYS A 1 1 ? 8.114  -2.761 -4.515 1.00 74.23 ? 1 LYS A HB3  6  
ATOM 724  H HG2  . LYS A 1 1 ? 7.273  -3.316 -6.482 1.00 52.12 ? 1 LYS A HG2  6  
ATOM 725  H HG3  . LYS A 1 1 ? 5.688  -3.597 -5.758 1.00 74.05 ? 1 LYS A HG3  6  
ATOM 726  H HD2  . LYS A 1 1 ? 5.314  -1.105 -5.897 1.00 63.54 ? 1 LYS A HD2  6  
ATOM 727  H HD3  . LYS A 1 1 ? 6.782  -1.021 -6.873 1.00 44.23 ? 1 LYS A HD3  6  
ATOM 728  H HE2  . LYS A 1 1 ? 5.583  -1.525 -8.672 1.00 41.34 ? 1 LYS A HE2  6  
ATOM 729  H HE3  . LYS A 1 1 ? 5.195  -3.087 -7.954 1.00 62.11 ? 1 LYS A HE3  6  
ATOM 730  H HZ1  . LYS A 1 1 ? 3.473  -1.472 -6.693 1.00 24.32 ? 1 LYS A HZ1  6  
ATOM 731  H HZ2  . LYS A 1 1 ? 3.103  -2.336 -8.100 1.00 24.12 ? 1 LYS A HZ2  6  
ATOM 732  H HZ3  . LYS A 1 1 ? 3.563  -0.712 -8.201 1.00 62.13 ? 1 LYS A HZ3  6  
ATOM 733  N N    . PHE A 1 2 ? 4.113  -3.720 -2.662 1.00 75.53 ? 2 PHE A N    6  
ATOM 734  C CA   . PHE A 1 2 ? 2.716  -3.380 -2.418 1.00 71.54 ? 2 PHE A CA   6  
ATOM 735  C C    . PHE A 1 2 ? 2.416  -3.349 -0.922 1.00 34.22 ? 2 PHE A C    6  
ATOM 736  O O    . PHE A 1 2 ? 1.302  -3.647 -0.494 1.00 60.53 ? 2 PHE A O    6  
ATOM 737  C CB   . PHE A 1 2 ? 1.795  -4.385 -3.112 1.00 44.51 ? 2 PHE A CB   6  
ATOM 738  C CG   . PHE A 1 2 ? 0.599  -3.751 -3.765 1.00 1.01  ? 2 PHE A CG   6  
ATOM 739  C CD1  . PHE A 1 2 ? 0.683  -3.248 -5.054 1.00 63.22 ? 2 PHE A CD1  6  
ATOM 740  C CD2  . PHE A 1 2 ? -0.607 -3.660 -3.091 1.00 62.32 ? 2 PHE A CD2  6  
ATOM 741  C CE1  . PHE A 1 2 ? -0.415 -2.664 -5.656 1.00 41.23 ? 2 PHE A CE1  6  
ATOM 742  C CE2  . PHE A 1 2 ? -1.709 -3.077 -3.689 1.00 64.15 ? 2 PHE A CE2  6  
ATOM 743  C CZ   . PHE A 1 2 ? -1.613 -2.579 -4.974 1.00 15.24 ? 2 PHE A CZ   6  
ATOM 744  H H    . PHE A 1 2 ? 4.427  -4.624 -2.453 1.00 22.14 ? 2 PHE A H    6  
ATOM 745  H HA   . PHE A 1 2 ? 2.537  -2.398 -2.828 1.00 4.54  ? 2 PHE A HA   6  
ATOM 746  H HB2  . PHE A 1 2 ? 2.353  -4.905 -3.877 1.00 62.32 ? 2 PHE A HB2  6  
ATOM 747  H HB3  . PHE A 1 2 ? 1.438  -5.098 -2.385 1.00 70.41 ? 2 PHE A HB3  6  
ATOM 748  H HD1  . PHE A 1 2 ? 1.618  -3.314 -5.589 1.00 21.03 ? 2 PHE A HD1  6  
ATOM 749  H HD2  . PHE A 1 2 ? -0.684 -4.049 -2.086 1.00 12.23 ? 2 PHE A HD2  6  
ATOM 750  H HE1  . PHE A 1 2 ? -0.337 -2.275 -6.661 1.00 32.23 ? 2 PHE A HE1  6  
ATOM 751  H HE2  . PHE A 1 2 ? -2.644 -3.012 -3.152 1.00 11.03 ? 2 PHE A HE2  6  
ATOM 752  H HZ   . PHE A 1 2 ? -2.473 -2.123 -5.443 1.00 13.44 ? 2 PHE A HZ   6  
ATOM 753  N N    . GLY A 1 3 ? 3.421  -2.987 -0.130 1.00 72.02 ? 3 GLY A N    6  
ATOM 754  C CA   . GLY A 1 3 ? 3.247  -2.924 1.309  1.00 54.41 ? 3 GLY A CA   6  
ATOM 755  C C    . GLY A 1 3 ? 2.681  -1.594 1.767  1.00 31.02 ? 3 GLY A C    6  
ATOM 756  O O    . GLY A 1 3 ? 1.691  -1.551 2.498  1.00 11.13 ? 3 GLY A O    6  
ATOM 757  H H    . GLY A 1 3 ? 4.289  -2.760 -0.527 1.00 63.04 ? 3 GLY A H    6  
ATOM 758  H HA2  . GLY A 1 3 ? 2.577  -3.713 1.614  1.00 21.52 ? 3 GLY A HA2  6  
ATOM 759  H HA3  . GLY A 1 3 ? 4.205  -3.077 1.783  1.00 51.53 ? 3 GLY A HA3  6  
ATOM 760  N N    . LYS A 1 4 ? 3.311  -0.506 1.339  1.00 70.42 ? 4 LYS A N    6  
ATOM 761  C CA   . LYS A 1 4 ? 2.865  0.832  1.710  1.00 1.40  ? 4 LYS A CA   6  
ATOM 762  C C    . LYS A 1 4 ? 1.629  1.235  0.911  1.00 1.44  ? 4 LYS A C    6  
ATOM 763  O O    . LYS A 1 4 ? 0.825  2.048  1.362  1.00 52.41 ? 4 LYS A O    6  
ATOM 764  C CB   . LYS A 1 4 ? 3.988  1.847  1.481  1.00 63.32 ? 4 LYS A CB   6  
ATOM 765  C CG   . LYS A 1 4 ? 3.512  3.289  1.481  1.00 53.33 ? 4 LYS A CG   6  
ATOM 766  C CD   . LYS A 1 4 ? 3.320  3.815  0.068  1.00 32.02 ? 4 LYS A CD   6  
ATOM 767  C CE   . LYS A 1 4 ? 4.273  4.962  -0.234 1.00 73.22 ? 4 LYS A CE   6  
ATOM 768  N NZ   . LYS A 1 4 ? 3.760  5.836  -1.325 1.00 72.02 ? 4 LYS A NZ   6  
ATOM 769  H H    . LYS A 1 4 ? 4.095  -0.605 0.758  1.00 54.21 ? 4 LYS A H    6  
ATOM 770  H HA   . LYS A 1 4 ? 2.612  0.819  2.759  1.00 51.21 ? 4 LYS A HA   6  
ATOM 771  H HB2  . LYS A 1 4 ? 4.725  1.733  2.260  1.00 32.54 ? 4 LYS A HB2  6  
ATOM 772  H HB3  . LYS A 1 4 ? 4.451  1.644  0.525  1.00 74.01 ? 4 LYS A HB3  6  
ATOM 773  H HG2  . LYS A 1 4 ? 2.570  3.349  2.006  1.00 24.35 ? 4 LYS A HG2  6  
ATOM 774  H HG3  . LYS A 1 4 ? 4.247  3.901  1.987  1.00 63.43 ? 4 LYS A HG3  6  
ATOM 775  H HD2  . LYS A 1 4 ? 3.506  3.014  -0.632 1.00 65.04 ? 4 LYS A HD2  6  
ATOM 776  H HD3  . LYS A 1 4 ? 2.303  4.164  -0.042 1.00 3.12  ? 4 LYS A HD3  6  
ATOM 777  H HE2  . LYS A 1 4 ? 4.399  5.554  0.660  1.00 21.52 ? 4 LYS A HE2  6  
ATOM 778  H HE3  . LYS A 1 4 ? 5.227  4.551  -0.530 1.00 43.23 ? 4 LYS A HE3  6  
ATOM 779  H HZ1  . LYS A 1 4 ? 2.983  5.362  -1.828 1.00 34.33 ? 4 LYS A HZ1  6  
ATOM 780  H HZ2  . LYS A 1 4 ? 4.521  6.043  -2.003 1.00 42.14 ? 4 LYS A HZ2  6  
ATOM 781  H HZ3  . LYS A 1 4 ? 3.409  6.731  -0.931 1.00 14.11 ? 4 LYS A HZ3  6  
ATOM 782  N N    . ASN A 1 5 ? 1.486  0.659  -0.278 1.00 22.15 ? 5 ASN A N    6  
ATOM 783  C CA   . ASN A 1 5 ? 0.347  0.957  -1.140 1.00 74.51 ? 5 ASN A CA   6  
ATOM 784  C C    . ASN A 1 5 ? -0.726 -0.120 -1.016 1.00 14.23 ? 5 ASN A C    6  
ATOM 785  O O    . ASN A 1 5 ? -1.501 -0.351 -1.944 1.00 54.41 ? 5 ASN A O    6  
ATOM 786  C CB   . ASN A 1 5 ? 0.800  1.076  -2.596 1.00 52.10 ? 5 ASN A CB   6  
ATOM 787  C CG   . ASN A 1 5 ? 1.722  2.259  -2.820 1.00 13.01 ? 5 ASN A CG   6  
ATOM 788  O OD1  . ASN A 1 5 ? 1.281  3.409  -2.843 1.00 34.14 ? 5 ASN A OD1  6  
ATOM 789  N ND2  . ASN A 1 5 ? 3.010  1.982  -2.985 1.00 42.13 ? 5 ASN A ND2  6  
ATOM 790  H H    . ASN A 1 5 ? 2.161  0.018  -0.584 1.00 25.42 ? 5 ASN A H    6  
ATOM 791  H HA   . ASN A 1 5 ? -0.069 1.901  -0.822 1.00 44.52 ? 5 ASN A HA   6  
ATOM 792  H HB2  . ASN A 1 5 ? 1.327  0.176  -2.877 1.00 2.04  ? 5 ASN A HB2  6  
ATOM 793  H HB3  . ASN A 1 5 ? -0.066 1.194  -3.228 1.00 65.24 ? 5 ASN A HB3  6  
ATOM 794  H HD21 . ASN A 1 5 ? 3.290  1.043  -2.955 1.00 50.43 ? 5 ASN A HD21 6  
ATOM 795  H HD22 . ASN A 1 5 ? 3.629  2.729  -3.131 1.00 24.52 ? 5 ASN A HD22 6  
ATOM 796  N N    . LYS A 1 6 ? -0.766 -0.778 0.138  1.00 72.40 ? 6 LYS A N    6  
ATOM 797  C CA   . LYS A 1 6 ? -1.745 -1.830 0.387  1.00 74.10 ? 6 LYS A CA   6  
ATOM 798  C C    . LYS A 1 6 ? -3.165 -1.313 0.180  1.00 50.35 ? 6 LYS A C    6  
ATOM 799  O O    . LYS A 1 6 ? -4.027 -2.026 -0.333 1.00 11.32 ? 6 LYS A O    6  
ATOM 800  C CB   . LYS A 1 6 ? -1.591 -2.372 1.809  1.00 55.11 ? 6 LYS A CB   6  
ATOM 801  C CG   . LYS A 1 6 ? -1.776 -1.317 2.887  1.00 44.21 ? 6 LYS A CG   6  
ATOM 802  C CD   . LYS A 1 6 ? -1.158 -1.750 4.204  1.00 10.23 ? 6 LYS A CD   6  
ATOM 803  C CE   . LYS A 1 6 ? -2.176 -1.722 5.334  1.00 14.12 ? 6 LYS A CE   6  
ATOM 804  N NZ   . LYS A 1 6 ? -2.727 -3.076 5.619  1.00 10.21 ? 6 LYS A NZ   6  
ATOM 805  H H    . LYS A 1 6 ? -0.122 -0.548 0.842  1.00 25.14 ? 6 LYS A H    6  
ATOM 806  H HA   . LYS A 1 6 ? -1.559 -2.628 -0.315 1.00 23.12 ? 6 LYS A HA   6  
ATOM 807  H HB2  . LYS A 1 6 ? -2.324 -3.150 1.967  1.00 53.14 ? 6 LYS A HB2  6  
ATOM 808  H HB3  . LYS A 1 6 ? -0.602 -2.795 1.916  1.00 23.40 ? 6 LYS A HB3  6  
ATOM 809  H HG2  . LYS A 1 6 ? -1.305 -0.400 2.564  1.00 61.33 ? 6 LYS A HG2  6  
ATOM 810  H HG3  . LYS A 1 6 ? -2.834 -1.148 3.033  1.00 34.42 ? 6 LYS A HG3  6  
ATOM 811  H HD2  . LYS A 1 6 ? -0.780 -2.757 4.101  1.00 53.43 ? 6 LYS A HD2  6  
ATOM 812  H HD3  . LYS A 1 6 ? -0.344 -1.082 4.448  1.00 42.23 ? 6 LYS A HD3  6  
ATOM 813  H HE2  . LYS A 1 6 ? -1.695 -1.344 6.224  1.00 62.01 ? 6 LYS A HE2  6  
ATOM 814  H HE3  . LYS A 1 6 ? -2.985 -1.064 5.055  1.00 24.43 ? 6 LYS A HE3  6  
ATOM 815  H HZ1  . LYS A 1 6 ? -3.668 -3.177 5.188  1.00 13.41 ? 6 LYS A HZ1  6  
ATOM 816  H HZ2  . LYS A 1 6 ? -2.809 -3.219 6.645  1.00 31.34 ? 6 LYS A HZ2  6  
ATOM 817  H HZ3  . LYS A 1 6 ? -2.098 -3.807 5.227  1.00 71.15 ? 6 LYS A HZ3  6  
ATOM 818  N N    . SER A 1 7 ? -3.400 -0.066 0.580  1.00 1.25  ? 7 SER A N    6  
ATOM 819  C CA   . SER A 1 7 ? -4.716 0.546  0.440  1.00 25.23 ? 7 SER A CA   6  
ATOM 820  C C    . SER A 1 7 ? -4.824 1.306  -0.879 1.00 34.40 ? 7 SER A C    6  
ATOM 821  O O    . SER A 1 7 ? -5.510 0.872  -1.804 1.00 61.23 ? 7 SER A O    6  
ATOM 822  C CB   . SER A 1 7 ? -4.989 1.491  1.610  1.00 54.14 ? 7 SER A CB   6  
ATOM 823  O OG   . SER A 1 7 ? -3.805 2.154  2.018  1.00 34.10 ? 7 SER A OG   6  
ATOM 824  H H    . SER A 1 7 ? -2.671 0.452  0.981  1.00 74.54 ? 7 SER A H    6  
ATOM 825  H HA   . SER A 1 7 ? -5.451 -0.245 0.446  1.00 73.54 ? 7 SER A HA   6  
ATOM 826  H HB2  . SER A 1 7 ? -5.716 2.231  1.311  1.00 2.11  ? 7 SER A HB2  6  
ATOM 827  H HB3  . SER A 1 7 ? -5.375 0.923  2.445  1.00 63.13 ? 7 SER A HB3  6  
ATOM 828  H HG   . SER A 1 7 ? -3.449 1.723  2.798  1.00 34.22 ? 7 SER A HG   6  
ATOM 829  N N    . ARG A 1 8 ? -4.141 2.443  -0.956 1.00 12.31 ? 8 ARG A N    6  
ATOM 830  C CA   . ARG A 1 8 ? -4.160 3.267  -2.160 1.00 34.44 ? 8 ARG A CA   6  
ATOM 831  C C    . ARG A 1 8 ? -2.828 3.178  -2.900 1.00 20.35 ? 8 ARG A C    6  
ATOM 832  O O    . ARG A 1 8 ? -2.756 2.635  -4.003 1.00 13.24 ? 8 ARG A O    6  
ATOM 833  C CB   . ARG A 1 8 ? -4.461 4.723  -1.802 1.00 52.23 ? 8 ARG A CB   6  
ATOM 834  C CG   . ARG A 1 8 ? -3.308 5.430  -1.108 1.00 75.13 ? 8 ARG A CG   6  
ATOM 835  C CD   . ARG A 1 8 ? -3.809 6.468  -0.115 1.00 4.13  ? 8 ARG A CD   6  
ATOM 836  N NE   . ARG A 1 8 ? -4.319 7.663  -0.783 1.00 20.40 ? 8 ARG A NE   6  
ATOM 837  C CZ   . ARG A 1 8 ? -4.591 8.799  -0.151 1.00 11.33 ? 8 ARG A CZ   6  
ATOM 838  N NH1  . ARG A 1 8 ? -4.401 8.894  1.158  1.00 71.14 ? 8 ARG A NH1  6  
ATOM 839  N NH2  . ARG A 1 8 ? -5.052 9.843  -0.828 1.00 33.20 ? 8 ARG A NH2  6  
ATOM 840  H H    . ARG A 1 8 ? -3.611 2.737  -0.184 1.00 63.00 ? 8 ARG A H    6  
ATOM 841  H HA   . ARG A 1 8 ? -4.942 2.894  -2.804 1.00 20.13 ? 8 ARG A HA   6  
ATOM 842  H HB2  . ARG A 1 8 ? -4.692 5.264  -2.708 1.00 22.04 ? 8 ARG A HB2  6  
ATOM 843  H HB3  . ARG A 1 8 ? -5.319 4.750  -1.147 1.00 44.41 ? 8 ARG A HB3  6  
ATOM 844  H HG2  . ARG A 1 8 ? -2.716 4.699  -0.577 1.00 65.13 ? 8 ARG A HG2  6  
ATOM 845  H HG3  . ARG A 1 8 ? -2.698 5.920  -1.852 1.00 73.45 ? 8 ARG A HG3  6  
ATOM 846  H HD2  . ARG A 1 8 ? -4.602 6.031  0.474  1.00 11.40 ? 8 ARG A HD2  6  
ATOM 847  H HD3  . ARG A 1 8 ? -2.992 6.750  0.533  1.00 64.44 ? 8 ARG A HD3  6  
ATOM 848  H HE   . ARG A 1 8 ? -4.466 7.614  -1.751 1.00 33.10 ? 8 ARG A HE   6  
ATOM 849  H HH11 . ARG A 1 8 ? -4.053 8.110  1.671  1.00 71.20 ? 8 ARG A HH11 6  
ATOM 850  H HH12 . ARG A 1 8 ? -4.605 9.751  1.632  1.00 41.04 ? 8 ARG A HH12 6  
ATOM 851  H HH21 . ARG A 1 8 ? -5.195 9.775  -1.815 1.00 33.34 ? 8 ARG A HH21 6  
ATOM 852  H HH22 . ARG A 1 8 ? -5.255 10.697 -0.351 1.00 72.44 ? 8 ARG A HH22 6  
ATOM 853  N N    . LYS A 1 1 ? 5.650  -4.032 -4.411 1.00 73.51 ? 1 LYS A N    7  
ATOM 854  C CA   . LYS A 1 1 ? 5.753  -2.791 -3.652 1.00 1.24  ? 1 LYS A CA   7  
ATOM 855  C C    . LYS A 1 1 ? 4.371  -2.236 -3.324 1.00 34.44 ? 1 LYS A C    7  
ATOM 856  O O    . LYS A 1 1 ? 4.202  -1.031 -3.136 1.00 23.44 ? 1 LYS A O    7  
ATOM 857  C CB   . LYS A 1 1 ? 6.556  -1.753 -4.439 1.00 13.51 ? 1 LYS A CB   7  
ATOM 858  C CG   . LYS A 1 1 ? 5.794  -1.153 -5.608 1.00 61.42 ? 1 LYS A CG   7  
ATOM 859  C CD   . LYS A 1 1 ? 6.588  -1.249 -6.900 1.00 53.25 ? 1 LYS A CD   7  
ATOM 860  C CE   . LYS A 1 1 ? 5.741  -0.868 -8.104 1.00 3.32  ? 1 LYS A CE   7  
ATOM 861  N NZ   . LYS A 1 1 ? 5.873  0.577  -8.442 1.00 14.10 ? 1 LYS A NZ   7  
ATOM 862  H H1   . LYS A 1 1 ? 5.464  -3.990 -5.372 1.00 2.41  ? 1 LYS A H1   7  
ATOM 863  H HA   . LYS A 1 1 ? 6.269  -3.008 -2.728 1.00 45.23 ? 1 LYS A HA   7  
ATOM 864  H HB2  . LYS A 1 1 ? 6.839  -0.952 -3.772 1.00 2.20  ? 1 LYS A HB2  7  
ATOM 865  H HB3  . LYS A 1 1 ? 7.450  -2.224 -4.823 1.00 53.32 ? 1 LYS A HB3  7  
ATOM 866  H HG2  . LYS A 1 1 ? 4.863  -1.686 -5.730 1.00 53.33 ? 1 LYS A HG2  7  
ATOM 867  H HG3  . LYS A 1 1 ? 5.591  -0.113 -5.397 1.00 72.23 ? 1 LYS A HG3  7  
ATOM 868  H HD2  . LYS A 1 1 ? 7.434  -0.579 -6.842 1.00 24.21 ? 1 LYS A HD2  7  
ATOM 869  H HD3  . LYS A 1 1 ? 6.938  -2.263 -7.023 1.00 0.35  ? 1 LYS A HD3  7  
ATOM 870  H HE2  . LYS A 1 1 ? 6.058  -1.456 -8.951 1.00 20.20 ? 1 LYS A HE2  7  
ATOM 871  H HE3  . LYS A 1 1 ? 4.706  -1.084 -7.883 1.00 15.31 ? 1 LYS A HE3  7  
ATOM 872  H HZ1  . LYS A 1 1 ? 5.074  1.112  -8.044 1.00 13.33 ? 1 LYS A HZ1  7  
ATOM 873  H HZ2  . LYS A 1 1 ? 5.883  0.703  -9.474 1.00 71.04 ? 1 LYS A HZ2  7  
ATOM 874  H HZ3  . LYS A 1 1 ? 6.760  0.955  -8.050 1.00 73.50 ? 1 LYS A HZ3  7  
ATOM 875  N N    . PHE A 1 2 ? 3.383  -3.125 -3.253 1.00 53.44 ? 2 PHE A N    7  
ATOM 876  C CA   . PHE A 1 2 ? 2.015  -2.724 -2.946 1.00 45.54 ? 2 PHE A CA   7  
ATOM 877  C C    . PHE A 1 2 ? 1.636  -3.128 -1.525 1.00 40.41 ? 2 PHE A C    7  
ATOM 878  O O    . PHE A 1 2 ? 0.465  -3.358 -1.225 1.00 23.55 ? 2 PHE A O    7  
ATOM 879  C CB   . PHE A 1 2 ? 1.041  -3.352 -3.945 1.00 44.32 ? 2 PHE A CB   7  
ATOM 880  C CG   . PHE A 1 2 ? -0.300 -2.678 -3.980 1.00 41.44 ? 2 PHE A CG   7  
ATOM 881  C CD1  . PHE A 1 2 ? -0.432 -1.393 -4.484 1.00 1.21  ? 2 PHE A CD1  7  
ATOM 882  C CD2  . PHE A 1 2 ? -1.429 -3.327 -3.510 1.00 24.54 ? 2 PHE A CD2  7  
ATOM 883  C CE1  . PHE A 1 2 ? -1.665 -0.770 -4.516 1.00 42.44 ? 2 PHE A CE1  7  
ATOM 884  C CE2  . PHE A 1 2 ? -2.666 -2.709 -3.540 1.00 5.20  ? 2 PHE A CE2  7  
ATOM 885  C CZ   . PHE A 1 2 ? -2.783 -1.429 -4.045 1.00 21.21 ? 2 PHE A CZ   7  
ATOM 886  H H    . PHE A 1 2 ? 3.580  -4.071 -3.412 1.00 0.41  ? 2 PHE A H    7  
ATOM 887  H HA   . PHE A 1 2 ? 1.959  -1.648 -3.029 1.00 25.32 ? 2 PHE A HA   7  
ATOM 888  H HB2  . PHE A 1 2 ? 1.466  -3.295 -4.936 1.00 23.35 ? 2 PHE A HB2  7  
ATOM 889  H HB3  . PHE A 1 2 ? 0.887  -4.388 -3.682 1.00 43.02 ? 2 PHE A HB3  7  
ATOM 890  H HD1  . PHE A 1 2 ? 0.442  -0.877 -4.854 1.00 32.21 ? 2 PHE A HD1  7  
ATOM 891  H HD2  . PHE A 1 2 ? -1.339 -4.329 -3.115 1.00 21.33 ? 2 PHE A HD2  7  
ATOM 892  H HE1  . PHE A 1 2 ? -1.754 0.231  -4.912 1.00 51.03 ? 2 PHE A HE1  7  
ATOM 893  H HE2  . PHE A 1 2 ? -3.538 -3.227 -3.171 1.00 32.22 ? 2 PHE A HE2  7  
ATOM 894  H HZ   . PHE A 1 2 ? -3.748 -0.944 -4.069 1.00 12.41 ? 2 PHE A HZ   7  
ATOM 895  N N    . GLY A 1 3 ? 2.636  -3.211 -0.653 1.00 30.42 ? 3 GLY A N    7  
ATOM 896  C CA   . GLY A 1 3 ? 2.387  -3.589 0.727  1.00 3.43  ? 3 GLY A CA   7  
ATOM 897  C C    . GLY A 1 3 ? 2.241  -2.388 1.638  1.00 14.10 ? 3 GLY A C    7  
ATOM 898  O O    . GLY A 1 3 ? 1.380  -2.367 2.518  1.00 72.44 ? 3 GLY A O    7  
ATOM 899  H H    . GLY A 1 3 ? 3.550  -3.016 -0.948 1.00 2.13  ? 3 GLY A H    7  
ATOM 900  H HA2  . GLY A 1 3 ? 1.482  -4.174 0.771  1.00 24.13 ? 3 GLY A HA2  7  
ATOM 901  H HA3  . GLY A 1 3 ? 3.213  -4.193 1.076  1.00 65.55 ? 3 GLY A HA3  7  
ATOM 902  N N    . LYS A 1 4 ? 3.085  -1.383 1.432  1.00 4.44  ? 4 LYS A N    7  
ATOM 903  C CA   . LYS A 1 4 ? 3.048  -0.172 2.242  1.00 73.35 ? 4 LYS A CA   7  
ATOM 904  C C    . LYS A 1 4 ? 1.883  0.724  1.828  1.00 15.14 ? 4 LYS A C    7  
ATOM 905  O O    . LYS A 1 4 ? 1.373  1.503  2.630  1.00 72.32 ? 4 LYS A O    7  
ATOM 906  C CB   . LYS A 1 4 ? 4.365  0.596  2.112  1.00 4.54  ? 4 LYS A CB   7  
ATOM 907  C CG   . LYS A 1 4 ? 4.288  2.028  2.609  1.00 74.33 ? 4 LYS A CG   7  
ATOM 908  C CD   . LYS A 1 4 ? 4.092  3.006  1.464  1.00 42.05 ? 4 LYS A CD   7  
ATOM 909  C CE   . LYS A 1 4 ? 5.276  3.952  1.329  1.00 13.53 ? 4 LYS A CE   7  
ATOM 910  N NZ   . LYS A 1 4 ? 5.194  5.084  2.294  1.00 4.13  ? 4 LYS A NZ   7  
ATOM 911  H H    . LYS A 1 4 ? 3.751  -1.458 0.715  1.00 31.12 ? 4 LYS A H    7  
ATOM 912  H HA   . LYS A 1 4 ? 2.912  -0.465 3.272  1.00 51.33 ? 4 LYS A HA   7  
ATOM 913  H HB2  . LYS A 1 4 ? 5.126  0.080  2.681  1.00 44.33 ? 4 LYS A HB2  7  
ATOM 914  H HB3  . LYS A 1 4 ? 4.657  0.613  1.071  1.00 53.24 ? 4 LYS A HB3  7  
ATOM 915  H HG2  . LYS A 1 4 ? 3.455  2.118  3.291  1.00 41.44 ? 4 LYS A HG2  7  
ATOM 916  H HG3  . LYS A 1 4 ? 5.206  2.271  3.126  1.00 40.00 ? 4 LYS A HG3  7  
ATOM 917  H HD2  . LYS A 1 4 ? 3.983  2.453  0.543  1.00 21.33 ? 4 LYS A HD2  7  
ATOM 918  H HD3  . LYS A 1 4 ? 3.199  3.587  1.645  1.00 62.44 ? 4 LYS A HD3  7  
ATOM 919  H HE2  . LYS A 1 4 ? 6.185  3.399  1.513  1.00 62.14 ? 4 LYS A HE2  7  
ATOM 920  H HE3  . LYS A 1 4 ? 5.292  4.347  0.324  1.00 54.41 ? 4 LYS A HE3  7  
ATOM 921  H HZ1  . LYS A 1 4 ? 6.039  5.099  2.900  1.00 43.11 ? 4 LYS A HZ1  7  
ATOM 922  H HZ2  . LYS A 1 4 ? 4.352  4.980  2.895  1.00 25.41 ? 4 LYS A HZ2  7  
ATOM 923  H HZ3  . LYS A 1 4 ? 5.132  5.986  1.781  1.00 71.30 ? 4 LYS A HZ3  7  
ATOM 924  N N    . ASN A 1 5 ? 1.469  0.604  0.571  1.00 41.45 ? 5 ASN A N    7  
ATOM 925  C CA   . ASN A 1 5 ? 0.365  1.403  0.052  1.00 24.51 ? 5 ASN A CA   7  
ATOM 926  C C    . ASN A 1 5 ? -0.835 0.520  -0.282 1.00 12.42 ? 5 ASN A C    7  
ATOM 927  O O    . ASN A 1 5 ? -1.617 0.830  -1.180 1.00 43.02 ? 5 ASN A O    7  
ATOM 928  C CB   . ASN A 1 5 ? 0.806  2.173  -1.194 1.00 14.24 ? 5 ASN A CB   7  
ATOM 929  C CG   . ASN A 1 5 ? 0.194  3.559  -1.264 1.00 33.15 ? 5 ASN A CG   7  
ATOM 930  O OD1  . ASN A 1 5 ? 0.055  4.240  -0.248 1.00 12.11 ? 5 ASN A OD1  7  
ATOM 931  N ND2  . ASN A 1 5 ? -0.175 3.982  -2.467 1.00 51.23 ? 5 ASN A ND2  7  
ATOM 932  H H    . ASN A 1 5 ? 1.917  -0.035 -0.022 1.00 61.35 ? 5 ASN A H    7  
ATOM 933  H HA   . ASN A 1 5 ? 0.076  2.107  0.817  1.00 0.03  ? 5 ASN A HA   7  
ATOM 934  H HB2  . ASN A 1 5 ? 1.882  2.276  -1.183 1.00 44.25 ? 5 ASN A HB2  7  
ATOM 935  H HB3  . ASN A 1 5 ? 0.511  1.623  -2.075 1.00 71.34 ? 5 ASN A HB3  7  
ATOM 936  H HD21 . ASN A 1 5 ? -0.034 3.386  -3.231 1.00 4.42  ? 5 ASN A HD21 7  
ATOM 937  H HD22 . ASN A 1 5 ? -0.573 4.875  -2.541 1.00 12.41 ? 5 ASN A HD22 7  
ATOM 938  N N    . LYS A 1 6 ? -0.973 -0.582 0.449  1.00 50.41 ? 6 LYS A N    7  
ATOM 939  C CA   . LYS A 1 6 ? -2.076 -1.510 0.233  1.00 40.35 ? 6 LYS A CA   7  
ATOM 940  C C    . LYS A 1 6 ? -3.410 -0.860 0.586  1.00 51.23 ? 6 LYS A C    7  
ATOM 941  O O    . LYS A 1 6 ? -4.450 -1.210 0.028  1.00 22.24 ? 6 LYS A O    7  
ATOM 942  C CB   . LYS A 1 6 ? -1.877 -2.775 1.071  1.00 3.01  ? 6 LYS A CB   7  
ATOM 943  C CG   . LYS A 1 6 ? -2.082 -2.558 2.559  1.00 35.32 ? 6 LYS A CG   7  
ATOM 944  C CD   . LYS A 1 6 ? -1.619 -3.759 3.368  1.00 43.41 ? 6 LYS A CD   7  
ATOM 945  C CE   . LYS A 1 6 ? -1.941 -3.595 4.844  1.00 51.20 ? 6 LYS A CE   7  
ATOM 946  N NZ   . LYS A 1 6 ? -1.215 -2.441 5.445  1.00 75.53 ? 6 LYS A NZ   7  
ATOM 947  H H    . LYS A 1 6 ? -0.316 -0.775 1.151  1.00 52.52 ? 6 LYS A H    7  
ATOM 948  H HA   . LYS A 1 6 ? -2.086 -1.778 -0.812 1.00 40.20 ? 6 LYS A HA   7  
ATOM 949  H HB2  . LYS A 1 6 ? -2.577 -3.527 0.737  1.00 15.13 ? 6 LYS A HB2  7  
ATOM 950  H HB3  . LYS A 1 6 ? -0.870 -3.138 0.917  1.00 24.43 ? 6 LYS A HB3  7  
ATOM 951  H HG2  . LYS A 1 6 ? -1.519 -1.691 2.869  1.00 50.30 ? 6 LYS A HG2  7  
ATOM 952  H HG3  . LYS A 1 6 ? -3.134 -2.393 2.748  1.00 51.55 ? 6 LYS A HG3  7  
ATOM 953  H HD2  . LYS A 1 6 ? -2.117 -4.644 2.998  1.00 14.43 ? 6 LYS A HD2  7  
ATOM 954  H HD3  . LYS A 1 6 ? -0.550 -3.870 3.251  1.00 64.13 ? 6 LYS A HD3  7  
ATOM 955  H HE2  . LYS A 1 6 ? -3.002 -3.437 4.953  1.00 70.44 ? 6 LYS A HE2  7  
ATOM 956  H HE3  . LYS A 1 6 ? -1.657 -4.498 5.364  1.00 14.40 ? 6 LYS A HE3  7  
ATOM 957  H HZ1  . LYS A 1 6 ? -0.195 -2.525 5.262  1.00 65.04 ? 6 LYS A HZ1  7  
ATOM 958  H HZ2  . LYS A 1 6 ? -1.372 -2.418 6.474  1.00 1.13  ? 6 LYS A HZ2  7  
ATOM 959  H HZ3  . LYS A 1 6 ? -1.559 -1.550 5.034  1.00 51.42 ? 6 LYS A HZ3  7  
ATOM 960  N N    . SER A 1 7 ? -3.373 0.091  1.516  1.00 25.40 ? 7 SER A N    7  
ATOM 961  C CA   . SER A 1 7 ? -4.579 0.788  1.944  1.00 62.25 ? 7 SER A CA   7  
ATOM 962  C C    . SER A 1 7 ? -5.238 1.507  0.770  1.00 52.02 ? 7 SER A C    7  
ATOM 963  O O    . SER A 1 7 ? -6.446 1.403  0.563  1.00 63.52 ? 7 SER A O    7  
ATOM 964  C CB   . SER A 1 7 ? -4.249 1.792  3.050  1.00 14.44 ? 7 SER A CB   7  
ATOM 965  O OG   . SER A 1 7 ? -4.496 1.239  4.331  1.00 14.21 ? 7 SER A OG   7  
ATOM 966  H H    . SER A 1 7 ? -2.514 0.326  1.924  1.00 45.12 ? 7 SER A H    7  
ATOM 967  H HA   . SER A 1 7 ? -5.268 0.052  2.332  1.00 2.24  ? 7 SER A HA   7  
ATOM 968  H HB2  . SER A 1 7 ? -3.207 2.066  2.984  1.00 3.34  ? 7 SER A HB2  7  
ATOM 969  H HB3  . SER A 1 7 ? -4.861 2.673  2.927  1.00 54.54 ? 7 SER A HB3  7  
ATOM 970  H HG   . SER A 1 7 ? -5.442 1.201  4.486  1.00 33.24 ? 7 SER A HG   7  
ATOM 971  N N    . ARG A 1 8 ? -4.433 2.236  0.004  1.00 3.34  ? 8 ARG A N    7  
ATOM 972  C CA   . ARG A 1 8 ? -4.936 2.973  -1.149 1.00 33.32 ? 8 ARG A CA   7  
ATOM 973  C C    . ARG A 1 8 ? -5.468 2.019  -2.214 1.00 73.03 ? 8 ARG A C    7  
ATOM 974  O O    . ARG A 1 8 ? -6.595 1.534  -2.119 1.00 21.22 ? 8 ARG A O    7  
ATOM 975  C CB   . ARG A 1 8 ? -3.831 3.851  -1.740 1.00 62.14 ? 8 ARG A CB   7  
ATOM 976  C CG   . ARG A 1 8 ? -4.353 5.096  -2.441 1.00 1.34  ? 8 ARG A CG   7  
ATOM 977  C CD   . ARG A 1 8 ? -3.692 6.355  -1.903 1.00 63.15 ? 8 ARG A CD   7  
ATOM 978  N NE   . ARG A 1 8 ? -2.537 6.752  -2.704 1.00 52.02 ? 8 ARG A NE   7  
ATOM 979  C CZ   . ARG A 1 8 ? -2.634 7.331  -3.896 1.00 30.34 ? 8 ARG A CZ   7  
ATOM 980  N NH1  . ARG A 1 8 ? -3.825 7.578  -4.422 1.00 42.30 ? 8 ARG A NH1  7  
ATOM 981  N NH2  . ARG A 1 8 ? -1.536 7.663  -4.564 1.00 62.12 ? 8 ARG A NH2  7  
ATOM 982  H H    . ARG A 1 8 ? -3.478 2.280  0.220  1.00 44.12 ? 8 ARG A H    7  
ATOM 983  H HA   . ARG A 1 8 ? -5.744 3.605  -0.812 1.00 75.25 ? 8 ARG A HA   7  
ATOM 984  H HB2  . ARG A 1 8 ? -3.170 4.162  -0.946 1.00 54.24 ? 8 ARG A HB2  7  
ATOM 985  H HB3  . ARG A 1 8 ? -3.271 3.269  -2.457 1.00 42.14 ? 8 ARG A HB3  7  
ATOM 986  H HG2  . ARG A 1 8 ? -4.145 5.017  -3.498 1.00 22.44 ? 8 ARG A HG2  7  
ATOM 987  H HG3  . ARG A 1 8 ? -5.419 5.165  -2.286 1.00 63.40 ? 8 ARG A HG3  7  
ATOM 988  H HD2  . ARG A 1 8 ? -4.416 7.157  -1.910 1.00 22.21 ? 8 ARG A HD2  7  
ATOM 989  H HD3  . ARG A 1 8 ? -3.370 6.171  -0.889 1.00 10.40 ? 8 ARG A HD3  7  
ATOM 990  H HE   . ARG A 1 8 ? -1.647 6.579  -2.334 1.00 64.40 ? 8 ARG A HE   7  
ATOM 991  H HH11 . ARG A 1 8 ? -4.653 7.330  -3.920 1.00 72.34 ? 8 ARG A HH11 7  
ATOM 992  H HH12 . ARG A 1 8 ? -3.895 8.015  -5.320 1.00 15.13 ? 8 ARG A HH12 7  
ATOM 993  H HH21 . ARG A 1 8 ? -0.636 7.478  -4.171 1.00 72.52 ? 8 ARG A HH21 7  
ATOM 994  H HH22 . ARG A 1 8 ? -1.609 8.098  -5.461 1.00 64.43 ? 8 ARG A HH22 7  
ATOM 995  N N    . LYS A 1 1 ? 6.682  -3.044 -2.227 1.00 53.42 ? 1 LYS A N    8  
ATOM 996  C CA   . LYS A 1 1 ? 5.946  -1.940 -2.831 1.00 52.54 ? 1 LYS A CA   8  
ATOM 997  C C    . LYS A 1 1 ? 4.502  -2.341 -3.117 1.00 54.53 ? 1 LYS A C    8  
ATOM 998  O O    . LYS A 1 1 ? 3.866  -1.804 -4.025 1.00 15.42 ? 1 LYS A O    8  
ATOM 999  C CB   . LYS A 1 1 ? 6.628  -1.492 -4.126 1.00 22.33 ? 1 LYS A CB   8  
ATOM 1000 C CG   . LYS A 1 1 ? 6.970  -2.639 -5.061 1.00 11.05 ? 1 LYS A CG   8  
ATOM 1001 C CD   . LYS A 1 1 ? 8.472  -2.798 -5.222 1.00 31.23 ? 1 LYS A CD   8  
ATOM 1002 C CE   . LYS A 1 1 ? 8.989  -2.027 -6.427 1.00 52.14 ? 1 LYS A CE   8  
ATOM 1003 N NZ   . LYS A 1 1 ? 8.811  -2.790 -7.692 1.00 11.41 ? 1 LYS A NZ   8  
ATOM 1004 H H1   . LYS A 1 1 ? 6.555  -3.951 -2.577 1.00 34.41 ? 1 LYS A H1   8  
ATOM 1005 H HA   . LYS A 1 1 ? 5.947  -1.117 -2.132 1.00 20.44 ? 1 LYS A HA   8  
ATOM 1006 H HB2  . LYS A 1 1 ? 5.971  -0.813 -4.649 1.00 21.55 ? 1 LYS A HB2  8  
ATOM 1007 H HB3  . LYS A 1 1 ? 7.542  -0.974 -3.877 1.00 33.13 ? 1 LYS A HB3  8  
ATOM 1008 H HG2  . LYS A 1 1 ? 6.563  -3.555 -4.657 1.00 44.32 ? 1 LYS A HG2  8  
ATOM 1009 H HG3  . LYS A 1 1 ? 6.532  -2.445 -6.030 1.00 22.22 ? 1 LYS A HG3  8  
ATOM 1010 H HD2  . LYS A 1 1 ? 8.962  -2.428 -4.334 1.00 2.21  ? 1 LYS A HD2  8  
ATOM 1011 H HD3  . LYS A 1 1 ? 8.703  -3.847 -5.351 1.00 44.31 ? 1 LYS A HD3  8  
ATOM 1012 H HE2  . LYS A 1 1 ? 8.448  -1.096 -6.499 1.00 51.12 ? 1 LYS A HE2  8  
ATOM 1013 H HE3  . LYS A 1 1 ? 10.039 -1.823 -6.283 1.00 12.12 ? 1 LYS A HE3  8  
ATOM 1014 H HZ1  . LYS A 1 1 ? 9.725  -2.892 -8.179 1.00 24.40 ? 1 LYS A HZ1  8  
ATOM 1015 H HZ2  . LYS A 1 1 ? 8.150  -2.291 -8.321 1.00 32.52 ? 1 LYS A HZ2  8  
ATOM 1016 H HZ3  . LYS A 1 1 ? 8.431  -3.737 -7.488 1.00 42.24 ? 1 LYS A HZ3  8  
ATOM 1017 N N    . PHE A 1 2 ? 3.990  -3.285 -2.335 1.00 64.31 ? 2 PHE A N    8  
ATOM 1018 C CA   . PHE A 1 2 ? 2.621  -3.758 -2.504 1.00 74.34 ? 2 PHE A CA   8  
ATOM 1019 C C    . PHE A 1 2 ? 1.697  -3.130 -1.465 1.00 40.31 ? 2 PHE A C    8  
ATOM 1020 O O    . PHE A 1 2 ? 0.508  -2.937 -1.711 1.00 62.34 ? 2 PHE A O    8  
ATOM 1021 C CB   . PHE A 1 2 ? 2.567  -5.283 -2.395 1.00 13.31 ? 2 PHE A CB   8  
ATOM 1022 C CG   . PHE A 1 2 ? 2.007  -5.952 -3.617 1.00 34.21 ? 2 PHE A CG   8  
ATOM 1023 C CD1  . PHE A 1 2 ? 2.602  -5.774 -4.855 1.00 73.03 ? 2 PHE A CD1  8  
ATOM 1024 C CD2  . PHE A 1 2 ? 0.885  -6.762 -3.527 1.00 12.32 ? 2 PHE A CD2  8  
ATOM 1025 C CE1  . PHE A 1 2 ? 2.088  -6.388 -5.981 1.00 31.13 ? 2 PHE A CE1  8  
ATOM 1026 C CE2  . PHE A 1 2 ? 0.367  -7.378 -4.649 1.00 5.25  ? 2 PHE A CE2  8  
ATOM 1027 C CZ   . PHE A 1 2 ? 0.970  -7.193 -5.878 1.00 53.04 ? 2 PHE A CZ   8  
ATOM 1028 H H    . PHE A 1 2 ? 4.547  -3.675 -1.629 1.00 72.31 ? 2 PHE A H    8  
ATOM 1029 H HA   . PHE A 1 2 ? 2.288  -3.464 -3.487 1.00 24.04 ? 2 PHE A HA   8  
ATOM 1030 H HB2  . PHE A 1 2 ? 3.567  -5.660 -2.239 1.00 23.24 ? 2 PHE A HB2  8  
ATOM 1031 H HB3  . PHE A 1 2 ? 1.949  -5.555 -1.552 1.00 11.43 ? 2 PHE A HB3  8  
ATOM 1032 H HD1  . PHE A 1 2 ? 3.477  -5.146 -4.937 1.00 2.31  ? 2 PHE A HD1  8  
ATOM 1033 H HD2  . PHE A 1 2 ? 0.414  -6.908 -2.565 1.00 43.03 ? 2 PHE A HD2  8  
ATOM 1034 H HE1  . PHE A 1 2 ? 2.561  -6.240 -6.941 1.00 23.53 ? 2 PHE A HE1  8  
ATOM 1035 H HE2  . PHE A 1 2 ? -0.507 -8.007 -4.565 1.00 32.52 ? 2 PHE A HE2  8  
ATOM 1036 H HZ   . PHE A 1 2 ? 0.566  -7.673 -6.756 1.00 40.12 ? 2 PHE A HZ   8  
ATOM 1037 N N    . GLY A 1 3 ? 2.254  -2.813 -0.300 1.00 34.01 ? 3 GLY A N    8  
ATOM 1038 C CA   . GLY A 1 3 ? 1.467  -2.211 0.760  1.00 55.21 ? 3 GLY A CA   8  
ATOM 1039 C C    . GLY A 1 3 ? 1.811  -0.751 0.981  1.00 23.13 ? 3 GLY A C    8  
ATOM 1040 O O    . GLY A 1 3 ? 1.731  -0.248 2.101  1.00 30.45 ? 3 GLY A O    8  
ATOM 1041 H H    . GLY A 1 3 ? 3.208  -2.990 -0.159 1.00 30.33 ? 3 GLY A H    8  
ATOM 1042 H HA2  . GLY A 1 3 ? 0.421  -2.289 0.505  1.00 75.50 ? 3 GLY A HA2  8  
ATOM 1043 H HA3  . GLY A 1 3 ? 1.645  -2.753 1.678  1.00 4.23  ? 3 GLY A HA3  8  
ATOM 1044 N N    . LYS A 1 4 ? 2.197  -0.068 -0.091 1.00 42.30 ? 4 LYS A N    8  
ATOM 1045 C CA   . LYS A 1 4 ? 2.556  1.343  -0.012 1.00 11.20 ? 4 LYS A CA   8  
ATOM 1046 C C    . LYS A 1 4 ? 1.310  2.216  0.094  1.00 73.42 ? 4 LYS A C    8  
ATOM 1047 O O    . LYS A 1 4 ? 1.356  3.318  0.640  1.00 5.54  ? 4 LYS A O    8  
ATOM 1048 C CB   . LYS A 1 4 ? 3.375  1.753  -1.238 1.00 13.14 ? 4 LYS A CB   8  
ATOM 1049 C CG   . LYS A 1 4 ? 3.475  3.256  -1.429 1.00 71.10 ? 4 LYS A CG   8  
ATOM 1050 C CD   . LYS A 1 4 ? 2.473  3.755  -2.456 1.00 72.24 ? 4 LYS A CD   8  
ATOM 1051 C CE   . LYS A 1 4 ? 3.168  4.350  -3.671 1.00 15.44 ? 4 LYS A CE   8  
ATOM 1052 N NZ   . LYS A 1 4 ? 2.408  5.497  -4.240 1.00 14.34 ? 4 LYS A NZ   8  
ATOM 1053 H H    . LYS A 1 4 ? 2.241  -0.524 -0.959 1.00 34.11 ? 4 LYS A H    8  
ATOM 1054 H HA   . LYS A 1 4 ? 3.156  1.484  0.874  1.00 31.31 ? 4 LYS A HA   8  
ATOM 1055 H HB2  . LYS A 1 4 ? 4.375  1.356  -1.136 1.00 64.22 ? 4 LYS A HB2  8  
ATOM 1056 H HB3  . LYS A 1 4 ? 2.917  1.328  -2.120 1.00 52.34 ? 4 LYS A HB3  8  
ATOM 1057 H HG2  . LYS A 1 4 ? 3.280  3.743  -0.485 1.00 74.11 ? 4 LYS A HG2  8  
ATOM 1058 H HG3  . LYS A 1 4 ? 4.473  3.501  -1.764 1.00 72.54 ? 4 LYS A HG3  8  
ATOM 1059 H HD2  . LYS A 1 4 ? 1.857  2.929  -2.776 1.00 65.50 ? 4 LYS A HD2  8  
ATOM 1060 H HD3  . LYS A 1 4 ? 1.852  4.514  -2.000 1.00 43.23 ? 4 LYS A HD3  8  
ATOM 1061 H HE2  . LYS A 1 4 ? 4.150  4.689  -3.377 1.00 62.24 ? 4 LYS A HE2  8  
ATOM 1062 H HE3  . LYS A 1 4 ? 3.264  3.583  -4.425 1.00 43.01 ? 4 LYS A HE3  8  
ATOM 1063 H HZ1  . LYS A 1 4 ? 1.417  5.227  -4.394 1.00 41.12 ? 4 LYS A HZ1  8  
ATOM 1064 H HZ2  . LYS A 1 4 ? 2.825  5.786  -5.148 1.00 22.53 ? 4 LYS A HZ2  8  
ATOM 1065 H HZ3  . LYS A 1 4 ? 2.439  6.305  -3.585 1.00 23.22 ? 4 LYS A HZ3  8  
ATOM 1066 N N    . ASN A 1 5 ? 0.195  1.715  -0.430 1.00 52.21 ? 5 ASN A N    8  
ATOM 1067 C CA   . ASN A 1 5 ? -1.063 2.450  -0.393 1.00 63.24 ? 5 ASN A CA   8  
ATOM 1068 C C    . ASN A 1 5 ? -2.085 1.736  0.488  1.00 51.42 ? 5 ASN A C    8  
ATOM 1069 O O    . ASN A 1 5 ? -3.292 1.876  0.297  1.00 74.15 ? 5 ASN A O    8  
ATOM 1070 C CB   . ASN A 1 5 ? -1.622 2.617  -1.808 1.00 63.44 ? 5 ASN A CB   8  
ATOM 1071 C CG   . ASN A 1 5 ? -1.768 1.293  -2.532 1.00 23.55 ? 5 ASN A CG   8  
ATOM 1072 O OD1  . ASN A 1 5 ? -2.342 0.342  -2.001 1.00 72.42 ? 5 ASN A OD1  8  
ATOM 1073 N ND2  . ASN A 1 5 ? -1.246 1.224  -3.752 1.00 74.52 ? 5 ASN A ND2  8  
ATOM 1074 H H    . ASN A 1 5 ? 0.221  0.832  -0.852 1.00 22.45 ? 5 ASN A H    8  
ATOM 1075 H HA   . ASN A 1 5 ? -0.866 3.426  0.023  1.00 33.20 ? 5 ASN A HA   8  
ATOM 1076 H HB2  . ASN A 1 5 ? -2.595 3.083  -1.751 1.00 63.32 ? 5 ASN A HB2  8  
ATOM 1077 H HB3  . ASN A 1 5 ? -0.959 3.248  -2.379 1.00 11.32 ? 5 ASN A HB3  8  
ATOM 1078 H HD21 . ASN A 1 5 ? -0.803 2.021  -4.111 1.00 54.23 ? 5 ASN A HD21 8  
ATOM 1079 H HD22 . ASN A 1 5 ? -1.327 0.380  -4.242 1.00 52.35 ? 5 ASN A HD22 8  
ATOM 1080 N N    . LYS A 1 6 ? -1.590 0.969  1.453  1.00 61.12 ? 6 LYS A N    8  
ATOM 1081 C CA   . LYS A 1 6 ? -2.458 0.234  2.366  1.00 23.24 ? 6 LYS A CA   8  
ATOM 1082 C C    . LYS A 1 6 ? -2.663 1.008  3.664  1.00 33.41 ? 6 LYS A C    8  
ATOM 1083 O O    . LYS A 1 6 ? -2.927 0.420  4.713  1.00 50.24 ? 6 LYS A O    8  
ATOM 1084 C CB   . LYS A 1 6 ? -1.863 -1.143 2.670  1.00 1.53  ? 6 LYS A CB   8  
ATOM 1085 C CG   . LYS A 1 6 ? -2.814 -2.293 2.388  1.00 70.50 ? 6 LYS A CG   8  
ATOM 1086 C CD   . LYS A 1 6 ? -2.342 -3.133 1.213  1.00 65.22 ? 6 LYS A CD   8  
ATOM 1087 C CE   . LYS A 1 6 ? -2.867 -4.557 1.299  1.00 34.11 ? 6 LYS A CE   8  
ATOM 1088 N NZ   . LYS A 1 6 ? -3.802 -4.873 0.184  1.00 5.52  ? 6 LYS A NZ   8  
ATOM 1089 H H    . LYS A 1 6 ? -0.617 0.897  1.556  1.00 25.43 ? 6 LYS A H    8  
ATOM 1090 H HA   . LYS A 1 6 ? -3.414 0.104  1.883  1.00 50.32 ? 6 LYS A HA   8  
ATOM 1091 H HB2  . LYS A 1 6 ? -0.976 -1.280 2.067  1.00 61.42 ? 6 LYS A HB2  8  
ATOM 1092 H HB3  . LYS A 1 6 ? -1.586 -1.180 3.713  1.00 13.02 ? 6 LYS A HB3  8  
ATOM 1093 H HG2  . LYS A 1 6 ? -2.874 -2.921 3.264  1.00 31.42 ? 6 LYS A HG2  8  
ATOM 1094 H HG3  . LYS A 1 6 ? -3.792 -1.892 2.163  1.00 61.30 ? 6 LYS A HG3  8  
ATOM 1095 H HD2  . LYS A 1 6 ? -2.698 -2.685 0.296  1.00 11.20 ? 6 LYS A HD2  8  
ATOM 1096 H HD3  . LYS A 1 6 ? -1.262 -3.156 1.209  1.00 34.33 ? 6 LYS A HD3  8  
ATOM 1097 H HE2  . LYS A 1 6 ? -2.031 -5.238 1.261  1.00 32.34 ? 6 LYS A HE2  8  
ATOM 1098 H HE3  . LYS A 1 6 ? -3.387 -4.679 2.239  1.00 64.34 ? 6 LYS A HE3  8  
ATOM 1099 H HZ1  . LYS A 1 6 ? -4.473 -5.611 0.477  1.00 41.13 ? 6 LYS A HZ1  8  
ATOM 1100 H HZ2  . LYS A 1 6 ? -3.268 -5.213 -0.642 1.00 22.14 ? 6 LYS A HZ2  8  
ATOM 1101 H HZ3  . LYS A 1 6 ? -4.333 -4.022 -0.089 1.00 62.02 ? 6 LYS A HZ3  8  
ATOM 1102 N N    . SER A 1 7 ? -2.540 2.329  3.586  1.00 62.45 ? 7 SER A N    8  
ATOM 1103 C CA   . SER A 1 7 ? -2.711 3.183  4.755  1.00 10.22 ? 7 SER A CA   8  
ATOM 1104 C C    . SER A 1 7 ? -4.072 3.871  4.733  1.00 25.12 ? 7 SER A C    8  
ATOM 1105 O O    . SER A 1 7 ? -4.686 4.091  5.777  1.00 22.02 ? 7 SER A O    8  
ATOM 1106 C CB   . SER A 1 7 ? -1.598 4.232  4.813  1.00 20.10 ? 7 SER A CB   8  
ATOM 1107 O OG   . SER A 1 7 ? -1.070 4.487  3.522  1.00 11.02 ? 7 SER A OG   8  
ATOM 1108 H H    . SER A 1 7 ? -2.328 2.738  2.720  1.00 72.33 ? 7 SER A H    8  
ATOM 1109 H HA   . SER A 1 7 ? -2.650 2.559  5.634  1.00 64.30 ? 7 SER A HA   8  
ATOM 1110 H HB2  . SER A 1 7 ? -1.995 5.151  5.215  1.00 40.44 ? 7 SER A HB2  8  
ATOM 1111 H HB3  . SER A 1 7 ? -0.803 3.873  5.450  1.00 54.33 ? 7 SER A HB3  8  
ATOM 1112 H HG   . SER A 1 7 ? -0.819 5.411  3.456  1.00 14.34 ? 7 SER A HG   8  
ATOM 1113 N N    . ARG A 1 8 ? -4.539 4.207  3.535  1.00 5.30  ? 8 ARG A N    8  
ATOM 1114 C CA   . ARG A 1 8 ? -5.826 4.870  3.374  1.00 74.44 ? 8 ARG A CA   8  
ATOM 1115 C C    . ARG A 1 8 ? -6.973 3.876  3.534  1.00 50.02 ? 8 ARG A C    8  
ATOM 1116 O O    . ARG A 1 8 ? -6.806 2.678  3.307  1.00 15.44 ? 8 ARG A O    8  
ATOM 1117 C CB   . ARG A 1 8 ? -5.911 5.545  2.004  1.00 4.43  ? 8 ARG A CB   8  
ATOM 1118 C CG   . ARG A 1 8 ? -5.060 6.800  1.890  1.00 13.10 ? 8 ARG A CG   8  
ATOM 1119 C CD   . ARG A 1 8 ? -4.824 7.184  0.437  1.00 20.41 ? 8 ARG A CD   8  
ATOM 1120 N NE   . ARG A 1 8 ? -3.649 8.036  0.279  1.00 21.33 ? 8 ARG A NE   8  
ATOM 1121 C CZ   . ARG A 1 8 ? -3.301 8.603  -0.870 1.00 61.20 ? 8 ARG A CZ   8  
ATOM 1122 N NH1  . ARG A 1 8 ? -4.036 8.411  -1.957 1.00 70.42 ? 8 ARG A NH1  8  
ATOM 1123 N NH2  . ARG A 1 8 ? -2.218 9.365  -0.934 1.00 41.52 ? 8 ARG A NH2  8  
ATOM 1124 H H    . ARG A 1 8 ? -4.003 4.005  2.739  1.00 1.11  ? 8 ARG A H    8  
ATOM 1125 H HA   . ARG A 1 8 ? -5.909 5.624  4.142  1.00 72.11 ? 8 ARG A HA   8  
ATOM 1126 H HB2  . ARG A 1 8 ? -5.582 4.845  1.250  1.00 43.33 ? 8 ARG A HB2  8  
ATOM 1127 H HB3  . ARG A 1 8 ? -6.938 5.815  1.811  1.00 2.44  ? 8 ARG A HB3  8  
ATOM 1128 H HG2  . ARG A 1 8 ? -5.566 7.613  2.388  1.00 43.43 ? 8 ARG A HG2  8  
ATOM 1129 H HG3  . ARG A 1 8 ? -4.106 6.621  2.364  1.00 75.32 ? 8 ARG A HG3  8  
ATOM 1130 H HD2  . ARG A 1 8 ? -4.684 6.283  -0.141 1.00 30.03 ? 8 ARG A HD2  8  
ATOM 1131 H HD3  . ARG A 1 8 ? -5.693 7.713  0.074  1.00 3.44  ? 8 ARG A HD3  8  
ATOM 1132 H HE   . ARG A 1 8 ? -3.092 8.191  1.070  1.00 21.35 ? 8 ARG A HE   8  
ATOM 1133 H HH11 . ARG A 1 8 ? -4.854 7.838  -1.911 1.00 63.31 ? 8 ARG A HH11 8  
ATOM 1134 H HH12 . ARG A 1 8 ? -3.773 8.841  -2.821 1.00 22.20 ? 8 ARG A HH12 8  
ATOM 1135 H HH21 . ARG A 1 8 ? -1.661 9.513  -0.117 1.00 65.52 ? 8 ARG A HH21 8  
ATOM 1136 H HH22 . ARG A 1 8 ? -1.957 9.792  -1.800 1.00 31.40 ? 8 ARG A HH22 8  
ATOM 1137 N N    . LYS A 1 1 ? 6.122  -4.729 -1.670 1.00 5.41  ? 1 LYS A N    9  
ATOM 1138 C CA   . LYS A 1 1 ? 6.331  -3.321 -1.988 1.00 14.20 ? 1 LYS A CA   9  
ATOM 1139 C C    . LYS A 1 1 ? 5.069  -2.703 -2.579 1.00 41.43 ? 1 LYS A C    9  
ATOM 1140 O O    . LYS A 1 1 ? 5.138  -1.748 -3.354 1.00 34.01 ? 1 LYS A O    9  
ATOM 1141 C CB   . LYS A 1 1 ? 7.496  -3.165 -2.967 1.00 52.41 ? 1 LYS A CB   9  
ATOM 1142 C CG   . LYS A 1 1 ? 7.171  -3.627 -4.377 1.00 11.21 ? 1 LYS A CG   9  
ATOM 1143 C CD   . LYS A 1 1 ? 8.432  -3.913 -5.176 1.00 31.25 ? 1 LYS A CD   9  
ATOM 1144 C CE   . LYS A 1 1 ? 8.131  -4.742 -6.414 1.00 1.22  ? 1 LYS A CE   9  
ATOM 1145 N NZ   . LYS A 1 1 ? 7.973  -6.187 -6.090 1.00 53.21 ? 1 LYS A NZ   9  
ATOM 1146 H H1   . LYS A 1 1 ? 5.831  -5.340 -2.380 1.00 65.55 ? 1 LYS A H1   9  
ATOM 1147 H HA   . LYS A 1 1 ? 6.573  -2.807 -1.069 1.00 11.12 ? 1 LYS A HA   9  
ATOM 1148 H HB2  . LYS A 1 1 ? 7.780  -2.124 -3.008 1.00 43.42 ? 1 LYS A HB2  9  
ATOM 1149 H HB3  . LYS A 1 1 ? 8.335  -3.743 -2.606 1.00 61.01 ? 1 LYS A HB3  9  
ATOM 1150 H HG2  . LYS A 1 1 ? 6.581  -4.529 -4.323 1.00 62.43 ? 1 LYS A HG2  9  
ATOM 1151 H HG3  . LYS A 1 1 ? 6.606  -2.854 -4.878 1.00 12.42 ? 1 LYS A HG3  9  
ATOM 1152 H HD2  . LYS A 1 1 ? 8.874  -2.977 -5.482 1.00 53.24 ? 1 LYS A HD2  9  
ATOM 1153 H HD3  . LYS A 1 1 ? 9.128  -4.455 -4.550 1.00 45.14 ? 1 LYS A HD3  9  
ATOM 1154 H HE2  . LYS A 1 1 ? 7.218  -4.380 -6.861 1.00 33.40 ? 1 LYS A HE2  9  
ATOM 1155 H HE3  . LYS A 1 1 ? 8.945  -4.627 -7.115 1.00 53.34 ? 1 LYS A HE3  9  
ATOM 1156 H HZ1  . LYS A 1 1 ? 7.891  -6.743 -6.965 1.00 41.14 ? 1 LYS A HZ1  9  
ATOM 1157 H HZ2  . LYS A 1 1 ? 7.117  -6.332 -5.517 1.00 2.22  ? 1 LYS A HZ2  9  
ATOM 1158 H HZ3  . LYS A 1 1 ? 8.797  -6.524 -5.553 1.00 24.42 ? 1 LYS A HZ3  9  
ATOM 1159 N N    . PHE A 1 2 ? 3.917  -3.252 -2.209 1.00 54.15 ? 2 PHE A N    9  
ATOM 1160 C CA   . PHE A 1 2 ? 2.639  -2.752 -2.702 1.00 63.03 ? 2 PHE A CA   9  
ATOM 1161 C C    . PHE A 1 2 ? 1.771  -2.249 -1.553 1.00 23.32 ? 2 PHE A C    9  
ATOM 1162 O O    . PHE A 1 2 ? 0.546  -2.360 -1.592 1.00 51.34 ? 2 PHE A O    9  
ATOM 1163 C CB   . PHE A 1 2 ? 1.902  -3.850 -3.471 1.00 22.03 ? 2 PHE A CB   9  
ATOM 1164 C CG   . PHE A 1 2 ? 2.750  -4.529 -4.509 1.00 72.22 ? 2 PHE A CG   9  
ATOM 1165 C CD1  . PHE A 1 2 ? 3.217  -3.827 -5.608 1.00 2.11  ? 2 PHE A CD1  9  
ATOM 1166 C CD2  . PHE A 1 2 ? 3.079  -5.869 -4.385 1.00 2.34  ? 2 PHE A CD2  9  
ATOM 1167 C CE1  . PHE A 1 2 ? 3.998  -4.448 -6.564 1.00 4.21  ? 2 PHE A CE1  9  
ATOM 1168 C CE2  . PHE A 1 2 ? 3.861  -6.495 -5.338 1.00 35.31 ? 2 PHE A CE2  9  
ATOM 1169 C CZ   . PHE A 1 2 ? 4.320  -5.785 -6.429 1.00 51.25 ? 2 PHE A CZ   9  
ATOM 1170 H H    . PHE A 1 2 ? 3.927  -4.010 -1.588 1.00 23.53 ? 2 PHE A H    9  
ATOM 1171 H HA   . PHE A 1 2 ? 2.842  -1.930 -3.372 1.00 75.52 ? 2 PHE A HA   9  
ATOM 1172 H HB2  . PHE A 1 2 ? 1.565  -4.604 -2.774 1.00 44.02 ? 2 PHE A HB2  9  
ATOM 1173 H HB3  . PHE A 1 2 ? 1.047  -3.419 -3.970 1.00 53.20 ? 2 PHE A HB3  9  
ATOM 1174 H HD1  . PHE A 1 2 ? 2.966  -2.780 -5.715 1.00 30.41 ? 2 PHE A HD1  9  
ATOM 1175 H HD2  . PHE A 1 2 ? 2.721  -6.427 -3.533 1.00 72.52 ? 2 PHE A HD2  9  
ATOM 1176 H HE1  . PHE A 1 2 ? 4.355  -3.888 -7.416 1.00 25.05 ? 2 PHE A HE1  9  
ATOM 1177 H HE2  . PHE A 1 2 ? 4.110  -7.540 -5.230 1.00 11.15 ? 2 PHE A HE2  9  
ATOM 1178 H HZ   . PHE A 1 2 ? 4.930  -6.271 -7.175 1.00 12.43 ? 2 PHE A HZ   9  
ATOM 1179 N N    . GLY A 1 3 ? 2.415  -1.698 -0.529 1.00 51.21 ? 3 GLY A N    9  
ATOM 1180 C CA   . GLY A 1 3 ? 1.687  -1.187 0.617  1.00 61.55 ? 3 GLY A CA   9  
ATOM 1181 C C    . GLY A 1 3 ? 1.488  0.314  0.556  1.00 41.22 ? 3 GLY A C    9  
ATOM 1182 O O    . GLY A 1 3 ? 1.318  0.968  1.586  1.00 45.43 ? 3 GLY A O    9  
ATOM 1183 H H    . GLY A 1 3 ? 3.393  -1.637 -0.552 1.00 64.23 ? 3 GLY A H    9  
ATOM 1184 H HA2  . GLY A 1 3 ? 0.721  -1.667 0.659  1.00 62.42 ? 3 GLY A HA2  9  
ATOM 1185 H HA3  . GLY A 1 3 ? 2.236  -1.429 1.516  1.00 64.00 ? 3 GLY A HA3  9  
ATOM 1186 N N    . LYS A 1 4 ? 1.509  0.864  -0.653 1.00 3.54  ? 4 LYS A N    9  
ATOM 1187 C CA   . LYS A 1 4 ? 1.331  2.297  -0.847 1.00 3.50  ? 4 LYS A CA   9  
ATOM 1188 C C    . LYS A 1 4 ? -0.136 2.689  -0.696 1.00 25.23 ? 4 LYS A C    9  
ATOM 1189 O O    . LYS A 1 4 ? -0.452 3.823  -0.341 1.00 34.22 ? 4 LYS A O    9  
ATOM 1190 C CB   . LYS A 1 4 ? 1.842  2.714  -2.228 1.00 41.11 ? 4 LYS A CB   9  
ATOM 1191 C CG   . LYS A 1 4 ? 1.367  4.091  -2.662 1.00 73.51 ? 4 LYS A CG   9  
ATOM 1192 C CD   . LYS A 1 4 ? 0.172  3.999  -3.595 1.00 65.15 ? 4 LYS A CD   9  
ATOM 1193 C CE   . LYS A 1 4 ? 0.496  4.556  -4.973 1.00 22.41 ? 4 LYS A CE   9  
ATOM 1194 N NZ   . LYS A 1 4 ? 1.528  3.741  -5.671 1.00 43.54 ? 4 LYS A NZ   9  
ATOM 1195 H H    . LYS A 1 4 ? 1.650  0.289  -1.437 1.00 73.03 ? 4 LYS A H    9  
ATOM 1196 H HA   . LYS A 1 4 ? 1.907  2.808  -0.091 1.00 73.21 ? 4 LYS A HA   9  
ATOM 1197 H HB2  . LYS A 1 4 ? 2.921  2.717  -2.214 1.00 11.22 ? 4 LYS A HB2  9  
ATOM 1198 H HB3  . LYS A 1 4 ? 1.501  1.993  -2.957 1.00 1.40  ? 4 LYS A HB3  9  
ATOM 1199 H HG2  . LYS A 1 4 ? 1.084  4.657  -1.787 1.00 5.24  ? 4 LYS A HG2  9  
ATOM 1200 H HG3  . LYS A 1 4 ? 2.174  4.595  -3.174 1.00 23.43 ? 4 LYS A HG3  9  
ATOM 1201 H HD2  . LYS A 1 4 ? -0.117 2.964  -3.697 1.00 4.34  ? 4 LYS A HD2  9  
ATOM 1202 H HD3  . LYS A 1 4 ? -0.648 4.563  -3.172 1.00 60.11 ? 4 LYS A HD3  9  
ATOM 1203 H HE2  . LYS A 1 4 ? -0.406 4.563  -5.566 1.00 34.01 ? 4 LYS A HE2  9  
ATOM 1204 H HE3  . LYS A 1 4 ? 0.861  5.567  -4.861 1.00 24.41 ? 4 LYS A HE3  9  
ATOM 1205 H HZ1  . LYS A 1 4 ? 2.474  4.135  -5.493 1.00 2.14  ? 4 LYS A HZ1  9  
ATOM 1206 H HZ2  . LYS A 1 4 ? 1.351  3.743  -6.696 1.00 52.53 ? 4 LYS A HZ2  9  
ATOM 1207 H HZ3  . LYS A 1 4 ? 1.502  2.761  -5.328 1.00 3.02  ? 4 LYS A HZ3  9  
ATOM 1208 N N    . ASN A 1 5 ? -1.027 1.740  -0.968 1.00 22.22 ? 5 ASN A N    9  
ATOM 1209 C CA   . ASN A 1 5 ? -2.460 1.985  -0.862 1.00 54.14 ? 5 ASN A CA   9  
ATOM 1210 C C    . ASN A 1 5 ? -3.091 1.075  0.188  1.00 73.13 ? 5 ASN A C    9  
ATOM 1211 O O    . ASN A 1 5 ? -4.231 0.634  0.039  1.00 64.53 ? 5 ASN A O    9  
ATOM 1212 C CB   . ASN A 1 5 ? -3.138 1.768  -2.216 1.00 1.11  ? 5 ASN A CB   9  
ATOM 1213 C CG   . ASN A 1 5 ? -2.921 0.365  -2.752 1.00 51.13 ? 5 ASN A CG   9  
ATOM 1214 O OD1  . ASN A 1 5 ? -3.791 -0.497 -2.633 1.00 10.11 ? 5 ASN A OD1  9  
ATOM 1215 N ND2  . ASN A 1 5 ? -1.757 0.134  -3.346 1.00 22.34 ? 5 ASN A ND2  9  
ATOM 1216 H H    . ASN A 1 5 ? -0.713 0.855  -1.247 1.00 22.33 ? 5 ASN A H    9  
ATOM 1217 H HA   . ASN A 1 5 ? -2.599 3.013  -0.560 1.00 61.22 ? 5 ASN A HA   9  
ATOM 1218 H HB2  . ASN A 1 5 ? -4.201 1.932  -2.110 1.00 20.31 ? 5 ASN A HB2  9  
ATOM 1219 H HB3  . ASN A 1 5 ? -2.739 2.472  -2.930 1.00 14.42 ? 5 ASN A HB3  9  
ATOM 1220 H HD21 . ASN A 1 5 ? -1.111 0.868  -3.404 1.00 72.42 ? 5 ASN A HD21 9  
ATOM 1221 H HD22 . ASN A 1 5 ? -1.591 -0.765 -3.702 1.00 54.32 ? 5 ASN A HD22 9  
ATOM 1222 N N    . LYS A 1 6 ? -2.343 0.798  1.250  1.00 63.31 ? 6 LYS A N    9  
ATOM 1223 C CA   . LYS A 1 6 ? -2.828 -0.057 2.327  1.00 65.21 ? 6 LYS A CA   9  
ATOM 1224 C C    . LYS A 1 6 ? -3.470 0.773  3.433  1.00 34.24 ? 6 LYS A C    9  
ATOM 1225 O O    . LYS A 1 6 ? -4.567 0.461  3.899  1.00 54.10 ? 6 LYS A O    9  
ATOM 1226 C CB   . LYS A 1 6 ? -1.680 -0.891 2.900  1.00 43.21 ? 6 LYS A CB   9  
ATOM 1227 C CG   . LYS A 1 6 ? -1.958 -2.384 2.909  1.00 22.10 ? 6 LYS A CG   9  
ATOM 1228 C CD   . LYS A 1 6 ? -1.045 -3.126 1.947  1.00 24.54 ? 6 LYS A CD   9  
ATOM 1229 C CE   . LYS A 1 6 ? -1.319 -4.623 1.962  1.00 53.22 ? 6 LYS A CE   9  
ATOM 1230 N NZ   . LYS A 1 6 ? -1.241 -5.214 0.598  1.00 65.52 ? 6 LYS A NZ   9  
ATOM 1231 H H    . LYS A 1 6 ? -1.441 1.180  1.312  1.00 62.52 ? 6 LYS A H    9  
ATOM 1232 H HA   . LYS A 1 6 ? -3.572 -0.721 1.912  1.00 35.32 ? 6 LYS A HA   9  
ATOM 1233 H HB2  . LYS A 1 6 ? -0.793 -0.714 2.309  1.00 31.01 ? 6 LYS A HB2  9  
ATOM 1234 H HB3  . LYS A 1 6 ? -1.494 -0.575 3.916  1.00 11.11 ? 6 LYS A HB3  9  
ATOM 1235 H HG2  . LYS A 1 6 ? -1.798 -2.765 3.907  1.00 4.13  ? 6 LYS A HG2  9  
ATOM 1236 H HG3  . LYS A 1 6 ? -2.985 -2.551 2.617  1.00 1.04  ? 6 LYS A HG3  9  
ATOM 1237 H HD2  . LYS A 1 6 ? -1.208 -2.753 0.947  1.00 74.15 ? 6 LYS A HD2  9  
ATOM 1238 H HD3  . LYS A 1 6 ? -0.018 -2.955 2.234  1.00 54.01 ? 6 LYS A HD3  9  
ATOM 1239 H HE2  . LYS A 1 6 ? -0.588 -5.103 2.595  1.00 71.32 ? 6 LYS A HE2  9  
ATOM 1240 H HE3  . LYS A 1 6 ? -2.308 -4.790 2.363  1.00 24.14 ? 6 LYS A HE3  9  
ATOM 1241 H HZ1  . LYS A 1 6 ? -0.982 -4.484 -0.095 1.00 3.21  ? 6 LYS A HZ1  9  
ATOM 1242 H HZ2  . LYS A 1 6 ? -2.164 -5.617 0.330  1.00 11.43 ? 6 LYS A HZ2  9  
ATOM 1243 H HZ3  . LYS A 1 6 ? -0.527 -5.970 0.575  1.00 40.43 ? 6 LYS A HZ3  9  
ATOM 1244 N N    . SER A 1 7 ? -2.782 1.830  3.850  1.00 11.32 ? 7 SER A N    9  
ATOM 1245 C CA   . SER A 1 7 ? -3.284 2.703  4.904  1.00 54.11 ? 7 SER A CA   9  
ATOM 1246 C C    . SER A 1 7 ? -4.429 3.570  4.391  1.00 60.41 ? 7 SER A C    9  
ATOM 1247 O O    . SER A 1 7 ? -5.515 3.592  4.973  1.00 43.41 ? 7 SER A O    9  
ATOM 1248 C CB   . SER A 1 7 ? -2.159 3.590  5.440  1.00 14.42 ? 7 SER A CB   9  
ATOM 1249 O OG   . SER A 1 7 ? -1.329 2.875  6.339  1.00 64.20 ? 7 SER A OG   9  
ATOM 1250 H H    . SER A 1 7 ? -1.913 2.026  3.439  1.00 34.23 ? 7 SER A H    9  
ATOM 1251 H HA   . SER A 1 7 ? -3.650 2.079  5.705  1.00 63.40 ? 7 SER A HA   9  
ATOM 1252 H HB2  . SER A 1 7 ? -1.557 3.941  4.616  1.00 4.40  ? 7 SER A HB2  9  
ATOM 1253 H HB3  . SER A 1 7 ? -2.587 4.435  5.959  1.00 52.43 ? 7 SER A HB3  9  
ATOM 1254 H HG   . SER A 1 7 ? -1.823 2.670  7.136  1.00 14.10 ? 7 SER A HG   9  
ATOM 1255 N N    . ARG A 1 8 ? -4.180 4.283  3.298  1.00 54.32 ? 8 ARG A N    9  
ATOM 1256 C CA   . ARG A 1 8 ? -5.190 5.154  2.706  1.00 33.34 ? 8 ARG A CA   9  
ATOM 1257 C C    . ARG A 1 8 ? -6.342 4.336  2.129  1.00 11.14 ? 8 ARG A C    9  
ATOM 1258 O O    . ARG A 1 8 ? -6.610 3.221  2.578  1.00 44.02 ? 8 ARG A O    9  
ATOM 1259 C CB   . ARG A 1 8 ? -4.567 6.022  1.611  1.00 23.21 ? 8 ARG A CB   9  
ATOM 1260 C CG   . ARG A 1 8 ? -3.609 7.075  2.141  1.00 42.32 ? 8 ARG A CG   9  
ATOM 1261 C CD   . ARG A 1 8 ? -3.173 8.034  1.044  1.00 61.34 ? 8 ARG A CD   9  
ATOM 1262 N NE   . ARG A 1 8 ? -3.487 9.422  1.372  1.00 34.01 ? 8 ARG A NE   9  
ATOM 1263 C CZ   . ARG A 1 8 ? -3.377 10.425 0.509  1.00 12.24 ? 8 ARG A CZ   9  
ATOM 1264 N NH1  . ARG A 1 8 ? -2.962 10.196 -0.729 1.00 22.20 ? 8 ARG A NH1  9  
ATOM 1265 N NH2  . ARG A 1 8 ? -3.681 11.661 0.884  1.00 21.30 ? 8 ARG A NH2  9  
ATOM 1266 H H    . ARG A 1 8 ? -3.296 4.224  2.880  1.00 3.11  ? 8 ARG A H    9  
ATOM 1267 H HA   . ARG A 1 8 ? -5.574 5.794  3.486  1.00 74.11 ? 8 ARG A HA   9  
ATOM 1268 H HB2  . ARG A 1 8 ? -4.025 5.384  0.928  1.00 54.34 ? 8 ARG A HB2  9  
ATOM 1269 H HB3  . ARG A 1 8 ? -5.358 6.523  1.073  1.00 14.54 ? 8 ARG A HB3  9  
ATOM 1270 H HG2  . ARG A 1 8 ? -4.101 7.638  2.921  1.00 4.40  ? 8 ARG A HG2  9  
ATOM 1271 H HG3  . ARG A 1 8 ? -2.736 6.584  2.545  1.00 13.31 ? 8 ARG A HG3  9  
ATOM 1272 H HD2  . ARG A 1 8 ? -2.106 7.941  0.904  1.00 24.43 ? 8 ARG A HD2  9  
ATOM 1273 H HD3  . ARG A 1 8 ? -3.680 7.767  0.129  1.00 60.53 ? 8 ARG A HD3  9  
ATOM 1274 H HE   . ARG A 1 8 ? -3.796 9.614  2.282  1.00 10.34 ? 8 ARG A HE   9  
ATOM 1275 H HH11 . ARG A 1 8 ? -2.732 9.265  -1.014 1.00 51.03 ? 8 ARG A HH11 9  
ATOM 1276 H HH12 . ARG A 1 8 ? -2.880 10.953 -1.378 1.00 30.14 ? 8 ARG A HH12 9  
ATOM 1277 H HH21 . ARG A 1 8 ? -3.995 11.837 1.817  1.00 42.54 ? 8 ARG A HH21 9  
ATOM 1278 H HH22 . ARG A 1 8 ? -3.597 12.415 0.233  1.00 72.11 ? 8 ARG A HH22 9  
ATOM 1279 N N    . LYS A 1 1 ? 6.448  -5.575 -1.950 1.00 14.44 ? 1 LYS A N    10 
ATOM 1280 C CA   . LYS A 1 1 ? 6.385  -4.127 -2.106 1.00 64.23 ? 1 LYS A CA   10 
ATOM 1281 C C    . LYS A 1 1 ? 5.042  -3.702 -2.694 1.00 10.03 ? 1 LYS A C    10 
ATOM 1282 O O    . LYS A 1 1 ? 4.973  -2.780 -3.508 1.00 2.01  ? 1 LYS A O    10 
ATOM 1283 C CB   . LYS A 1 1 ? 7.523  -3.639 -3.005 1.00 12.14 ? 1 LYS A CB   10 
ATOM 1284 C CG   . LYS A 1 1 ? 7.510  -4.258 -4.392 1.00 52.21 ? 1 LYS A CG   10 
ATOM 1285 C CD   . LYS A 1 1 ? 8.914  -4.373 -4.964 1.00 25.54 ? 1 LYS A CD   10 
ATOM 1286 C CE   . LYS A 1 1 ? 9.266  -3.170 -5.824 1.00 73.14 ? 1 LYS A CE   10 
ATOM 1287 N NZ   . LYS A 1 1 ? 10.645 -2.679 -5.554 1.00 2.42  ? 1 LYS A NZ   10 
ATOM 1288 H H1   . LYS A 1 1 ? 6.148  -6.149 -2.686 1.00 11.14 ? 1 LYS A H1   10 
ATOM 1289 H HA   . LYS A 1 1 ? 6.493  -3.682 -1.129 1.00 30.30 ? 1 LYS A HA   10 
ATOM 1290 H HB2  . LYS A 1 1 ? 7.449  -2.567 -3.111 1.00 62.43 ? 1 LYS A HB2  10 
ATOM 1291 H HB3  . LYS A 1 1 ? 8.465  -3.882 -2.534 1.00 10.52 ? 1 LYS A HB3  10 
ATOM 1292 H HG2  . LYS A 1 1 ? 7.076  -5.245 -4.333 1.00 33.11 ? 1 LYS A HG2  10 
ATOM 1293 H HG3  . LYS A 1 1 ? 6.915  -3.638 -5.047 1.00 30.32 ? 1 LYS A HG3  10 
ATOM 1294 H HD2  . LYS A 1 1 ? 9.620  -4.439 -4.151 1.00 12.05 ? 1 LYS A HD2  10 
ATOM 1295 H HD3  . LYS A 1 1 ? 8.973  -5.267 -5.569 1.00 12.55 ? 1 LYS A HD3  10 
ATOM 1296 H HE2  . LYS A 1 1 ? 9.190  -3.450 -6.863 1.00 22.31 ? 1 LYS A HE2  10 
ATOM 1297 H HE3  . LYS A 1 1 ? 8.564  -2.376 -5.613 1.00 44.32 ? 1 LYS A HE3  10 
ATOM 1298 H HZ1  . LYS A 1 1 ? 10.627 -1.946 -4.817 1.00 21.44 ? 1 LYS A HZ1  10 
ATOM 1299 H HZ2  . LYS A 1 1 ? 11.057 -2.274 -6.419 1.00 5.13  ? 1 LYS A HZ2  10 
ATOM 1300 H HZ3  . LYS A 1 1 ? 11.248 -3.465 -5.232 1.00 63.15 ? 1 LYS A HZ3  10 
ATOM 1301 N N    . PHE A 1 2 ? 3.978  -4.378 -2.276 1.00 73.21 ? 2 PHE A N    10 
ATOM 1302 C CA   . PHE A 1 2 ? 2.638  -4.070 -2.759 1.00 65.25 ? 2 PHE A CA   10 
ATOM 1303 C C    . PHE A 1 2 ? 1.779  -3.477 -1.646 1.00 21.44 ? 2 PHE A C    10 
ATOM 1304 O O    . PHE A 1 2 ? 0.557  -3.622 -1.644 1.00 3.13  ? 2 PHE A O    10 
ATOM 1305 C CB   . PHE A 1 2 ? 1.971  -5.329 -3.317 1.00 64.30 ? 2 PHE A CB   10 
ATOM 1306 C CG   . PHE A 1 2 ? 2.698  -5.925 -4.489 1.00 12.20 ? 2 PHE A CG   10 
ATOM 1307 C CD1  . PHE A 1 2 ? 2.456  -5.470 -5.775 1.00 54.34 ? 2 PHE A CD1  10 
ATOM 1308 C CD2  . PHE A 1 2 ? 3.626  -6.938 -4.304 1.00 64.52 ? 2 PHE A CD2  10 
ATOM 1309 C CE1  . PHE A 1 2 ? 3.123  -6.016 -6.854 1.00 45.33 ? 2 PHE A CE1  10 
ATOM 1310 C CE2  . PHE A 1 2 ? 4.295  -7.487 -5.380 1.00 1.53  ? 2 PHE A CE2  10 
ATOM 1311 C CZ   . PHE A 1 2 ? 4.045  -7.025 -6.658 1.00 33.24 ? 2 PHE A CZ   10 
ATOM 1312 H H    . PHE A 1 2 ? 4.096  -5.102 -1.626 1.00 33.01 ? 2 PHE A H    10 
ATOM 1313 H HA   . PHE A 1 2 ? 2.730  -3.343 -3.552 1.00 14.23 ? 2 PHE A HA   10 
ATOM 1314 H HB2  . PHE A 1 2 ? 1.926  -6.078 -2.540 1.00 33.13 ? 2 PHE A HB2  10 
ATOM 1315 H HB3  . PHE A 1 2 ? 0.968  -5.087 -3.635 1.00 13.42 ? 2 PHE A HB3  10 
ATOM 1316 H HD1  . PHE A 1 2 ? 1.736  -4.680 -5.931 1.00 52.40 ? 2 PHE A HD1  10 
ATOM 1317 H HD2  . PHE A 1 2 ? 3.822  -7.300 -3.305 1.00 34.31 ? 2 PHE A HD2  10 
ATOM 1318 H HE1  . PHE A 1 2 ? 2.926  -5.651 -7.852 1.00 23.25 ? 2 PHE A HE1  10 
ATOM 1319 H HE2  . PHE A 1 2 ? 5.016  -8.277 -5.222 1.00 55.45 ? 2 PHE A HE2  10 
ATOM 1320 H HZ   . PHE A 1 2 ? 4.567  -7.453 -7.500 1.00 13.54 ? 2 PHE A HZ   10 
ATOM 1321 N N    . GLY A 1 3 ? 2.429  -2.809 -0.698 1.00 13.53 ? 3 GLY A N    10 
ATOM 1322 C CA   . GLY A 1 3 ? 1.711  -2.206 0.409  1.00 54.53 ? 3 GLY A CA   10 
ATOM 1323 C C    . GLY A 1 3 ? 1.729  -0.691 0.355  1.00 10.50 ? 3 GLY A C    10 
ATOM 1324 O O    . GLY A 1 3 ? 1.688  -0.024 1.390  1.00 22.11 ? 3 GLY A O    10 
ATOM 1325 H H    . GLY A 1 3 ? 3.405  -2.726 -0.751 1.00 72.15 ? 3 GLY A H    10 
ATOM 1326 H HA2  . GLY A 1 3 ? 0.686  -2.543 0.387  1.00 24.10 ? 3 GLY A HA2  10 
ATOM 1327 H HA3  . GLY A 1 3 ? 2.165  -2.526 1.336  1.00 62.43 ? 3 GLY A HA3  10 
ATOM 1328 N N    . LYS A 1 4 ? 1.795  -0.144 -0.854 1.00 74.33 ? 4 LYS A N    10 
ATOM 1329 C CA   . LYS A 1 4 ? 1.819  1.302  -1.041 1.00 72.00 ? 4 LYS A CA   10 
ATOM 1330 C C    . LYS A 1 4 ? 0.429  1.900  -0.845 1.00 4.45  ? 4 LYS A C    10 
ATOM 1331 O O    . LYS A 1 4 ? 0.291  3.066  -0.479 1.00 0.11  ? 4 LYS A O    10 
ATOM 1332 C CB   . LYS A 1 4 ? 2.343  1.648  -2.437 1.00 34.01 ? 4 LYS A CB   10 
ATOM 1333 C CG   . LYS A 1 4 ? 2.061  3.081  -2.854 1.00 23.34 ? 4 LYS A CG   10 
ATOM 1334 C CD   . LYS A 1 4 ? 0.839  3.168  -3.752 1.00 64.41 ? 4 LYS A CD   10 
ATOM 1335 C CE   . LYS A 1 4 ? 1.202  3.667  -5.142 1.00 23.22 ? 4 LYS A CE   10 
ATOM 1336 N NZ   . LYS A 1 4 ? 1.390  2.545  -6.103 1.00 0.23  ? 4 LYS A NZ   10 
ATOM 1337 H H    . LYS A 1 4 ? 1.825  -0.728 -1.641 1.00 71.22 ? 4 LYS A H    10 
ATOM 1338 H HA   . LYS A 1 4 ? 2.485  1.720  -0.301 1.00 23.20 ? 4 LYS A HA   10 
ATOM 1339 H HB2  . LYS A 1 4 ? 3.413  1.493  -2.455 1.00 71.43 ? 4 LYS A HB2  10 
ATOM 1340 H HB3  . LYS A 1 4 ? 1.881  0.987  -3.155 1.00 53.14 ? 4 LYS A HB3  10 
ATOM 1341 H HG2  . LYS A 1 4 ? 1.888  3.676  -1.970 1.00 42.21 ? 4 LYS A HG2  10 
ATOM 1342 H HG3  . LYS A 1 4 ? 2.917  3.466  -3.389 1.00 23.13 ? 4 LYS A HG3  10 
ATOM 1343 H HD2  . LYS A 1 4 ? 0.394  2.187  -3.839 1.00 32.01 ? 4 LYS A HD2  10 
ATOM 1344 H HD3  . LYS A 1 4 ? 0.125  3.850  -3.310 1.00 34.44 ? 4 LYS A HD3  10 
ATOM 1345 H HE2  . LYS A 1 4 ? 0.411  4.307  -5.500 1.00 61.41 ? 4 LYS A HE2  10 
ATOM 1346 H HE3  . LYS A 1 4 ? 2.120  4.232  -5.078 1.00 12.42 ? 4 LYS A HE3  10 
ATOM 1347 H HZ1  . LYS A 1 4 ? 1.113  2.843  -7.060 1.00 74.14 ? 4 LYS A HZ1  10 
ATOM 1348 H HZ2  . LYS A 1 4 ? 0.806  1.732  -5.822 1.00 35.51 ? 4 LYS A HZ2  10 
ATOM 1349 H HZ3  . LYS A 1 4 ? 2.387  2.251  -6.119 1.00 11.03 ? 4 LYS A HZ3  10 
ATOM 1350 N N    . ASN A 1 5 ? -0.597 1.092  -1.091 1.00 1.12  ? 5 ASN A N    10 
ATOM 1351 C CA   . ASN A 1 5 ? -1.976 1.541  -0.941 1.00 63.22 ? 5 ASN A CA   10 
ATOM 1352 C C    . ASN A 1 5 ? -2.581 1.018  0.358  1.00 74.24 ? 5 ASN A C    10 
ATOM 1353 O O    . ASN A 1 5 ? -3.792 0.816  0.456  1.00 2.54  ? 5 ASN A O    10 
ATOM 1354 C CB   . ASN A 1 5 ? -2.819 1.078  -2.131 1.00 3.43  ? 5 ASN A CB   10 
ATOM 1355 C CG   . ASN A 1 5 ? -2.616 1.948  -3.356 1.00 43.35 ? 5 ASN A CG   10 
ATOM 1356 O OD1  . ASN A 1 5 ? -2.816 3.162  -3.309 1.00 1.13  ? 5 ASN A OD1  10 
ATOM 1357 N ND2  . ASN A 1 5 ? -2.220 1.330  -4.462 1.00 5.30  ? 5 ASN A ND2  10 
ATOM 1358 H H    . ASN A 1 5 ? -0.423 0.171  -1.381 1.00 54.24 ? 5 ASN A H    10 
ATOM 1359 H HA   . ASN A 1 5 ? -1.972 2.620  -0.914 1.00 55.53 ? 5 ASN A HA   10 
ATOM 1360 H HB2  . ASN A 1 5 ? -2.544 0.063  -2.385 1.00 44.42 ? 5 ASN A HB2  10 
ATOM 1361 H HB3  . ASN A 1 5 ? -3.863 1.106  -1.860 1.00 31.34 ? 5 ASN A HB3  10 
ATOM 1362 H HD21 . ASN A 1 5 ? -2.081 0.360  -4.428 1.00 75.23 ? 5 ASN A HD21 10 
ATOM 1363 H HD22 . ASN A 1 5 ? -2.081 1.869  -5.269 1.00 25.42 ? 5 ASN A HD22 10 
ATOM 1364 N N    . LYS A 1 6 ? -1.729 0.801  1.355  1.00 71.02 ? 6 LYS A N    10 
ATOM 1365 C CA   . LYS A 1 6 ? -2.178 0.303  2.650  1.00 51.35 ? 6 LYS A CA   10 
ATOM 1366 C C    . LYS A 1 6 ? -1.959 1.348  3.739  1.00 34.24 ? 6 LYS A C    10 
ATOM 1367 O O    . LYS A 1 6 ? -1.770 1.009  4.908  1.00 12.33 ? 6 LYS A O    10 
ATOM 1368 C CB   . LYS A 1 6 ? -1.437 -0.986 3.009  1.00 5.53  ? 6 LYS A CB   10 
ATOM 1369 C CG   . LYS A 1 6 ? -1.596 -2.087 1.974  1.00 1.21  ? 6 LYS A CG   10 
ATOM 1370 C CD   . LYS A 1 6 ? -3.059 -2.429 1.744  1.00 11.31 ? 6 LYS A CD   10 
ATOM 1371 C CE   . LYS A 1 6 ? -3.213 -3.733 0.977  1.00 10.40 ? 6 LYS A CE   10 
ATOM 1372 N NZ   . LYS A 1 6 ? -3.568 -3.499 -0.450 1.00 15.41 ? 6 LYS A NZ   10 
ATOM 1373 H H    . LYS A 1 6 ? -0.775 0.982  1.216  1.00 24.45 ? 6 LYS A H    10 
ATOM 1374 H HA   . LYS A 1 6 ? -3.234 0.093  2.577  1.00 33.33 ? 6 LYS A HA   10 
ATOM 1375 H HB2  . LYS A 1 6 ? -0.384 -0.766 3.110  1.00 31.12 ? 6 LYS A HB2  10 
ATOM 1376 H HB3  . LYS A 1 6 ? -1.811 -1.353 3.953  1.00 72.02 ? 6 LYS A HB3  10 
ATOM 1377 H HG2  . LYS A 1 6 ? -1.163 -1.758 1.041  1.00 53.43 ? 6 LYS A HG2  10 
ATOM 1378 H HG3  . LYS A 1 6 ? -1.079 -2.971 2.320  1.00 64.20 ? 6 LYS A HG3  10 
ATOM 1379 H HD2  . LYS A 1 6 ? -3.551 -2.526 2.699  1.00 75.44 ? 6 LYS A HD2  10 
ATOM 1380 H HD3  . LYS A 1 6 ? -3.520 -1.632 1.178  1.00 42.24 ? 6 LYS A HD3  10 
ATOM 1381 H HE2  . LYS A 1 6 ? -2.280 -4.275 1.023  1.00 51.34 ? 6 LYS A HE2  10 
ATOM 1382 H HE3  . LYS A 1 6 ? -3.992 -4.318 1.441  1.00 33.32 ? 6 LYS A HE3  10 
ATOM 1383 H HZ1  . LYS A 1 6 ? -3.204 -4.274 -1.041 1.00 1.21  ? 6 LYS A HZ1  10 
ATOM 1384 H HZ2  . LYS A 1 6 ? -3.153 -2.603 -0.778 1.00 1.12  ? 6 LYS A HZ2  10 
ATOM 1385 H HZ3  . LYS A 1 6 ? -4.600 -3.450 -0.558 1.00 62.33 ? 6 LYS A HZ3  10 
ATOM 1386 N N    . SER A 1 7 ? -1.988 2.618  3.350  1.00 52.42 ? 7 SER A N    10 
ATOM 1387 C CA   . SER A 1 7 ? -1.790 3.712  4.294  1.00 53.10 ? 7 SER A CA   10 
ATOM 1388 C C    . SER A 1 7 ? -3.106 4.429  4.579  1.00 2.54  ? 7 SER A C    10 
ATOM 1389 O O    . SER A 1 7 ? -3.575 4.459  5.717  1.00 12.21 ? 7 SER A O    10 
ATOM 1390 C CB   . SER A 1 7 ? -0.762 4.706  3.748  1.00 64.43 ? 7 SER A CB   10 
ATOM 1391 O OG   . SER A 1 7 ? 0.225  4.045  2.975  1.00 54.30 ? 7 SER A OG   10 
ATOM 1392 H H    . SER A 1 7 ? -2.143 2.824  2.404  1.00 14.11 ? 7 SER A H    10 
ATOM 1393 H HA   . SER A 1 7 ? -1.416 3.291  5.215  1.00 54.42 ? 7 SER A HA   10 
ATOM 1394 H HB2  . SER A 1 7 ? -1.264 5.432  3.125  1.00 23.25 ? 7 SER A HB2  10 
ATOM 1395 H HB3  . SER A 1 7 ? -0.281 5.211  4.572  1.00 13.21 ? 7 SER A HB3  10 
ATOM 1396 H HG   . SER A 1 7 ? 0.711  3.432  3.532  1.00 73.05 ? 7 SER A HG   10 
ATOM 1397 N N    . ARG A 1 8 ? -3.697 5.004  3.537  1.00 31.03 ? 8 ARG A N    10 
ATOM 1398 C CA   . ARG A 1 8 ? -4.959 5.721  3.674  1.00 43.12 ? 8 ARG A CA   10 
ATOM 1399 C C    . ARG A 1 8 ? -6.142 4.793  3.419  1.00 64.12 ? 8 ARG A C    10 
ATOM 1400 O O    . ARG A 1 8 ? -7.261 5.248  3.181  1.00 50.44 ? 8 ARG A O    10 
ATOM 1401 C CB   . ARG A 1 8 ? -5.005 6.903  2.704  1.00 73.14 ? 8 ARG A CB   10 
ATOM 1402 C CG   . ARG A 1 8 ? -5.146 8.251  3.394  1.00 42.04 ? 8 ARG A CG   10 
ATOM 1403 C CD   . ARG A 1 8 ? -4.054 9.215  2.958  1.00 54.02 ? 8 ARG A CD   10 
ATOM 1404 N NE   . ARG A 1 8 ? -4.547 10.585 2.844  1.00 12.22 ? 8 ARG A NE   10 
ATOM 1405 C CZ   . ARG A 1 8 ? -5.228 11.036 1.796  1.00 63.21 ? 8 ARG A CZ   10 
ATOM 1406 N NH1  . ARG A 1 8 ? -5.495 10.229 0.778  1.00 73.12 ? 8 ARG A NH1  10 
ATOM 1407 N NH2  . ARG A 1 8 ? -5.644 12.296 1.765  1.00 0.33  ? 8 ARG A NH2  10 
ATOM 1408 H H    . ARG A 1 8 ? -3.274 4.945  2.654  1.00 31.14 ? 8 ARG A H    10 
ATOM 1409 H HA   . ARG A 1 8 ? -5.020 6.094  4.686  1.00 22.44 ? 8 ARG A HA   10 
ATOM 1410 H HB2  . ARG A 1 8 ? -4.095 6.914  2.123  1.00 12.04 ? 8 ARG A HB2  10 
ATOM 1411 H HB3  . ARG A 1 8 ? -5.846 6.775  2.039  1.00 21.25 ? 8 ARG A HB3  10 
ATOM 1412 H HG2  . ARG A 1 8 ? -6.107 8.676  3.142  1.00 24.11 ? 8 ARG A HG2  10 
ATOM 1413 H HG3  . ARG A 1 8 ? -5.083 8.107  4.462  1.00 5.31  ? 8 ARG A HG3  10 
ATOM 1414 H HD2  . ARG A 1 8 ? -3.258 9.190  3.688  1.00 65.00 ? 8 ARG A HD2  10 
ATOM 1415 H HD3  . ARG A 1 8 ? -3.673 8.898  2.000  1.00 64.13 ? 8 ARG A HD3  10 
ATOM 1416 H HE   . ARG A 1 8 ? -4.361 11.198 3.585  1.00 10.32 ? 8 ARG A HE   10 
ATOM 1417 H HH11 . ARG A 1 8 ? -5.185 9.278  0.799  1.00 55.34 ? 8 ARG A HH11 10 
ATOM 1418 H HH12 . ARG A 1 8 ? -6.009 10.570 -0.009 1.00 64.23 ? 8 ARG A HH12 10 
ATOM 1419 H HH21 . ARG A 1 8 ? -5.444 12.906 2.531  1.00 42.44 ? 8 ARG A HH21 10 
ATOM 1420 H HH22 . ARG A 1 8 ? -6.155 12.633 0.976  1.00 72.33 ? 8 ARG A HH22 10 
# 
